data_4U5M
# 
_entry.id   4U5M 
# 
_audit_conform.dict_name       mmcif_pdbx.dic 
_audit_conform.dict_version    5.391 
_audit_conform.dict_location   http://mmcif.pdb.org/dictionaries/ascii/mmcif_pdbx.dic 
# 
loop_
_database_2.database_id 
_database_2.database_code 
_database_2.pdbx_database_accession 
_database_2.pdbx_DOI 
PDB   4U5M         pdb_00004u5m 10.2210/pdb4u5m/pdb 
WWPDB D_1000202854 ?            ?                   
# 
loop_
_pdbx_audit_revision_history.ordinal 
_pdbx_audit_revision_history.data_content_type 
_pdbx_audit_revision_history.major_revision 
_pdbx_audit_revision_history.minor_revision 
_pdbx_audit_revision_history.revision_date 
1 'Structure model' 1 0 2015-02-25 
2 'Structure model' 1 1 2015-03-04 
3 'Structure model' 1 2 2015-03-11 
4 'Structure model' 1 3 2024-05-08 
# 
_pdbx_audit_revision_details.ordinal             1 
_pdbx_audit_revision_details.revision_ordinal    1 
_pdbx_audit_revision_details.data_content_type   'Structure model' 
_pdbx_audit_revision_details.provider            repository 
_pdbx_audit_revision_details.type                'Initial release' 
_pdbx_audit_revision_details.description         ? 
_pdbx_audit_revision_details.details             ? 
# 
loop_
_pdbx_audit_revision_group.ordinal 
_pdbx_audit_revision_group.revision_ordinal 
_pdbx_audit_revision_group.data_content_type 
_pdbx_audit_revision_group.group 
1 2 'Structure model' 'Database references'  
2 3 'Structure model' 'Database references'  
3 4 'Structure model' 'Data collection'      
4 4 'Structure model' 'Database references'  
5 4 'Structure model' 'Derived calculations' 
# 
loop_
_pdbx_audit_revision_category.ordinal 
_pdbx_audit_revision_category.revision_ordinal 
_pdbx_audit_revision_category.data_content_type 
_pdbx_audit_revision_category.category 
1 4 'Structure model' chem_comp_atom         
2 4 'Structure model' chem_comp_bond         
3 4 'Structure model' database_2             
4 4 'Structure model' pdbx_struct_conn_angle 
5 4 'Structure model' struct_conn            
# 
loop_
_pdbx_audit_revision_item.ordinal 
_pdbx_audit_revision_item.revision_ordinal 
_pdbx_audit_revision_item.data_content_type 
_pdbx_audit_revision_item.item 
1  4 'Structure model' '_database_2.pdbx_DOI'                        
2  4 'Structure model' '_database_2.pdbx_database_accession'         
3  4 'Structure model' '_pdbx_struct_conn_angle.ptnr1_auth_comp_id'  
4  4 'Structure model' '_pdbx_struct_conn_angle.ptnr1_auth_seq_id'   
5  4 'Structure model' '_pdbx_struct_conn_angle.ptnr1_label_asym_id' 
6  4 'Structure model' '_pdbx_struct_conn_angle.ptnr1_label_atom_id' 
7  4 'Structure model' '_pdbx_struct_conn_angle.ptnr1_label_comp_id' 
8  4 'Structure model' '_pdbx_struct_conn_angle.ptnr1_label_seq_id'  
9  4 'Structure model' '_pdbx_struct_conn_angle.ptnr1_symmetry'      
10 4 'Structure model' '_pdbx_struct_conn_angle.ptnr3_auth_comp_id'  
11 4 'Structure model' '_pdbx_struct_conn_angle.ptnr3_auth_seq_id'   
12 4 'Structure model' '_pdbx_struct_conn_angle.ptnr3_label_asym_id' 
13 4 'Structure model' '_pdbx_struct_conn_angle.ptnr3_label_atom_id' 
14 4 'Structure model' '_pdbx_struct_conn_angle.ptnr3_label_comp_id' 
15 4 'Structure model' '_pdbx_struct_conn_angle.ptnr3_label_seq_id'  
16 4 'Structure model' '_pdbx_struct_conn_angle.ptnr3_symmetry'      
17 4 'Structure model' '_pdbx_struct_conn_angle.value'               
18 4 'Structure model' '_struct_conn.pdbx_dist_value'                
19 4 'Structure model' '_struct_conn.ptnr1_auth_comp_id'             
20 4 'Structure model' '_struct_conn.ptnr1_auth_seq_id'              
21 4 'Structure model' '_struct_conn.ptnr1_label_asym_id'            
22 4 'Structure model' '_struct_conn.ptnr1_label_atom_id'            
23 4 'Structure model' '_struct_conn.ptnr1_label_comp_id'            
24 4 'Structure model' '_struct_conn.ptnr1_label_seq_id'             
25 4 'Structure model' '_struct_conn.ptnr2_auth_comp_id'             
26 4 'Structure model' '_struct_conn.ptnr2_auth_seq_id'              
27 4 'Structure model' '_struct_conn.ptnr2_label_asym_id'            
28 4 'Structure model' '_struct_conn.ptnr2_label_atom_id'            
29 4 'Structure model' '_struct_conn.ptnr2_label_comp_id'            
30 4 'Structure model' '_struct_conn.ptnr2_symmetry'                 
# 
_pdbx_database_status.status_code                     REL 
_pdbx_database_status.status_code_sf                  REL 
_pdbx_database_status.status_code_mr                  ? 
_pdbx_database_status.entry_id                        4U5M 
_pdbx_database_status.recvd_initial_deposition_date   2014-07-25 
_pdbx_database_status.SG_entry                        N 
_pdbx_database_status.deposit_site                    RCSB 
_pdbx_database_status.process_site                    PDBE 
_pdbx_database_status.status_code_cs                  ? 
_pdbx_database_status.methods_development_category    ? 
_pdbx_database_status.pdb_format_compatible           Y 
_pdbx_database_status.status_code_nmr_data            ? 
# 
loop_
_audit_author.name 
_audit_author.pdbx_ordinal 
'Schmitt, E.'  1 
'Mechulam, Y.' 2 
'Phan, A.T.'   3 
'Brahim, H.'   4 
'Chung, W.J.'  5 
'Lim, K.W.'    6 
# 
_citation.abstract                  ? 
_citation.abstract_id_CAS           ? 
_citation.book_id_ISBN              ? 
_citation.book_publisher            ? 
_citation.book_publisher_city       ? 
_citation.book_title                ? 
_citation.coordinate_linkage        ? 
_citation.country                   US 
_citation.database_id_Medline       ? 
_citation.details                   ? 
_citation.id                        primary 
_citation.journal_abbrev            Proc.Natl.Acad.Sci.USA 
_citation.journal_id_ASTM           PNASA6 
_citation.journal_id_CSD            0040 
_citation.journal_id_ISSN           1091-6490 
_citation.journal_full              ? 
_citation.journal_issue             ? 
_citation.journal_volume            112 
_citation.language                  ? 
_citation.page_first                2729 
_citation.page_last                 2733 
_citation.title                     'Structure of a left-handed DNA G-quadruplex.' 
_citation.year                      2015 
_citation.database_id_CSD           ? 
_citation.pdbx_database_id_DOI      10.1073/pnas.1418718112 
_citation.pdbx_database_id_PubMed   25695967 
_citation.unpublished_flag          ? 
# 
loop_
_citation_author.citation_id 
_citation_author.name 
_citation_author.ordinal 
_citation_author.identifier_ORCID 
primary 'Chung, W.J.'  1 ? 
primary 'Heddi, B.'    2 ? 
primary 'Schmitt, E.'  3 ? 
primary 'Lim, K.W.'    4 ? 
primary 'Mechulam, Y.' 5 ? 
primary 'Phan, A.T.'   6 ? 
# 
loop_
_entity.id 
_entity.type 
_entity.src_method 
_entity.pdbx_description 
_entity.formula_weight 
_entity.pdbx_number_of_molecules 
_entity.pdbx_ec 
_entity.pdbx_mutation 
_entity.pdbx_fragment 
_entity.details 
1 polymer     syn 'DNA (28-MER)'  8872.649 1  ? ? ? ? 
2 non-polymer syn 'POTASSIUM ION' 39.098   4  ? ? ? ? 
3 non-polymer syn 'MAGNESIUM ION' 24.305   1  ? ? ? ? 
4 water       nat water           18.015   94 ? ? ? ? 
# 
_entity_poly.entity_id                      1 
_entity_poly.type                           polydeoxyribonucleotide 
_entity_poly.nstd_linkage                   no 
_entity_poly.nstd_monomer                   no 
_entity_poly.pdbx_seq_one_letter_code       
;(DT)(DG)(DG)(DT)(DG)(DG)(DT)(DG)(DG)(DT)(DG)(DG)(DT)(DT)(DG)(DT)(DG)(DG)(DT)(DG)
(DG)(DT)(DG)(DG)(DT)(DG)(DT)(DT)
;
_entity_poly.pdbx_seq_one_letter_code_can   TGGTGGTGGTGGTTGTGGTGGTGGTGTT 
_entity_poly.pdbx_strand_id                 A 
_entity_poly.pdbx_target_identifier         ? 
# 
loop_
_pdbx_entity_nonpoly.entity_id 
_pdbx_entity_nonpoly.name 
_pdbx_entity_nonpoly.comp_id 
2 'POTASSIUM ION' K   
3 'MAGNESIUM ION' MG  
4 water           HOH 
# 
loop_
_entity_poly_seq.entity_id 
_entity_poly_seq.num 
_entity_poly_seq.mon_id 
_entity_poly_seq.hetero 
1 1  DT n 
1 2  DG n 
1 3  DG n 
1 4  DT n 
1 5  DG n 
1 6  DG n 
1 7  DT n 
1 8  DG n 
1 9  DG n 
1 10 DT n 
1 11 DG n 
1 12 DG n 
1 13 DT n 
1 14 DT n 
1 15 DG n 
1 16 DT n 
1 17 DG n 
1 18 DG n 
1 19 DT n 
1 20 DG n 
1 21 DG n 
1 22 DT n 
1 23 DG n 
1 24 DG n 
1 25 DT n 
1 26 DG n 
1 27 DT n 
1 28 DT n 
# 
_pdbx_entity_src_syn.entity_id              1 
_pdbx_entity_src_syn.pdbx_src_id            1 
_pdbx_entity_src_syn.pdbx_alt_source_flag   sample 
_pdbx_entity_src_syn.pdbx_beg_seq_num       1 
_pdbx_entity_src_syn.pdbx_end_seq_num       28 
_pdbx_entity_src_syn.organism_scientific    'synthetic construct' 
_pdbx_entity_src_syn.organism_common_name   ? 
_pdbx_entity_src_syn.ncbi_taxonomy_id       32630 
_pdbx_entity_src_syn.details                ? 
# 
loop_
_chem_comp.id 
_chem_comp.type 
_chem_comp.mon_nstd_flag 
_chem_comp.name 
_chem_comp.pdbx_synonyms 
_chem_comp.formula 
_chem_comp.formula_weight 
DG  'DNA linking' y "2'-DEOXYGUANOSINE-5'-MONOPHOSPHATE" ? 'C10 H14 N5 O7 P' 347.221 
DT  'DNA linking' y "THYMIDINE-5'-MONOPHOSPHATE"         ? 'C10 H15 N2 O8 P' 322.208 
HOH non-polymer   . WATER                                ? 'H2 O'            18.015  
K   non-polymer   . 'POTASSIUM ION'                      ? 'K 1'             39.098  
MG  non-polymer   . 'MAGNESIUM ION'                      ? 'Mg 2'            24.305  
# 
loop_
_pdbx_poly_seq_scheme.asym_id 
_pdbx_poly_seq_scheme.entity_id 
_pdbx_poly_seq_scheme.seq_id 
_pdbx_poly_seq_scheme.mon_id 
_pdbx_poly_seq_scheme.ndb_seq_num 
_pdbx_poly_seq_scheme.pdb_seq_num 
_pdbx_poly_seq_scheme.auth_seq_num 
_pdbx_poly_seq_scheme.pdb_mon_id 
_pdbx_poly_seq_scheme.auth_mon_id 
_pdbx_poly_seq_scheme.pdb_strand_id 
_pdbx_poly_seq_scheme.pdb_ins_code 
_pdbx_poly_seq_scheme.hetero 
A 1 1  DT 1  1  1  DT DT A . n 
A 1 2  DG 2  2  2  DG DG A . n 
A 1 3  DG 3  3  3  DG DG A . n 
A 1 4  DT 4  4  4  DT DT A . n 
A 1 5  DG 5  5  5  DG DG A . n 
A 1 6  DG 6  6  6  DG DG A . n 
A 1 7  DT 7  7  7  DT DT A . n 
A 1 8  DG 8  8  8  DG DG A . n 
A 1 9  DG 9  9  9  DG DG A . n 
A 1 10 DT 10 10 10 DT DT A . n 
A 1 11 DG 11 11 11 DG DG A . n 
A 1 12 DG 12 12 12 DG DG A . n 
A 1 13 DT 13 13 13 DT DT A . n 
A 1 14 DT 14 14 14 DT DT A . n 
A 1 15 DG 15 15 15 DG DG A . n 
A 1 16 DT 16 16 16 DT DT A . n 
A 1 17 DG 17 17 17 DG DG A . n 
A 1 18 DG 18 18 18 DG DG A . n 
A 1 19 DT 19 19 19 DT DT A . n 
A 1 20 DG 20 20 20 DG DG A . n 
A 1 21 DG 21 21 21 DG DG A . n 
A 1 22 DT 22 22 22 DT DT A . n 
A 1 23 DG 23 23 23 DG DG A . n 
A 1 24 DG 24 24 24 DG DG A . n 
A 1 25 DT 25 25 25 DT DT A . n 
A 1 26 DG 26 26 26 DG DG A . n 
A 1 27 DT 27 27 27 DT DT A . n 
A 1 28 DT 28 28 28 DT DT A . n 
# 
loop_
_pdbx_nonpoly_scheme.asym_id 
_pdbx_nonpoly_scheme.entity_id 
_pdbx_nonpoly_scheme.mon_id 
_pdbx_nonpoly_scheme.ndb_seq_num 
_pdbx_nonpoly_scheme.pdb_seq_num 
_pdbx_nonpoly_scheme.auth_seq_num 
_pdbx_nonpoly_scheme.pdb_mon_id 
_pdbx_nonpoly_scheme.auth_mon_id 
_pdbx_nonpoly_scheme.pdb_strand_id 
_pdbx_nonpoly_scheme.pdb_ins_code 
B 2 K   1  101 31 K   K   A . 
C 2 K   1  102 32 K   K   A . 
D 2 K   1  103 33 K   K   A . 
E 2 K   1  104 34 K   K   A . 
F 3 MG  1  105 40 MG  MG  A . 
G 4 HOH 1  201 27 HOH HOH A . 
G 4 HOH 2  202 88 HOH HOH A . 
G 4 HOH 3  203 47 HOH HOH A . 
G 4 HOH 4  204 48 HOH HOH A . 
G 4 HOH 5  205 35 HOH HOH A . 
G 4 HOH 6  206 85 HOH HOH A . 
G 4 HOH 7  207 56 HOH HOH A . 
G 4 HOH 8  208 45 HOH HOH A . 
G 4 HOH 9  209 37 HOH HOH A . 
G 4 HOH 10 210 49 HOH HOH A . 
G 4 HOH 11 211 25 HOH HOH A . 
G 4 HOH 12 212 58 HOH HOH A . 
G 4 HOH 13 213 22 HOH HOH A . 
G 4 HOH 14 214 52 HOH HOH A . 
G 4 HOH 15 215 90 HOH HOH A . 
G 4 HOH 16 216 59 HOH HOH A . 
G 4 HOH 17 217 5  HOH HOH A . 
G 4 HOH 18 218 28 HOH HOH A . 
G 4 HOH 19 219 32 HOH HOH A . 
G 4 HOH 20 220 34 HOH HOH A . 
G 4 HOH 21 221 15 HOH HOH A . 
G 4 HOH 22 222 93 HOH HOH A . 
G 4 HOH 23 223 39 HOH HOH A . 
G 4 HOH 24 224 18 HOH HOH A . 
G 4 HOH 25 225 1  HOH HOH A . 
G 4 HOH 26 226 87 HOH HOH A . 
G 4 HOH 27 227 3  HOH HOH A . 
G 4 HOH 28 228 20 HOH HOH A . 
G 4 HOH 29 229 46 HOH HOH A . 
G 4 HOH 30 230 82 HOH HOH A . 
G 4 HOH 31 231 79 HOH HOH A . 
G 4 HOH 32 232 94 HOH HOH A . 
G 4 HOH 33 233 89 HOH HOH A . 
G 4 HOH 34 234 6  HOH HOH A . 
G 4 HOH 35 235 73 HOH HOH A . 
G 4 HOH 36 236 43 HOH HOH A . 
G 4 HOH 37 237 91 HOH HOH A . 
G 4 HOH 38 238 80 HOH HOH A . 
G 4 HOH 39 239 74 HOH HOH A . 
G 4 HOH 40 240 66 HOH HOH A . 
G 4 HOH 41 241 42 HOH HOH A . 
G 4 HOH 42 242 92 HOH HOH A . 
G 4 HOH 43 243 75 HOH HOH A . 
G 4 HOH 44 244 69 HOH HOH A . 
G 4 HOH 45 245 64 HOH HOH A . 
G 4 HOH 46 246 62 HOH HOH A . 
G 4 HOH 47 247 81 HOH HOH A . 
G 4 HOH 48 248 55 HOH HOH A . 
G 4 HOH 49 249 44 HOH HOH A . 
G 4 HOH 50 250 86 HOH HOH A . 
G 4 HOH 51 251 57 HOH HOH A . 
G 4 HOH 52 252 77 HOH HOH A . 
G 4 HOH 53 253 78 HOH HOH A . 
G 4 HOH 54 254 2  HOH HOH A . 
G 4 HOH 55 255 4  HOH HOH A . 
G 4 HOH 56 256 7  HOH HOH A . 
G 4 HOH 57 257 8  HOH HOH A . 
G 4 HOH 58 258 9  HOH HOH A . 
G 4 HOH 59 259 10 HOH HOH A . 
G 4 HOH 60 260 11 HOH HOH A . 
G 4 HOH 61 261 12 HOH HOH A . 
G 4 HOH 62 262 13 HOH HOH A . 
G 4 HOH 63 263 14 HOH HOH A . 
G 4 HOH 64 264 16 HOH HOH A . 
G 4 HOH 65 265 17 HOH HOH A . 
G 4 HOH 66 266 19 HOH HOH A . 
G 4 HOH 67 267 21 HOH HOH A . 
G 4 HOH 68 268 23 HOH HOH A . 
G 4 HOH 69 269 24 HOH HOH A . 
G 4 HOH 70 270 26 HOH HOH A . 
G 4 HOH 71 271 29 HOH HOH A . 
G 4 HOH 72 272 30 HOH HOH A . 
G 4 HOH 73 273 31 HOH HOH A . 
G 4 HOH 74 274 33 HOH HOH A . 
G 4 HOH 75 275 36 HOH HOH A . 
G 4 HOH 76 276 38 HOH HOH A . 
G 4 HOH 77 277 40 HOH HOH A . 
G 4 HOH 78 278 41 HOH HOH A . 
G 4 HOH 79 279 50 HOH HOH A . 
G 4 HOH 80 280 51 HOH HOH A . 
G 4 HOH 81 281 53 HOH HOH A . 
G 4 HOH 82 282 54 HOH HOH A . 
G 4 HOH 83 283 60 HOH HOH A . 
G 4 HOH 84 284 61 HOH HOH A . 
G 4 HOH 85 285 63 HOH HOH A . 
G 4 HOH 86 286 65 HOH HOH A . 
G 4 HOH 87 287 67 HOH HOH A . 
G 4 HOH 88 288 68 HOH HOH A . 
G 4 HOH 89 289 70 HOH HOH A . 
G 4 HOH 90 290 71 HOH HOH A . 
G 4 HOH 91 291 72 HOH HOH A . 
G 4 HOH 92 292 76 HOH HOH A . 
G 4 HOH 93 293 83 HOH HOH A . 
G 4 HOH 94 294 84 HOH HOH A . 
# 
loop_
_software.citation_id 
_software.classification 
_software.compiler_name 
_software.compiler_version 
_software.contact_author 
_software.contact_author_email 
_software.date 
_software.description 
_software.dependencies 
_software.hardware 
_software.language 
_software.location 
_software.mods 
_software.name 
_software.os 
_software.os_version 
_software.type 
_software.version 
_software.pdbx_ordinal 
? refinement       ? ? ? ? ? ? ? ? ? ? ? PHENIX ? ? ? '(phenix.refine: 1.8.4_1496)' 1 
? 'data reduction' ? ? ? ? ? ? ? ? ? ? ? XDS    ? ? ? 'Nov, 2013'                   2 
? 'data scaling'   ? ? ? ? ? ? ? ? ? ? ? XSCALE ? ? ? .                             3 
? phasing          ? ? ? ? ? ? ? ? ? ? ? PHASER ? ? ? .                             4 
# 
_cell.entry_id           4U5M 
_cell.length_a           51.886 
_cell.length_b           51.886 
_cell.length_c           40.167 
_cell.angle_alpha        90.00 
_cell.angle_beta         90.00 
_cell.angle_gamma        120.00 
_cell.Z_PDB              6 
_cell.pdbx_unique_axis   ? 
# 
_symmetry.entry_id                         4U5M 
_symmetry.cell_setting                     ? 
_symmetry.Int_Tables_number                154 
_symmetry.space_group_name_Hall            ? 
_symmetry.space_group_name_H-M             'P 32 2 1' 
_symmetry.pdbx_full_space_group_name_H-M   ? 
# 
_exptl.absorpt_coefficient_mu     ? 
_exptl.absorpt_correction_T_max   ? 
_exptl.absorpt_correction_T_min   ? 
_exptl.absorpt_correction_type    ? 
_exptl.absorpt_process_details    ? 
_exptl.entry_id                   4U5M 
_exptl.crystals_number            ? 
_exptl.details                    ? 
_exptl.method                     'X-RAY DIFFRACTION' 
_exptl.method_details             ? 
# 
_exptl_crystal.colour                      ? 
_exptl_crystal.density_diffrn              ? 
_exptl_crystal.density_Matthews            1.76 
_exptl_crystal.density_method              ? 
_exptl_crystal.density_percent_sol         30.08 
_exptl_crystal.description                 ? 
_exptl_crystal.F_000                       ? 
_exptl_crystal.id                          1 
_exptl_crystal.preparation                 ? 
_exptl_crystal.size_max                    ? 
_exptl_crystal.size_mid                    ? 
_exptl_crystal.size_min                    ? 
_exptl_crystal.size_rad                    ? 
_exptl_crystal.colour_lustre               ? 
_exptl_crystal.colour_modifier             ? 
_exptl_crystal.colour_primary              ? 
_exptl_crystal.density_meas                ? 
_exptl_crystal.density_meas_esd            ? 
_exptl_crystal.density_meas_gt             ? 
_exptl_crystal.density_meas_lt             ? 
_exptl_crystal.density_meas_temp           ? 
_exptl_crystal.density_meas_temp_esd       ? 
_exptl_crystal.density_meas_temp_gt        ? 
_exptl_crystal.density_meas_temp_lt        ? 
_exptl_crystal.pdbx_crystal_image_url      ? 
_exptl_crystal.pdbx_crystal_image_format   ? 
_exptl_crystal.pdbx_mosaicity              ? 
_exptl_crystal.pdbx_mosaicity_esd          ? 
# 
_exptl_crystal_grow.apparatus       ? 
_exptl_crystal_grow.atmosphere      ? 
_exptl_crystal_grow.crystal_id      1 
_exptl_crystal_grow.details         ? 
_exptl_crystal_grow.method          'VAPOR DIFFUSION, SITTING DROP' 
_exptl_crystal_grow.method_ref      ? 
_exptl_crystal_grow.pH              7.0 
_exptl_crystal_grow.pressure        ? 
_exptl_crystal_grow.pressure_esd    ? 
_exptl_crystal_grow.seeding         ? 
_exptl_crystal_grow.seeding_ref     ? 
_exptl_crystal_grow.temp            279 
_exptl_crystal_grow.temp_details    ? 
_exptl_crystal_grow.temp_esd        ? 
_exptl_crystal_grow.time            ? 
_exptl_crystal_grow.pdbx_details    'methyl pentane diol, cacodylate, KCl, Mg' 
_exptl_crystal_grow.pdbx_pH_range   ? 
# 
_diffrn.ambient_environment    ? 
_diffrn.ambient_temp           100 
_diffrn.ambient_temp_details   ? 
_diffrn.ambient_temp_esd       ? 
_diffrn.crystal_id             1 
_diffrn.crystal_support        ? 
_diffrn.crystal_treatment      ? 
_diffrn.details                ? 
_diffrn.id                     1 
_diffrn.ambient_pressure       ? 
_diffrn.ambient_pressure_esd   ? 
_diffrn.ambient_pressure_gt    ? 
_diffrn.ambient_pressure_lt    ? 
_diffrn.ambient_temp_gt        ? 
_diffrn.ambient_temp_lt        ? 
# 
_diffrn_detector.details                      ? 
_diffrn_detector.detector                     PIXEL 
_diffrn_detector.diffrn_id                    1 
_diffrn_detector.type                         'DECTRIS PILATUS 6M' 
_diffrn_detector.area_resol_mean              ? 
_diffrn_detector.dtime                        ? 
_diffrn_detector.pdbx_frames_total            ? 
_diffrn_detector.pdbx_collection_time_total   ? 
_diffrn_detector.pdbx_collection_date         2014-03-12 
# 
_diffrn_radiation.collimation                      ? 
_diffrn_radiation.diffrn_id                        1 
_diffrn_radiation.filter_edge                      ? 
_diffrn_radiation.inhomogeneity                    ? 
_diffrn_radiation.monochromator                    ? 
_diffrn_radiation.polarisn_norm                    ? 
_diffrn_radiation.polarisn_ratio                   ? 
_diffrn_radiation.probe                            ? 
_diffrn_radiation.type                             ? 
_diffrn_radiation.xray_symbol                      ? 
_diffrn_radiation.wavelength_id                    1 
_diffrn_radiation.pdbx_monochromatic_or_laue_m_l   M 
_diffrn_radiation.pdbx_wavelength_list             ? 
_diffrn_radiation.pdbx_wavelength                  ? 
_diffrn_radiation.pdbx_diffrn_protocol             'SINGLE WAVELENGTH' 
_diffrn_radiation.pdbx_analyzer                    ? 
_diffrn_radiation.pdbx_scattering_type             x-ray 
# 
_diffrn_radiation_wavelength.id           1 
_diffrn_radiation_wavelength.wavelength   0.979 
_diffrn_radiation_wavelength.wt           1.0 
# 
_diffrn_source.current                     ? 
_diffrn_source.details                     ? 
_diffrn_source.diffrn_id                   1 
_diffrn_source.power                       ? 
_diffrn_source.size                        ? 
_diffrn_source.source                      SYNCHROTRON 
_diffrn_source.target                      ? 
_diffrn_source.type                        'SOLEIL BEAMLINE PROXIMA 1' 
_diffrn_source.voltage                     ? 
_diffrn_source.take-off_angle              ? 
_diffrn_source.pdbx_wavelength_list        0.979 
_diffrn_source.pdbx_wavelength             ? 
_diffrn_source.pdbx_synchrotron_beamline   'PROXIMA 1' 
_diffrn_source.pdbx_synchrotron_site       SOLEIL 
# 
_reflns.B_iso_Wilson_estimate            12.3 
_reflns.entry_id                         4U5M 
_reflns.data_reduction_details           ? 
_reflns.data_reduction_method            ? 
_reflns.d_resolution_high                1.5 
_reflns.d_resolution_low                 45 
_reflns.details                          ? 
_reflns.limit_h_max                      ? 
_reflns.limit_h_min                      ? 
_reflns.limit_k_max                      ? 
_reflns.limit_k_min                      ? 
_reflns.limit_l_max                      ? 
_reflns.limit_l_min                      ? 
_reflns.number_all                       9887 
_reflns.number_obs                       9887 
_reflns.observed_criterion               ? 
_reflns.observed_criterion_F_max         ? 
_reflns.observed_criterion_F_min         ? 
_reflns.observed_criterion_I_max         ? 
_reflns.observed_criterion_I_min         ? 
_reflns.observed_criterion_sigma_F       0 
_reflns.observed_criterion_sigma_I       0 
_reflns.percent_possible_obs             95.7 
_reflns.R_free_details                   ? 
_reflns.Rmerge_F_all                     ? 
_reflns.Rmerge_F_obs                     ? 
_reflns.Friedel_coverage                 ? 
_reflns.number_gt                        ? 
_reflns.threshold_expression             ? 
_reflns.pdbx_redundancy                  9.2 
_reflns.pdbx_Rmerge_I_obs                ? 
_reflns.pdbx_Rmerge_I_all                ? 
_reflns.pdbx_Rsym_value                  0.083 
_reflns.pdbx_netI_over_av_sigmaI         ? 
_reflns.pdbx_netI_over_sigmaI            18.5 
_reflns.pdbx_res_netI_over_av_sigmaI_2   ? 
_reflns.pdbx_res_netI_over_sigmaI_2      ? 
_reflns.pdbx_chi_squared                 ? 
_reflns.pdbx_scaling_rejects             ? 
_reflns.pdbx_d_res_high_opt              ? 
_reflns.pdbx_d_res_low_opt               ? 
_reflns.pdbx_d_res_opt_method            ? 
_reflns.phase_calculation_details        ? 
_reflns.pdbx_Rrim_I_all                  ? 
_reflns.pdbx_Rpim_I_all                  ? 
_reflns.pdbx_d_opt                       ? 
_reflns.pdbx_number_measured_all         ? 
_reflns.pdbx_diffrn_id                   1 
_reflns.pdbx_ordinal                     1 
_reflns.pdbx_CC_half                     ? 
_reflns.pdbx_R_split                     ? 
# 
_reflns_shell.d_res_high                  1.50 
_reflns_shell.d_res_low                   1.59 
_reflns_shell.meanI_over_sigI_all         ? 
_reflns_shell.meanI_over_sigI_obs         2.76 
_reflns_shell.number_measured_all         ? 
_reflns_shell.number_measured_obs         ? 
_reflns_shell.number_possible             ? 
_reflns_shell.number_unique_all           ? 
_reflns_shell.number_unique_obs           ? 
_reflns_shell.percent_possible_all        77.7 
_reflns_shell.percent_possible_obs        ? 
_reflns_shell.Rmerge_F_all                ? 
_reflns_shell.Rmerge_F_obs                ? 
_reflns_shell.Rmerge_I_all                ? 
_reflns_shell.Rmerge_I_obs                0.642 
_reflns_shell.meanI_over_sigI_gt          ? 
_reflns_shell.meanI_over_uI_all           ? 
_reflns_shell.meanI_over_uI_gt            ? 
_reflns_shell.number_measured_gt          ? 
_reflns_shell.number_unique_gt            ? 
_reflns_shell.percent_possible_gt         ? 
_reflns_shell.Rmerge_F_gt                 ? 
_reflns_shell.Rmerge_I_gt                 ? 
_reflns_shell.pdbx_redundancy             5.6 
_reflns_shell.pdbx_Rsym_value             ? 
_reflns_shell.pdbx_chi_squared            ? 
_reflns_shell.pdbx_netI_over_sigmaI_all   ? 
_reflns_shell.pdbx_netI_over_sigmaI_obs   ? 
_reflns_shell.pdbx_Rrim_I_all             ? 
_reflns_shell.pdbx_Rpim_I_all             ? 
_reflns_shell.pdbx_rejects                ? 
_reflns_shell.pdbx_ordinal                1 
_reflns_shell.pdbx_diffrn_id              1 
_reflns_shell.pdbx_CC_half                ? 
_reflns_shell.pdbx_R_split                ? 
# 
_refine.aniso_B[1][1]                            ? 
_refine.aniso_B[1][2]                            ? 
_refine.aniso_B[1][3]                            ? 
_refine.aniso_B[2][2]                            ? 
_refine.aniso_B[2][3]                            ? 
_refine.aniso_B[3][3]                            ? 
_refine.B_iso_max                                ? 
_refine.B_iso_mean                               18.0 
_refine.B_iso_min                                ? 
_refine.correlation_coeff_Fo_to_Fc               ? 
_refine.correlation_coeff_Fo_to_Fc_free          ? 
_refine.details                                  ? 
_refine.diff_density_max                         ? 
_refine.diff_density_max_esd                     ? 
_refine.diff_density_min                         ? 
_refine.diff_density_min_esd                     ? 
_refine.diff_density_rms                         ? 
_refine.diff_density_rms_esd                     ? 
_refine.entry_id                                 4U5M 
_refine.pdbx_refine_id                           'X-RAY DIFFRACTION' 
_refine.ls_abs_structure_details                 ? 
_refine.ls_abs_structure_Flack                   ? 
_refine.ls_abs_structure_Flack_esd               ? 
_refine.ls_abs_structure_Rogers                  ? 
_refine.ls_abs_structure_Rogers_esd              ? 
_refine.ls_d_res_high                            1.500 
_refine.ls_d_res_low                             44.935 
_refine.ls_extinction_coef                       ? 
_refine.ls_extinction_coef_esd                   ? 
_refine.ls_extinction_expression                 ? 
_refine.ls_extinction_method                     ? 
_refine.ls_goodness_of_fit_all                   ? 
_refine.ls_goodness_of_fit_all_esd               ? 
_refine.ls_goodness_of_fit_obs                   ? 
_refine.ls_goodness_of_fit_obs_esd               ? 
_refine.ls_hydrogen_treatment                    ? 
_refine.ls_matrix_type                           ? 
_refine.ls_number_constraints                    ? 
_refine.ls_number_parameters                     ? 
_refine.ls_number_reflns_all                     ? 
_refine.ls_number_reflns_obs                     9875 
_refine.ls_number_reflns_R_free                  478 
_refine.ls_number_reflns_R_work                  ? 
_refine.ls_number_restraints                     ? 
_refine.ls_percent_reflns_obs                    95.61 
_refine.ls_percent_reflns_R_free                 4.84 
_refine.ls_R_factor_all                          ? 
_refine.ls_R_factor_obs                          0.1429 
_refine.ls_R_factor_R_free                       0.1800 
_refine.ls_R_factor_R_free_error                 ? 
_refine.ls_R_factor_R_free_error_details         ? 
_refine.ls_R_factor_R_work                       0.1410 
_refine.ls_R_Fsqd_factor_obs                     ? 
_refine.ls_R_I_factor_obs                        ? 
_refine.ls_redundancy_reflns_all                 ? 
_refine.ls_redundancy_reflns_obs                 ? 
_refine.ls_restrained_S_all                      ? 
_refine.ls_restrained_S_obs                      ? 
_refine.ls_shift_over_esd_max                    ? 
_refine.ls_shift_over_esd_mean                   ? 
_refine.ls_structure_factor_coef                 ? 
_refine.ls_weighting_details                     ? 
_refine.ls_weighting_scheme                      ? 
_refine.ls_wR_factor_all                         ? 
_refine.ls_wR_factor_obs                         ? 
_refine.ls_wR_factor_R_free                      ? 
_refine.ls_wR_factor_R_work                      ? 
_refine.occupancy_max                            ? 
_refine.occupancy_min                            ? 
_refine.solvent_model_details                    'FLAT BULK SOLVENT MODEL' 
_refine.solvent_model_param_bsol                 ? 
_refine.solvent_model_param_ksol                 ? 
_refine.ls_R_factor_gt                           ? 
_refine.ls_goodness_of_fit_gt                    ? 
_refine.ls_goodness_of_fit_ref                   ? 
_refine.ls_shift_over_su_max                     ? 
_refine.ls_shift_over_su_max_lt                  ? 
_refine.ls_shift_over_su_mean                    ? 
_refine.ls_shift_over_su_mean_lt                 ? 
_refine.pdbx_ls_sigma_I                          ? 
_refine.pdbx_ls_sigma_F                          1.35 
_refine.pdbx_ls_sigma_Fsqd                       ? 
_refine.pdbx_data_cutoff_high_absF               ? 
_refine.pdbx_data_cutoff_high_rms_absF           ? 
_refine.pdbx_data_cutoff_low_absF                ? 
_refine.pdbx_isotropic_thermal_model             ? 
_refine.pdbx_ls_cross_valid_method               THROUGHOUT 
_refine.pdbx_method_to_determine_struct          'MOLECULAR REPLACEMENT' 
_refine.pdbx_starting_model                      ? 
_refine.pdbx_stereochemistry_target_values       ML 
_refine.pdbx_R_Free_selection_details            Random 
_refine.pdbx_stereochem_target_val_spec_case     ? 
_refine.pdbx_overall_ESU_R                       ? 
_refine.pdbx_overall_ESU_R_Free                  ? 
_refine.pdbx_solvent_vdw_probe_radii             1.11 
_refine.pdbx_solvent_ion_probe_radii             ? 
_refine.pdbx_solvent_shrinkage_radii             0.90 
_refine.pdbx_real_space_R                        ? 
_refine.pdbx_density_correlation                 ? 
_refine.pdbx_pd_number_of_powder_patterns        ? 
_refine.pdbx_pd_number_of_points                 ? 
_refine.pdbx_pd_meas_number_of_points            ? 
_refine.pdbx_pd_proc_ls_prof_R_factor            ? 
_refine.pdbx_pd_proc_ls_prof_wR_factor           ? 
_refine.pdbx_pd_Marquardt_correlation_coeff      ? 
_refine.pdbx_pd_Fsqrd_R_factor                   ? 
_refine.pdbx_pd_ls_matrix_band_width             ? 
_refine.pdbx_overall_phase_error                 22.57 
_refine.pdbx_overall_SU_R_free_Cruickshank_DPI   ? 
_refine.pdbx_overall_SU_R_free_Blow_DPI          ? 
_refine.pdbx_overall_SU_R_Blow_DPI               ? 
_refine.pdbx_TLS_residual_ADP_flag               ? 
_refine.pdbx_diffrn_id                           1 
_refine.overall_SU_B                             ? 
_refine.overall_SU_ML                            0.15 
_refine.overall_SU_R_Cruickshank_DPI             ? 
_refine.overall_SU_R_free                        ? 
_refine.overall_FOM_free_R_set                   ? 
_refine.overall_FOM_work_R_set                   ? 
# 
_refine_hist.pdbx_refine_id                   'X-RAY DIFFRACTION' 
_refine_hist.cycle_id                         LAST 
_refine_hist.pdbx_number_atoms_protein        0 
_refine_hist.pdbx_number_atoms_nucleic_acid   589 
_refine_hist.pdbx_number_atoms_ligand         5 
_refine_hist.number_atoms_solvent             94 
_refine_hist.number_atoms_total               688 
_refine_hist.d_res_high                       1.500 
_refine_hist.d_res_low                        44.935 
# 
loop_
_refine_ls_restr.pdbx_refine_id 
_refine_ls_restr.criterion 
_refine_ls_restr.dev_ideal 
_refine_ls_restr.dev_ideal_target 
_refine_ls_restr.number 
_refine_ls_restr.rejects 
_refine_ls_restr.type 
_refine_ls_restr.weight 
_refine_ls_restr.pdbx_restraint_function 
'X-RAY DIFFRACTION' ? 0.008  ? 709  ? f_bond_d           ? ? 
'X-RAY DIFFRACTION' ? 1.090  ? 1105 ? f_angle_d          ? ? 
'X-RAY DIFFRACTION' ? 38.186 ? 302  ? f_dihedral_angle_d ? ? 
'X-RAY DIFFRACTION' ? 0.048  ? 119  ? f_chiral_restr     ? ? 
'X-RAY DIFFRACTION' ? 0.014  ? 30   ? f_plane_restr      ? ? 
# 
loop_
_refine_ls_shell.pdbx_refine_id 
_refine_ls_shell.d_res_high 
_refine_ls_shell.d_res_low 
_refine_ls_shell.number_reflns_all 
_refine_ls_shell.number_reflns_obs 
_refine_ls_shell.number_reflns_R_free 
_refine_ls_shell.number_reflns_R_work 
_refine_ls_shell.percent_reflns_obs 
_refine_ls_shell.percent_reflns_R_free 
_refine_ls_shell.R_factor_all 
_refine_ls_shell.R_factor_obs 
_refine_ls_shell.R_factor_R_free 
_refine_ls_shell.R_factor_R_free_error 
_refine_ls_shell.R_factor_R_work 
_refine_ls_shell.redundancy_reflns_all 
_refine_ls_shell.redundancy_reflns_obs 
_refine_ls_shell.wR_factor_all 
_refine_ls_shell.wR_factor_obs 
_refine_ls_shell.wR_factor_R_free 
_refine_ls_shell.wR_factor_R_work 
_refine_ls_shell.pdbx_total_number_of_bins_used 
_refine_ls_shell.pdbx_phase_error 
'X-RAY DIFFRACTION' 1.4997 1.7167  . . 141 2806 87.00  . . . 0.2670 . 0.1533 . . . . . . . . 
'X-RAY DIFFRACTION' 1.7167 2.1629  . . 180 3229 100.00 . . . 0.2067 . 0.1478 . . . . . . . . 
'X-RAY DIFFRACTION' 2.1629 44.9548 . . 157 3362 100.00 . . . 0.1516 . 0.1355 . . . . . . . . 
# 
_struct.entry_id                     4U5M 
_struct.title                        'Structure of a left-handed DNA G-quadruplex' 
_struct.pdbx_model_details           ? 
_struct.pdbx_formula_weight          ? 
_struct.pdbx_formula_weight_method   ? 
_struct.pdbx_model_type_details      ? 
_struct.pdbx_CASP_flag               ? 
# 
_struct_keywords.entry_id        4U5M 
_struct_keywords.text            'DNA, quadruplex' 
_struct_keywords.pdbx_keywords   DNA 
# 
loop_
_struct_asym.id 
_struct_asym.pdbx_blank_PDB_chainid_flag 
_struct_asym.pdbx_modified 
_struct_asym.entity_id 
_struct_asym.details 
A N N 1 ? 
B N N 2 ? 
C N N 2 ? 
D N N 2 ? 
E N N 2 ? 
F N N 3 ? 
G N N 4 ? 
# 
_struct_ref.id                         1 
_struct_ref.db_name                    PDB 
_struct_ref.db_code                    4U5M 
_struct_ref.pdbx_db_accession          4U5M 
_struct_ref.entity_id                  1 
_struct_ref.pdbx_seq_one_letter_code   ? 
_struct_ref.pdbx_align_begin           1 
_struct_ref.pdbx_db_isoform            ? 
# 
_struct_ref_seq.align_id                      1 
_struct_ref_seq.ref_id                        1 
_struct_ref_seq.pdbx_PDB_id_code              4U5M 
_struct_ref_seq.pdbx_strand_id                A 
_struct_ref_seq.seq_align_beg                 1 
_struct_ref_seq.pdbx_seq_align_beg_ins_code   ? 
_struct_ref_seq.seq_align_end                 28 
_struct_ref_seq.pdbx_seq_align_end_ins_code   ? 
_struct_ref_seq.pdbx_db_accession             4U5M 
_struct_ref_seq.db_align_beg                  1 
_struct_ref_seq.pdbx_db_align_beg_ins_code    ? 
_struct_ref_seq.db_align_end                  28 
_struct_ref_seq.pdbx_db_align_end_ins_code    ? 
_struct_ref_seq.pdbx_auth_seq_align_beg       1 
_struct_ref_seq.pdbx_auth_seq_align_end       28 
# 
_pdbx_struct_assembly.id                   1 
_pdbx_struct_assembly.details              author_and_software_defined_assembly 
_pdbx_struct_assembly.method_details       PISA 
_pdbx_struct_assembly.oligomeric_details   Monomeric 
_pdbx_struct_assembly.oligomeric_count     1 
# 
loop_
_pdbx_struct_assembly_prop.biol_id 
_pdbx_struct_assembly_prop.type 
_pdbx_struct_assembly_prop.value 
_pdbx_struct_assembly_prop.details 
1 'ABSA (A^2)' 890  ? 
1 MORE         -8   ? 
1 'SSA (A^2)'  4330 ? 
# 
_pdbx_struct_assembly_gen.assembly_id       1 
_pdbx_struct_assembly_gen.oper_expression   1 
_pdbx_struct_assembly_gen.asym_id_list      A,B,C,D,E,F,G 
# 
_pdbx_struct_oper_list.id                   1 
_pdbx_struct_oper_list.type                 'identity operation' 
_pdbx_struct_oper_list.name                 1_555 
_pdbx_struct_oper_list.symmetry_operation   x,y,z 
_pdbx_struct_oper_list.matrix[1][1]         1.0000000000 
_pdbx_struct_oper_list.matrix[1][2]         0.0000000000 
_pdbx_struct_oper_list.matrix[1][3]         0.0000000000 
_pdbx_struct_oper_list.vector[1]            0.0000000000 
_pdbx_struct_oper_list.matrix[2][1]         0.0000000000 
_pdbx_struct_oper_list.matrix[2][2]         1.0000000000 
_pdbx_struct_oper_list.matrix[2][3]         0.0000000000 
_pdbx_struct_oper_list.vector[2]            0.0000000000 
_pdbx_struct_oper_list.matrix[3][1]         0.0000000000 
_pdbx_struct_oper_list.matrix[3][2]         0.0000000000 
_pdbx_struct_oper_list.matrix[3][3]         1.0000000000 
_pdbx_struct_oper_list.vector[3]            0.0000000000 
# 
loop_
_struct_conn.id 
_struct_conn.conn_type_id 
_struct_conn.pdbx_leaving_atom_flag 
_struct_conn.pdbx_PDB_id 
_struct_conn.ptnr1_label_asym_id 
_struct_conn.ptnr1_label_comp_id 
_struct_conn.ptnr1_label_seq_id 
_struct_conn.ptnr1_label_atom_id 
_struct_conn.pdbx_ptnr1_label_alt_id 
_struct_conn.pdbx_ptnr1_PDB_ins_code 
_struct_conn.pdbx_ptnr1_standard_comp_id 
_struct_conn.ptnr1_symmetry 
_struct_conn.ptnr2_label_asym_id 
_struct_conn.ptnr2_label_comp_id 
_struct_conn.ptnr2_label_seq_id 
_struct_conn.ptnr2_label_atom_id 
_struct_conn.pdbx_ptnr2_label_alt_id 
_struct_conn.pdbx_ptnr2_PDB_ins_code 
_struct_conn.ptnr1_auth_asym_id 
_struct_conn.ptnr1_auth_comp_id 
_struct_conn.ptnr1_auth_seq_id 
_struct_conn.ptnr2_auth_asym_id 
_struct_conn.ptnr2_auth_comp_id 
_struct_conn.ptnr2_auth_seq_id 
_struct_conn.ptnr2_symmetry 
_struct_conn.pdbx_ptnr3_label_atom_id 
_struct_conn.pdbx_ptnr3_label_seq_id 
_struct_conn.pdbx_ptnr3_label_comp_id 
_struct_conn.pdbx_ptnr3_label_asym_id 
_struct_conn.pdbx_ptnr3_label_alt_id 
_struct_conn.pdbx_ptnr3_PDB_ins_code 
_struct_conn.details 
_struct_conn.pdbx_dist_value 
_struct_conn.pdbx_value_order 
_struct_conn.pdbx_role 
metalc1  metalc ? ? A DT 1  O2  ? ? ? 1_555 E K   .  K  ? ? A DT 1   A K   104 1_555 ? ? ? ? ? ? ?               2.663 ? ? 
metalc2  metalc ? ? A DG 2  O6  ? ? ? 1_555 B K   .  K  ? ? A DG 2   A K   101 1_555 ? ? ? ? ? ? ?               2.783 ? ? 
metalc3  metalc ? ? A DG 3  O6  ? ? ? 1_555 B K   .  K  ? ? A DG 3   A K   101 1_555 ? ? ? ? ? ? ?               2.855 ? ? 
metalc4  metalc ? ? A DG 3  O6  ? ? ? 1_555 C K   .  K  ? ? A DG 3   A K   102 1_555 ? ? ? ? ? ? ?               2.869 ? ? 
metalc5  metalc ? ? A DG 5  O6  A ? ? 1_555 B K   .  K  ? ? A DG 5   A K   101 1_555 ? ? ? ? ? ? ?               2.754 ? ? 
metalc6  metalc ? ? A DG 5  O6  B ? ? 1_555 B K   .  K  ? ? A DG 5   A K   101 1_555 ? ? ? ? ? ? ?               2.762 ? ? 
metalc7  metalc ? ? A DG 6  O6  ? ? ? 1_555 B K   .  K  ? ? A DG 6   A K   101 1_555 ? ? ? ? ? ? ?               2.950 ? ? 
metalc8  metalc ? ? A DG 6  O6  ? ? ? 1_555 C K   .  K  ? ? A DG 6   A K   102 1_555 ? ? ? ? ? ? ?               2.772 ? ? 
metalc9  metalc ? ? A DT 7  O2  ? ? ? 1_555 E K   .  K  ? ? A DT 7   A K   104 5_555 ? ? ? ? ? ? ?               2.749 ? ? 
metalc10 metalc ? ? A DG 8  O6  ? ? ? 1_555 B K   .  K  ? ? A DG 8   A K   101 1_555 ? ? ? ? ? ? ?               2.899 ? ? 
metalc11 metalc ? ? A DG 9  O6  ? ? ? 1_555 B K   .  K  ? ? A DG 9   A K   101 1_555 ? ? ? ? ? ? ?               2.824 ? ? 
metalc12 metalc ? ? A DG 9  O6  ? ? ? 1_555 C K   .  K  ? ? A DG 9   A K   102 1_555 ? ? ? ? ? ? ?               2.887 ? ? 
metalc13 metalc ? ? A DG 11 O6  ? ? ? 1_555 B K   .  K  ? ? A DG 11  A K   101 1_555 ? ? ? ? ? ? ?               2.810 ? ? 
metalc14 metalc ? ? A DG 12 O6  ? ? ? 1_555 B K   .  K  ? ? A DG 12  A K   101 1_555 ? ? ? ? ? ? ?               2.770 ? ? 
metalc15 metalc ? ? A DG 12 O6  ? ? ? 1_555 C K   .  K  ? ? A DG 12  A K   102 1_555 ? ? ? ? ? ? ?               2.797 ? ? 
metalc16 metalc ? ? A DG 12 OP2 ? ? ? 1_555 F MG  .  MG ? ? A DG 12  A MG  105 1_555 ? ? ? ? ? ? ?               2.334 ? ? 
metalc17 metalc ? ? A DT 13 O4  ? ? ? 1_555 E K   .  K  ? ? A DT 13  A K   104 1_555 ? ? ? ? ? ? ?               2.600 ? ? 
metalc18 metalc ? ? A DG 15 O6  ? ? ? 1_555 C K   .  K  ? ? A DG 15  A K   102 1_555 ? ? ? ? ? ? ?               2.821 ? ? 
metalc19 metalc ? ? A DG 15 O6  ? ? ? 1_555 D K   .  K  ? ? A DG 15  A K   103 1_555 ? ? ? ? ? ? ?               2.811 ? ? 
metalc20 metalc ? ? A DG 17 O6  ? ? ? 1_555 D K   .  K  ? ? A DG 17  A K   103 1_555 ? ? ? ? ? ? ?               2.866 ? ? 
metalc21 metalc ? ? A DG 18 O6  ? ? ? 1_555 C K   .  K  ? ? A DG 18  A K   102 1_555 ? ? ? ? ? ? ?               2.762 ? ? 
metalc22 metalc ? ? A DG 18 O6  ? ? ? 1_555 D K   .  K  ? ? A DG 18  A K   103 1_555 ? ? ? ? ? ? ?               2.841 ? ? 
metalc23 metalc ? ? A DG 20 O6  ? ? ? 1_555 D K   .  K  ? ? A DG 20  A K   103 1_555 ? ? ? ? ? ? ?               2.855 ? ? 
metalc24 metalc ? ? A DG 21 O6  ? ? ? 1_555 C K   .  K  ? ? A DG 21  A K   102 1_555 ? ? ? ? ? ? ?               2.822 ? ? 
metalc25 metalc ? ? A DG 21 O6  ? ? ? 1_555 D K   .  K  ? ? A DG 21  A K   103 1_555 ? ? ? ? ? ? ?               2.902 ? ? 
metalc26 metalc ? ? A DG 23 O6  ? ? ? 1_555 D K   .  K  ? ? A DG 23  A K   103 1_555 ? ? ? ? ? ? ?               2.913 ? ? 
metalc27 metalc ? ? A DG 24 O6  ? ? ? 1_555 C K   .  K  ? ? A DG 24  A K   102 1_555 ? ? ? ? ? ? ?               2.837 ? ? 
metalc28 metalc ? ? A DG 24 O6  ? ? ? 1_555 D K   .  K  ? ? A DG 24  A K   103 1_555 ? ? ? ? ? ? ?               2.839 ? ? 
metalc29 metalc ? ? A DG 26 O6  ? ? ? 1_555 D K   .  K  ? ? A DG 26  A K   103 1_555 ? ? ? ? ? ? ?               2.757 ? ? 
metalc30 metalc ? ? D K  .  K   ? ? ? 1_555 G HOH .  O  ? ? A K  103 A HOH 217 5_554 ? ? ? ? ? ? ?               3.462 ? ? 
metalc31 metalc ? ? E K  .  K   ? ? ? 1_555 G HOH .  O  ? ? A K  104 A HOH 225 5_555 ? ? ? ? ? ? ?               2.747 ? ? 
metalc32 metalc ? ? E K  .  K   ? ? ? 1_555 G HOH .  O  ? ? A K  104 A HOH 227 1_555 ? ? ? ? ? ? ?               2.893 ? ? 
metalc33 metalc ? ? F MG .  MG  ? ? ? 1_555 G HOH .  O  ? ? A MG 105 A HOH 207 1_555 ? ? ? ? ? ? ?               2.241 ? ? 
metalc34 metalc ? ? F MG .  MG  ? ? ? 1_555 G HOH .  O  ? ? A MG 105 A HOH 211 1_555 ? ? ? ? ? ? ?               2.098 ? ? 
metalc35 metalc ? ? F MG .  MG  ? ? ? 1_555 G HOH .  O  ? ? A MG 105 A HOH 220 4_655 ? ? ? ? ? ? ?               1.954 ? ? 
metalc36 metalc ? ? F MG .  MG  ? ? ? 1_555 G HOH .  O  ? ? A MG 105 A HOH 226 1_555 ? ? ? ? ? ? ?               2.055 ? ? 
metalc37 metalc ? ? F MG .  MG  ? ? ? 1_555 G HOH .  O  ? ? A MG 105 A HOH 229 1_555 ? ? ? ? ? ? ?               2.002 ? ? 
hydrog1  hydrog ? ? A DT 1  N3  ? ? ? 1_555 A DG  5  O6 A ? A DT 1   A DG  5   1_555 ? ? ? ? ? ? TYPE_27_PAIR    ?     ? ? 
hydrog2  hydrog ? ? A DT 1  O4  ? ? ? 1_555 A DG  5  N1 A ? A DT 1   A DG  5   1_555 ? ? ? ? ? ? TYPE_27_PAIR    ?     ? ? 
hydrog3  hydrog ? ? A DT 1  O4  ? ? ? 1_555 A DT  7  N3 ? ? A DT 1   A DT  7   1_555 ? ? ? ? ? ? 'DT-DT MISPAIR' ?     ? ? 
hydrog4  hydrog ? ? A DG 2  N1  ? ? ? 1_555 A DG  5  O6 A ? A DG 2   A DG  5   1_555 ? ? ? ? ? ? TYPE_6_PAIR     ?     ? ? 
hydrog5  hydrog ? ? A DG 2  N2  ? ? ? 1_555 A DG  5  N7 A ? A DG 2   A DG  5   1_555 ? ? ? ? ? ? TYPE_6_PAIR     ?     ? ? 
hydrog6  hydrog ? ? A DG 2  N7  ? ? ? 1_555 A DG  11 N2 ? ? A DG 2   A DG  11  1_555 ? ? ? ? ? ? TYPE_6_PAIR     ?     ? ? 
hydrog7  hydrog ? ? A DG 2  O6  ? ? ? 1_555 A DG  11 N1 ? ? A DG 2   A DG  11  1_555 ? ? ? ? ? ? TYPE_6_PAIR     ?     ? ? 
hydrog8  hydrog ? ? A DG 3  N1  ? ? ? 1_555 A DG  6  O6 ? ? A DG 3   A DG  6   1_555 ? ? ? ? ? ? TYPE_6_PAIR     ?     ? ? 
hydrog9  hydrog ? ? A DG 3  N2  ? ? ? 1_555 A DG  6  N7 ? ? A DG 3   A DG  6   1_555 ? ? ? ? ? ? TYPE_6_PAIR     ?     ? ? 
hydrog10 hydrog ? ? A DG 3  N7  ? ? ? 1_555 A DG  12 N2 ? ? A DG 3   A DG  12  1_555 ? ? ? ? ? ? TYPE_6_PAIR     ?     ? ? 
hydrog11 hydrog ? ? A DG 3  O6  ? ? ? 1_555 A DG  12 N1 ? ? A DG 3   A DG  12  1_555 ? ? ? ? ? ? TYPE_6_PAIR     ?     ? ? 
hydrog12 hydrog ? ? A DG 5  N1  A ? ? 1_555 A DG  8  O6 ? ? A DG 5   A DG  8   1_555 ? ? ? ? ? ? TYPE_6_PAIR     ?     ? ? 
hydrog13 hydrog ? ? A DG 5  N2  A ? ? 1_555 A DG  8  N7 ? ? A DG 5   A DG  8   1_555 ? ? ? ? ? ? TYPE_6_PAIR     ?     ? ? 
hydrog14 hydrog ? ? A DG 6  N1  ? ? ? 1_555 A DG  9  O6 ? ? A DG 6   A DG  9   1_555 ? ? ? ? ? ? TYPE_6_PAIR     ?     ? ? 
hydrog15 hydrog ? ? A DG 6  N2  ? ? ? 1_555 A DG  9  N7 ? ? A DG 6   A DG  9   1_555 ? ? ? ? ? ? TYPE_6_PAIR     ?     ? ? 
hydrog16 hydrog ? ? A DG 8  N1  ? ? ? 1_555 A DG  11 O6 ? ? A DG 8   A DG  11  1_555 ? ? ? ? ? ? TYPE_6_PAIR     ?     ? ? 
hydrog17 hydrog ? ? A DG 8  N2  ? ? ? 1_555 A DG  11 N7 ? ? A DG 8   A DG  11  1_555 ? ? ? ? ? ? TYPE_6_PAIR     ?     ? ? 
hydrog18 hydrog ? ? A DG 9  N1  ? ? ? 1_555 A DG  12 O6 ? ? A DG 9   A DG  12  1_555 ? ? ? ? ? ? TYPE_6_PAIR     ?     ? ? 
hydrog19 hydrog ? ? A DG 9  N2  ? ? ? 1_555 A DG  12 N7 ? ? A DG 9   A DG  12  1_555 ? ? ? ? ? ? TYPE_6_PAIR     ?     ? ? 
hydrog20 hydrog ? ? A DG 15 N1  ? ? ? 1_555 A DG  18 O6 ? ? A DG 15  A DG  18  1_555 ? ? ? ? ? ? TYPE_6_PAIR     ?     ? ? 
hydrog21 hydrog ? ? A DG 15 N2  ? ? ? 1_555 A DG  18 N7 ? ? A DG 15  A DG  18  1_555 ? ? ? ? ? ? TYPE_6_PAIR     ?     ? ? 
hydrog22 hydrog ? ? A DG 15 N7  ? ? ? 1_555 A DG  24 N2 ? ? A DG 15  A DG  24  1_555 ? ? ? ? ? ? TYPE_6_PAIR     ?     ? ? 
hydrog23 hydrog ? ? A DG 15 O6  ? ? ? 1_555 A DG  24 N1 ? ? A DG 15  A DG  24  1_555 ? ? ? ? ? ? TYPE_6_PAIR     ?     ? ? 
hydrog24 hydrog ? ? A DG 17 N1  ? ? ? 1_555 A DG  20 O6 ? ? A DG 17  A DG  20  1_555 ? ? ? ? ? ? TYPE_6_PAIR     ?     ? ? 
hydrog25 hydrog ? ? A DG 17 N2  ? ? ? 1_555 A DG  20 N7 ? ? A DG 17  A DG  20  1_555 ? ? ? ? ? ? TYPE_6_PAIR     ?     ? ? 
hydrog26 hydrog ? ? A DG 17 N7  ? ? ? 1_555 A DG  26 N2 ? ? A DG 17  A DG  26  1_555 ? ? ? ? ? ? TYPE_6_PAIR     ?     ? ? 
hydrog27 hydrog ? ? A DG 17 O6  ? ? ? 1_555 A DG  26 N1 ? ? A DG 17  A DG  26  1_555 ? ? ? ? ? ? TYPE_6_PAIR     ?     ? ? 
hydrog28 hydrog ? ? A DG 18 N1  ? ? ? 1_555 A DG  21 O6 ? ? A DG 18  A DG  21  1_555 ? ? ? ? ? ? TYPE_6_PAIR     ?     ? ? 
hydrog29 hydrog ? ? A DG 18 N2  ? ? ? 1_555 A DG  21 N7 ? ? A DG 18  A DG  21  1_555 ? ? ? ? ? ? TYPE_6_PAIR     ?     ? ? 
hydrog30 hydrog ? ? A DG 20 N1  ? ? ? 1_555 A DG  23 O6 ? ? A DG 20  A DG  23  1_555 ? ? ? ? ? ? TYPE_6_PAIR     ?     ? ? 
hydrog31 hydrog ? ? A DG 20 N2  ? ? ? 1_555 A DG  23 N7 ? ? A DG 20  A DG  23  1_555 ? ? ? ? ? ? TYPE_6_PAIR     ?     ? ? 
hydrog32 hydrog ? ? A DG 21 N1  ? ? ? 1_555 A DG  24 O6 ? ? A DG 21  A DG  24  1_555 ? ? ? ? ? ? TYPE_6_PAIR     ?     ? ? 
hydrog33 hydrog ? ? A DG 21 N2  ? ? ? 1_555 A DG  24 N7 ? ? A DG 21  A DG  24  1_555 ? ? ? ? ? ? TYPE_6_PAIR     ?     ? ? 
hydrog34 hydrog ? ? A DG 23 N1  ? ? ? 1_555 A DG  26 O6 ? ? A DG 23  A DG  26  1_555 ? ? ? ? ? ? TYPE_6_PAIR     ?     ? ? 
hydrog35 hydrog ? ? A DG 23 N2  ? ? ? 1_555 A DG  26 N7 ? ? A DG 23  A DG  26  1_555 ? ? ? ? ? ? TYPE_6_PAIR     ?     ? ? 
# 
loop_
_struct_conn_type.id 
_struct_conn_type.criteria 
_struct_conn_type.reference 
metalc ? ? 
hydrog ? ? 
# 
loop_
_pdbx_struct_conn_angle.id 
_pdbx_struct_conn_angle.ptnr1_label_atom_id 
_pdbx_struct_conn_angle.ptnr1_label_alt_id 
_pdbx_struct_conn_angle.ptnr1_label_asym_id 
_pdbx_struct_conn_angle.ptnr1_label_comp_id 
_pdbx_struct_conn_angle.ptnr1_label_seq_id 
_pdbx_struct_conn_angle.ptnr1_auth_atom_id 
_pdbx_struct_conn_angle.ptnr1_auth_asym_id 
_pdbx_struct_conn_angle.ptnr1_auth_comp_id 
_pdbx_struct_conn_angle.ptnr1_auth_seq_id 
_pdbx_struct_conn_angle.ptnr1_PDB_ins_code 
_pdbx_struct_conn_angle.ptnr1_symmetry 
_pdbx_struct_conn_angle.ptnr2_label_atom_id 
_pdbx_struct_conn_angle.ptnr2_label_alt_id 
_pdbx_struct_conn_angle.ptnr2_label_asym_id 
_pdbx_struct_conn_angle.ptnr2_label_comp_id 
_pdbx_struct_conn_angle.ptnr2_label_seq_id 
_pdbx_struct_conn_angle.ptnr2_auth_atom_id 
_pdbx_struct_conn_angle.ptnr2_auth_asym_id 
_pdbx_struct_conn_angle.ptnr2_auth_comp_id 
_pdbx_struct_conn_angle.ptnr2_auth_seq_id 
_pdbx_struct_conn_angle.ptnr2_PDB_ins_code 
_pdbx_struct_conn_angle.ptnr2_symmetry 
_pdbx_struct_conn_angle.ptnr3_label_atom_id 
_pdbx_struct_conn_angle.ptnr3_label_alt_id 
_pdbx_struct_conn_angle.ptnr3_label_asym_id 
_pdbx_struct_conn_angle.ptnr3_label_comp_id 
_pdbx_struct_conn_angle.ptnr3_label_seq_id 
_pdbx_struct_conn_angle.ptnr3_auth_atom_id 
_pdbx_struct_conn_angle.ptnr3_auth_asym_id 
_pdbx_struct_conn_angle.ptnr3_auth_comp_id 
_pdbx_struct_conn_angle.ptnr3_auth_seq_id 
_pdbx_struct_conn_angle.ptnr3_PDB_ins_code 
_pdbx_struct_conn_angle.ptnr3_symmetry 
_pdbx_struct_conn_angle.value 
_pdbx_struct_conn_angle.value_esd 
1   O2  ? A DT  1  ? A DT  1   ? 1_555 K  ? E K  . ? A K  104 ? 1_555 O2 ? A DT  7  ? A DT  7   ? 1_555 79.9  ? 
2   O2  ? A DT  1  ? A DT  1   ? 1_555 K  ? E K  . ? A K  104 ? 1_555 O4 ? A DT  13 ? A DT  13  ? 1_555 84.3  ? 
3   O2  ? A DT  7  ? A DT  7   ? 1_555 K  ? E K  . ? A K  104 ? 1_555 O4 ? A DT  13 ? A DT  13  ? 1_555 147.2 ? 
4   O2  ? A DT  1  ? A DT  1   ? 1_555 K  ? E K  . ? A K  104 ? 1_555 O  ? G HOH .  ? A HOH 225 ? 5_555 101.8 ? 
5   O2  ? A DT  7  ? A DT  7   ? 1_555 K  ? E K  . ? A K  104 ? 1_555 O  ? G HOH .  ? A HOH 225 ? 5_555 29.5  ? 
6   O4  ? A DT  13 ? A DT  13  ? 1_555 K  ? E K  . ? A K  104 ? 1_555 O  ? G HOH .  ? A HOH 225 ? 5_555 169.2 ? 
7   O2  ? A DT  1  ? A DT  1   ? 1_555 K  ? E K  . ? A K  104 ? 1_555 O  ? G HOH .  ? A HOH 227 ? 1_555 70.3  ? 
8   O2  ? A DT  7  ? A DT  7   ? 1_555 K  ? E K  . ? A K  104 ? 1_555 O  ? G HOH .  ? A HOH 227 ? 1_555 49.7  ? 
9   O4  ? A DT  13 ? A DT  13  ? 1_555 K  ? E K  . ? A K  104 ? 1_555 O  ? G HOH .  ? A HOH 227 ? 1_555 97.8  ? 
10  O   ? G HOH .  ? A HOH 225 ? 5_555 K  ? E K  . ? A K  104 ? 1_555 O  ? G HOH .  ? A HOH 227 ? 1_555 76.2  ? 
11  O6  ? A DG  2  ? A DG  2   ? 1_555 K  ? B K  . ? A K  101 ? 1_555 O6 ? A DG  3  ? A DG  3   ? 1_555 78.1  ? 
12  O6  ? A DG  2  ? A DG  2   ? 1_555 K  ? B K  . ? A K  101 ? 1_555 O6 A A DG  5  ? A DG  5   ? 1_555 69.5  ? 
13  O6  ? A DG  3  ? A DG  3   ? 1_555 K  ? B K  . ? A K  101 ? 1_555 O6 A A DG  5  ? A DG  5   ? 1_555 89.8  ? 
14  O6  ? A DG  2  ? A DG  2   ? 1_555 K  ? B K  . ? A K  101 ? 1_555 O6 B A DG  5  ? A DG  5   ? 1_555 69.7  ? 
15  O6  ? A DG  3  ? A DG  3   ? 1_555 K  ? B K  . ? A K  101 ? 1_555 O6 B A DG  5  ? A DG  5   ? 1_555 90.3  ? 
16  O6  A A DG  5  ? A DG  5   ? 1_555 K  ? B K  . ? A K  101 ? 1_555 O6 B A DG  5  ? A DG  5   ? 1_555 0.5   ? 
17  O6  ? A DG  2  ? A DG  2   ? 1_555 K  ? B K  . ? A K  101 ? 1_555 O6 ? A DG  6  ? A DG  6   ? 1_555 133.1 ? 
18  O6  ? A DG  3  ? A DG  3   ? 1_555 K  ? B K  . ? A K  101 ? 1_555 O6 ? A DG  6  ? A DG  6   ? 1_555 64.9  ? 
19  O6  A A DG  5  ? A DG  5   ? 1_555 K  ? B K  . ? A K  101 ? 1_555 O6 ? A DG  6  ? A DG  6   ? 1_555 82.1  ? 
20  O6  B A DG  5  ? A DG  5   ? 1_555 K  ? B K  . ? A K  101 ? 1_555 O6 ? A DG  6  ? A DG  6   ? 1_555 82.2  ? 
21  O6  ? A DG  2  ? A DG  2   ? 1_555 K  ? B K  . ? A K  101 ? 1_555 O6 ? A DG  8  ? A DG  8   ? 1_555 105.6 ? 
22  O6  ? A DG  3  ? A DG  3   ? 1_555 K  ? B K  . ? A K  101 ? 1_555 O6 ? A DG  8  ? A DG  8   ? 1_555 155.7 ? 
23  O6  A A DG  5  ? A DG  5   ? 1_555 K  ? B K  . ? A K  101 ? 1_555 O6 ? A DG  8  ? A DG  8   ? 1_555 69.9  ? 
24  O6  B A DG  5  ? A DG  5   ? 1_555 K  ? B K  . ? A K  101 ? 1_555 O6 ? A DG  8  ? A DG  8   ? 1_555 69.4  ? 
25  O6  ? A DG  6  ? A DG  6   ? 1_555 K  ? B K  . ? A K  101 ? 1_555 O6 ? A DG  8  ? A DG  8   ? 1_555 98.1  ? 
26  O6  ? A DG  2  ? A DG  2   ? 1_555 K  ? B K  . ? A K  101 ? 1_555 O6 ? A DG  9  ? A DG  9   ? 1_555 155.5 ? 
27  O6  ? A DG  3  ? A DG  3   ? 1_555 K  ? B K  . ? A K  101 ? 1_555 O6 ? A DG  9  ? A DG  9   ? 1_555 103.5 ? 
28  O6  A A DG  5  ? A DG  5   ? 1_555 K  ? B K  . ? A K  101 ? 1_555 O6 ? A DG  9  ? A DG  9   ? 1_555 134.4 ? 
29  O6  B A DG  5  ? A DG  5   ? 1_555 K  ? B K  . ? A K  101 ? 1_555 O6 ? A DG  9  ? A DG  9   ? 1_555 134.1 ? 
30  O6  ? A DG  6  ? A DG  6   ? 1_555 K  ? B K  . ? A K  101 ? 1_555 O6 ? A DG  9  ? A DG  9   ? 1_555 65.8  ? 
31  O6  ? A DG  8  ? A DG  8   ? 1_555 K  ? B K  . ? A K  101 ? 1_555 O6 ? A DG  9  ? A DG  9   ? 1_555 83.1  ? 
32  O6  ? A DG  2  ? A DG  2   ? 1_555 K  ? B K  . ? A K  101 ? 1_555 O6 ? A DG  11 ? A DG  11  ? 1_555 71.4  ? 
33  O6  ? A DG  3  ? A DG  3   ? 1_555 K  ? B K  . ? A K  101 ? 1_555 O6 ? A DG  11 ? A DG  11  ? 1_555 133.0 ? 
34  O6  A A DG  5  ? A DG  5   ? 1_555 K  ? B K  . ? A K  101 ? 1_555 O6 ? A DG  11 ? A DG  11  ? 1_555 111.0 ? 
35  O6  B A DG  5  ? A DG  5   ? 1_555 K  ? B K  . ? A K  101 ? 1_555 O6 ? A DG  11 ? A DG  11  ? 1_555 110.7 ? 
36  O6  ? A DG  6  ? A DG  6   ? 1_555 K  ? B K  . ? A K  101 ? 1_555 O6 ? A DG  11 ? A DG  11  ? 1_555 155.5 ? 
37  O6  ? A DG  8  ? A DG  8   ? 1_555 K  ? B K  . ? A K  101 ? 1_555 O6 ? A DG  11 ? A DG  11  ? 1_555 69.1  ? 
38  O6  ? A DG  9  ? A DG  9   ? 1_555 K  ? B K  . ? A K  101 ? 1_555 O6 ? A DG  11 ? A DG  11  ? 1_555 91.4  ? 
39  O6  ? A DG  2  ? A DG  2   ? 1_555 K  ? B K  . ? A K  101 ? 1_555 O6 ? A DG  12 ? A DG  12  ? 1_555 91.9  ? 
40  O6  ? A DG  3  ? A DG  3   ? 1_555 K  ? B K  . ? A K  101 ? 1_555 O6 ? A DG  12 ? A DG  12  ? 1_555 68.1  ? 
41  O6  A A DG  5  ? A DG  5   ? 1_555 K  ? B K  . ? A K  101 ? 1_555 O6 ? A DG  12 ? A DG  12  ? 1_555 154.0 ? 
42  O6  B A DG  5  ? A DG  5   ? 1_555 K  ? B K  . ? A K  101 ? 1_555 O6 ? A DG  12 ? A DG  12  ? 1_555 154.6 ? 
43  O6  ? A DG  6  ? A DG  6   ? 1_555 K  ? B K  . ? A K  101 ? 1_555 O6 ? A DG  12 ? A DG  12  ? 1_555 99.5  ? 
44  O6  ? A DG  8  ? A DG  8   ? 1_555 K  ? B K  . ? A K  101 ? 1_555 O6 ? A DG  12 ? A DG  12  ? 1_555 134.5 ? 
45  O6  ? A DG  9  ? A DG  9   ? 1_555 K  ? B K  . ? A K  101 ? 1_555 O6 ? A DG  12 ? A DG  12  ? 1_555 67.0  ? 
46  O6  ? A DG  11 ? A DG  11  ? 1_555 K  ? B K  . ? A K  101 ? 1_555 O6 ? A DG  12 ? A DG  12  ? 1_555 77.9  ? 
47  O6  ? A DG  3  ? A DG  3   ? 1_555 K  ? C K  . ? A K  102 ? 1_555 O6 ? A DG  6  ? A DG  6   ? 1_555 67.0  ? 
48  O6  ? A DG  3  ? A DG  3   ? 1_555 K  ? C K  . ? A K  102 ? 1_555 O6 ? A DG  9  ? A DG  9   ? 1_555 101.6 ? 
49  O6  ? A DG  6  ? A DG  6   ? 1_555 K  ? C K  . ? A K  102 ? 1_555 O6 ? A DG  9  ? A DG  9   ? 1_555 67.3  ? 
50  O6  ? A DG  3  ? A DG  3   ? 1_555 K  ? C K  . ? A K  102 ? 1_555 O6 ? A DG  12 ? A DG  12  ? 1_555 67.5  ? 
51  O6  ? A DG  6  ? A DG  6   ? 1_555 K  ? C K  . ? A K  102 ? 1_555 O6 ? A DG  12 ? A DG  12  ? 1_555 103.3 ? 
52  O6  ? A DG  9  ? A DG  9   ? 1_555 K  ? C K  . ? A K  102 ? 1_555 O6 ? A DG  12 ? A DG  12  ? 1_555 65.8  ? 
53  O6  ? A DG  3  ? A DG  3   ? 1_555 K  ? C K  . ? A K  102 ? 1_555 O6 ? A DG  15 ? A DG  15  ? 1_555 91.1  ? 
54  O6  ? A DG  6  ? A DG  6   ? 1_555 K  ? C K  . ? A K  102 ? 1_555 O6 ? A DG  15 ? A DG  15  ? 1_555 152.9 ? 
55  O6  ? A DG  9  ? A DG  9   ? 1_555 K  ? C K  . ? A K  102 ? 1_555 O6 ? A DG  15 ? A DG  15  ? 1_555 135.9 ? 
56  O6  ? A DG  12 ? A DG  12  ? 1_555 K  ? C K  . ? A K  102 ? 1_555 O6 ? A DG  15 ? A DG  15  ? 1_555 81.2  ? 
57  O6  ? A DG  3  ? A DG  3   ? 1_555 K  ? C K  . ? A K  102 ? 1_555 O6 ? A DG  18 ? A DG  18  ? 1_555 151.5 ? 
58  O6  ? A DG  6  ? A DG  6   ? 1_555 K  ? C K  . ? A K  102 ? 1_555 O6 ? A DG  18 ? A DG  18  ? 1_555 138.3 ? 
59  O6  ? A DG  9  ? A DG  9   ? 1_555 K  ? C K  . ? A K  102 ? 1_555 O6 ? A DG  18 ? A DG  18  ? 1_555 83.5  ? 
60  O6  ? A DG  12 ? A DG  12  ? 1_555 K  ? C K  . ? A K  102 ? 1_555 O6 ? A DG  18 ? A DG  18  ? 1_555 90.0  ? 
61  O6  ? A DG  15 ? A DG  15  ? 1_555 K  ? C K  . ? A K  102 ? 1_555 O6 ? A DG  18 ? A DG  18  ? 1_555 67.5  ? 
62  O6  ? A DG  3  ? A DG  3   ? 1_555 K  ? C K  . ? A K  102 ? 1_555 O6 ? A DG  21 ? A DG  21  ? 1_555 137.8 ? 
63  O6  ? A DG  6  ? A DG  6   ? 1_555 K  ? C K  . ? A K  102 ? 1_555 O6 ? A DG  21 ? A DG  21  ? 1_555 84.3  ? 
64  O6  ? A DG  9  ? A DG  9   ? 1_555 K  ? C K  . ? A K  102 ? 1_555 O6 ? A DG  21 ? A DG  21  ? 1_555 94.5  ? 
65  O6  ? A DG  12 ? A DG  12  ? 1_555 K  ? C K  . ? A K  102 ? 1_555 O6 ? A DG  21 ? A DG  21  ? 1_555 152.8 ? 
66  O6  ? A DG  15 ? A DG  15  ? 1_555 K  ? C K  . ? A K  102 ? 1_555 O6 ? A DG  21 ? A DG  21  ? 1_555 104.0 ? 
67  O6  ? A DG  18 ? A DG  18  ? 1_555 K  ? C K  . ? A K  102 ? 1_555 O6 ? A DG  21 ? A DG  21  ? 1_555 68.4  ? 
68  O6  ? A DG  3  ? A DG  3   ? 1_555 K  ? C K  . ? A K  102 ? 1_555 O6 ? A DG  24 ? A DG  24  ? 1_555 84.0  ? 
69  O6  ? A DG  6  ? A DG  6   ? 1_555 K  ? C K  . ? A K  102 ? 1_555 O6 ? A DG  24 ? A DG  24  ? 1_555 93.0  ? 
70  O6  ? A DG  9  ? A DG  9   ? 1_555 K  ? C K  . ? A K  102 ? 1_555 O6 ? A DG  24 ? A DG  24  ? 1_555 154.6 ? 
71  O6  ? A DG  12 ? A DG  12  ? 1_555 K  ? C K  . ? A K  102 ? 1_555 O6 ? A DG  24 ? A DG  24  ? 1_555 137.4 ? 
72  O6  ? A DG  15 ? A DG  15  ? 1_555 K  ? C K  . ? A K  102 ? 1_555 O6 ? A DG  24 ? A DG  24  ? 1_555 67.9  ? 
73  O6  ? A DG  18 ? A DG  18  ? 1_555 K  ? C K  . ? A K  102 ? 1_555 O6 ? A DG  24 ? A DG  24  ? 1_555 103.5 ? 
74  O6  ? A DG  21 ? A DG  21  ? 1_555 K  ? C K  . ? A K  102 ? 1_555 O6 ? A DG  24 ? A DG  24  ? 1_555 66.6  ? 
75  OP2 ? A DG  12 ? A DG  12  ? 1_555 MG ? F MG . ? A MG 105 ? 1_555 O  ? G HOH .  ? A HOH 207 ? 1_555 94.2  ? 
76  OP2 ? A DG  12 ? A DG  12  ? 1_555 MG ? F MG . ? A MG 105 ? 1_555 O  ? G HOH .  ? A HOH 211 ? 1_555 97.8  ? 
77  O   ? G HOH .  ? A HOH 207 ? 1_555 MG ? F MG . ? A MG 105 ? 1_555 O  ? G HOH .  ? A HOH 211 ? 1_555 86.5  ? 
78  OP2 ? A DG  12 ? A DG  12  ? 1_555 MG ? F MG . ? A MG 105 ? 1_555 O  ? G HOH .  ? A HOH 220 ? 4_655 167.4 ? 
79  O   ? G HOH .  ? A HOH 207 ? 1_555 MG ? F MG . ? A MG 105 ? 1_555 O  ? G HOH .  ? A HOH 220 ? 4_655 82.7  ? 
80  O   ? G HOH .  ? A HOH 211 ? 1_555 MG ? F MG . ? A MG 105 ? 1_555 O  ? G HOH .  ? A HOH 220 ? 4_655 94.3  ? 
81  OP2 ? A DG  12 ? A DG  12  ? 1_555 MG ? F MG . ? A MG 105 ? 1_555 O  ? G HOH .  ? A HOH 226 ? 1_555 81.1  ? 
82  O   ? G HOH .  ? A HOH 207 ? 1_555 MG ? F MG . ? A MG 105 ? 1_555 O  ? G HOH .  ? A HOH 226 ? 1_555 173.1 ? 
83  O   ? G HOH .  ? A HOH 211 ? 1_555 MG ? F MG . ? A MG 105 ? 1_555 O  ? G HOH .  ? A HOH 226 ? 1_555 89.1  ? 
84  O   ? G HOH .  ? A HOH 220 ? 4_655 MG ? F MG . ? A MG 105 ? 1_555 O  ? G HOH .  ? A HOH 226 ? 1_555 103.0 ? 
85  OP2 ? A DG  12 ? A DG  12  ? 1_555 MG ? F MG . ? A MG 105 ? 1_555 O  ? G HOH .  ? A HOH 229 ? 1_555 86.2  ? 
86  O   ? G HOH .  ? A HOH 207 ? 1_555 MG ? F MG . ? A MG 105 ? 1_555 O  ? G HOH .  ? A HOH 229 ? 1_555 79.7  ? 
87  O   ? G HOH .  ? A HOH 211 ? 1_555 MG ? F MG . ? A MG 105 ? 1_555 O  ? G HOH .  ? A HOH 229 ? 1_555 165.9 ? 
88  O   ? G HOH .  ? A HOH 220 ? 4_655 MG ? F MG . ? A MG 105 ? 1_555 O  ? G HOH .  ? A HOH 229 ? 1_555 81.2  ? 
89  O   ? G HOH .  ? A HOH 226 ? 1_555 MG ? F MG . ? A MG 105 ? 1_555 O  ? G HOH .  ? A HOH 229 ? 1_555 104.9 ? 
90  O6  ? A DG  15 ? A DG  15  ? 1_555 K  ? D K  . ? A K  103 ? 1_555 O6 ? A DG  17 ? A DG  17  ? 1_555 94.6  ? 
91  O6  ? A DG  15 ? A DG  15  ? 1_555 K  ? D K  . ? A K  103 ? 1_555 O6 ? A DG  18 ? A DG  18  ? 1_555 66.6  ? 
92  O6  ? A DG  17 ? A DG  17  ? 1_555 K  ? D K  . ? A K  103 ? 1_555 O6 ? A DG  18 ? A DG  18  ? 1_555 81.6  ? 
93  O6  ? A DG  15 ? A DG  15  ? 1_555 K  ? D K  . ? A K  103 ? 1_555 O6 ? A DG  20 ? A DG  20  ? 1_555 156.4 ? 
94  O6  ? A DG  17 ? A DG  17  ? 1_555 K  ? D K  . ? A K  103 ? 1_555 O6 ? A DG  20 ? A DG  20  ? 1_555 68.4  ? 
95  O6  ? A DG  18 ? A DG  18  ? 1_555 K  ? D K  . ? A K  103 ? 1_555 O6 ? A DG  20 ? A DG  20  ? 1_555 94.0  ? 
96  O6  ? A DG  15 ? A DG  15  ? 1_555 K  ? D K  . ? A K  103 ? 1_555 O6 ? A DG  21 ? A DG  21  ? 1_555 102.2 ? 
97  O6  ? A DG  17 ? A DG  17  ? 1_555 K  ? D K  . ? A K  103 ? 1_555 O6 ? A DG  21 ? A DG  21  ? 1_555 133.1 ? 
98  O6  ? A DG  18 ? A DG  18  ? 1_555 K  ? D K  . ? A K  103 ? 1_555 O6 ? A DG  21 ? A DG  21  ? 1_555 66.3  ? 
99  O6  ? A DG  20 ? A DG  20  ? 1_555 K  ? D K  . ? A K  103 ? 1_555 O6 ? A DG  21 ? A DG  21  ? 1_555 80.2  ? 
100 O6  ? A DG  15 ? A DG  15  ? 1_555 K  ? D K  . ? A K  103 ? 1_555 O6 ? A DG  23 ? A DG  23  ? 1_555 132.7 ? 
101 O6  ? A DG  17 ? A DG  17  ? 1_555 K  ? D K  . ? A K  103 ? 1_555 O6 ? A DG  23 ? A DG  23  ? 1_555 104.7 ? 
102 O6  ? A DG  18 ? A DG  18  ? 1_555 K  ? D K  . ? A K  103 ? 1_555 O6 ? A DG  23 ? A DG  23  ? 1_555 157.7 ? 
103 O6  ? A DG  20 ? A DG  20  ? 1_555 K  ? D K  . ? A K  103 ? 1_555 O6 ? A DG  23 ? A DG  23  ? 1_555 69.5  ? 
104 O6  ? A DG  21 ? A DG  21  ? 1_555 K  ? D K  . ? A K  103 ? 1_555 O6 ? A DG  23 ? A DG  23  ? 1_555 95.3  ? 
105 O6  ? A DG  15 ? A DG  15  ? 1_555 K  ? D K  . ? A K  103 ? 1_555 O6 ? A DG  24 ? A DG  24  ? 1_555 68.0  ? 
106 O6  ? A DG  17 ? A DG  17  ? 1_555 K  ? D K  . ? A K  103 ? 1_555 O6 ? A DG  24 ? A DG  24  ? 1_555 158.6 ? 
107 O6  ? A DG  18 ? A DG  18  ? 1_555 K  ? D K  . ? A K  103 ? 1_555 O6 ? A DG  24 ? A DG  24  ? 1_555 101.5 ? 
108 O6  ? A DG  20 ? A DG  20  ? 1_555 K  ? D K  . ? A K  103 ? 1_555 O6 ? A DG  24 ? A DG  24  ? 1_555 131.8 ? 
109 O6  ? A DG  21 ? A DG  21  ? 1_555 K  ? D K  . ? A K  103 ? 1_555 O6 ? A DG  24 ? A DG  24  ? 1_555 65.5  ? 
110 O6  ? A DG  23 ? A DG  23  ? 1_555 K  ? D K  . ? A K  103 ? 1_555 O6 ? A DG  24 ? A DG  24  ? 1_555 80.6  ? 
111 O6  ? A DG  15 ? A DG  15  ? 1_555 K  ? D K  . ? A K  103 ? 1_555 O6 ? A DG  26 ? A DG  26  ? 1_555 75.4  ? 
112 O6  ? A DG  17 ? A DG  17  ? 1_555 K  ? D K  . ? A K  103 ? 1_555 O6 ? A DG  26 ? A DG  26  ? 1_555 72.5  ? 
113 O6  ? A DG  18 ? A DG  18  ? 1_555 K  ? D K  . ? A K  103 ? 1_555 O6 ? A DG  26 ? A DG  26  ? 1_555 131.6 ? 
114 O6  ? A DG  20 ? A DG  20  ? 1_555 K  ? D K  . ? A K  103 ? 1_555 O6 ? A DG  26 ? A DG  26  ? 1_555 112.4 ? 
115 O6  ? A DG  21 ? A DG  21  ? 1_555 K  ? D K  . ? A K  103 ? 1_555 O6 ? A DG  26 ? A DG  26  ? 1_555 154.1 ? 
116 O6  ? A DG  23 ? A DG  23  ? 1_555 K  ? D K  . ? A K  103 ? 1_555 O6 ? A DG  26 ? A DG  26  ? 1_555 70.2  ? 
117 O6  ? A DG  24 ? A DG  24  ? 1_555 K  ? D K  . ? A K  103 ? 1_555 O6 ? A DG  26 ? A DG  26  ? 1_555 90.4  ? 
118 O6  ? A DG  15 ? A DG  15  ? 1_555 K  ? D K  . ? A K  103 ? 1_555 O  ? G HOH .  ? A HOH 217 ? 5_554 126.7 ? 
119 O6  ? A DG  17 ? A DG  17  ? 1_555 K  ? D K  . ? A K  103 ? 1_555 O  ? G HOH .  ? A HOH 217 ? 5_554 51.9  ? 
120 O6  ? A DG  18 ? A DG  18  ? 1_555 K  ? D K  . ? A K  103 ? 1_555 O  ? G HOH .  ? A HOH 217 ? 5_554 130.0 ? 
121 O6  ? A DG  20 ? A DG  20  ? 1_555 K  ? D K  . ? A K  103 ? 1_555 O  ? G HOH .  ? A HOH 217 ? 5_554 55.6  ? 
122 O6  ? A DG  21 ? A DG  21  ? 1_555 K  ? D K  . ? A K  103 ? 1_555 O  ? G HOH .  ? A HOH 217 ? 5_554 131.0 ? 
123 O6  ? A DG  23 ? A DG  23  ? 1_555 K  ? D K  . ? A K  103 ? 1_555 O  ? G HOH .  ? A HOH 217 ? 5_554 52.8  ? 
124 O6  ? A DG  24 ? A DG  24  ? 1_555 K  ? D K  . ? A K  103 ? 1_555 O  ? G HOH .  ? A HOH 217 ? 5_554 128.5 ? 
125 O6  ? A DG  26 ? A DG  26  ? 1_555 K  ? D K  . ? A K  103 ? 1_555 O  ? G HOH .  ? A HOH 217 ? 5_554 56.8  ? 
# 
loop_
_struct_site.id 
_struct_site.pdbx_evidence_code 
_struct_site.pdbx_auth_asym_id 
_struct_site.pdbx_auth_comp_id 
_struct_site.pdbx_auth_seq_id 
_struct_site.pdbx_auth_ins_code 
_struct_site.pdbx_num_residues 
_struct_site.details 
AC1 Software A K  101 ? 9  'binding site for residue K A 101'  
AC2 Software A K  102 ? 10 'binding site for residue K A 102'  
AC3 Software A K  103 ? 9  'binding site for residue K A 103'  
AC4 Software A K  104 ? 6  'binding site for residue K A 104'  
AC5 Software A MG 105 ? 6  'binding site for residue MG A 105' 
# 
loop_
_struct_site_gen.id 
_struct_site_gen.site_id 
_struct_site_gen.pdbx_num_res 
_struct_site_gen.label_comp_id 
_struct_site_gen.label_asym_id 
_struct_site_gen.label_seq_id 
_struct_site_gen.pdbx_auth_ins_code 
_struct_site_gen.auth_comp_id 
_struct_site_gen.auth_asym_id 
_struct_site_gen.auth_seq_id 
_struct_site_gen.label_atom_id 
_struct_site_gen.label_alt_id 
_struct_site_gen.symmetry 
_struct_site_gen.details 
1  AC1 9  DG  A 2  ? DG  A 2   . ? 1_555 ? 
2  AC1 9  DG  A 3  ? DG  A 3   . ? 1_555 ? 
3  AC1 9  DG  A 5  ? DG  A 5   . ? 1_555 ? 
4  AC1 9  DG  A 6  ? DG  A 6   . ? 1_555 ? 
5  AC1 9  DG  A 8  ? DG  A 8   . ? 1_555 ? 
6  AC1 9  DG  A 9  ? DG  A 9   . ? 1_555 ? 
7  AC1 9  DG  A 11 ? DG  A 11  . ? 1_555 ? 
8  AC1 9  DG  A 12 ? DG  A 12  . ? 1_555 ? 
9  AC1 9  K   C .  ? K   A 102 . ? 1_555 ? 
10 AC2 10 DG  A 3  ? DG  A 3   . ? 1_555 ? 
11 AC2 10 DG  A 6  ? DG  A 6   . ? 1_555 ? 
12 AC2 10 DG  A 9  ? DG  A 9   . ? 1_555 ? 
13 AC2 10 DG  A 12 ? DG  A 12  . ? 1_555 ? 
14 AC2 10 DG  A 15 ? DG  A 15  . ? 1_555 ? 
15 AC2 10 DG  A 18 ? DG  A 18  . ? 1_555 ? 
16 AC2 10 DG  A 21 ? DG  A 21  . ? 1_555 ? 
17 AC2 10 DG  A 24 ? DG  A 24  . ? 1_555 ? 
18 AC2 10 K   B .  ? K   A 101 . ? 1_555 ? 
19 AC2 10 K   D .  ? K   A 103 . ? 1_555 ? 
20 AC3 9  DG  A 15 ? DG  A 15  . ? 1_555 ? 
21 AC3 9  DG  A 17 ? DG  A 17  . ? 1_555 ? 
22 AC3 9  DG  A 18 ? DG  A 18  . ? 1_555 ? 
23 AC3 9  DG  A 20 ? DG  A 20  . ? 1_555 ? 
24 AC3 9  DG  A 21 ? DG  A 21  . ? 1_555 ? 
25 AC3 9  DG  A 23 ? DG  A 23  . ? 1_555 ? 
26 AC3 9  DG  A 24 ? DG  A 24  . ? 1_555 ? 
27 AC3 9  DG  A 26 ? DG  A 26  . ? 1_555 ? 
28 AC3 9  K   C .  ? K   A 102 . ? 1_555 ? 
29 AC4 6  DT  A 1  ? DT  A 1   . ? 1_555 ? 
30 AC4 6  DT  A 7  ? DT  A 7   . ? 5_555 ? 
31 AC4 6  DG  A 8  ? DG  A 8   . ? 5_555 ? 
32 AC4 6  DT  A 13 ? DT  A 13  . ? 1_555 ? 
33 AC4 6  HOH G .  ? HOH A 225 . ? 5_555 ? 
34 AC4 6  HOH G .  ? HOH A 227 . ? 1_555 ? 
35 AC5 6  DG  A 12 ? DG  A 12  . ? 1_555 ? 
36 AC5 6  HOH G .  ? HOH A 207 . ? 1_555 ? 
37 AC5 6  HOH G .  ? HOH A 211 . ? 1_555 ? 
38 AC5 6  HOH G .  ? HOH A 220 . ? 4_655 ? 
39 AC5 6  HOH G .  ? HOH A 226 . ? 1_555 ? 
40 AC5 6  HOH G .  ? HOH A 229 . ? 1_555 ? 
# 
_pdbx_validate_rmsd_angle.id                         1 
_pdbx_validate_rmsd_angle.PDB_model_num              1 
_pdbx_validate_rmsd_angle.auth_atom_id_1             "O4'" 
_pdbx_validate_rmsd_angle.auth_asym_id_1             A 
_pdbx_validate_rmsd_angle.auth_comp_id_1             DG 
_pdbx_validate_rmsd_angle.auth_seq_id_1              11 
_pdbx_validate_rmsd_angle.PDB_ins_code_1             ? 
_pdbx_validate_rmsd_angle.label_alt_id_1             ? 
_pdbx_validate_rmsd_angle.auth_atom_id_2             "C1'" 
_pdbx_validate_rmsd_angle.auth_asym_id_2             A 
_pdbx_validate_rmsd_angle.auth_comp_id_2             DG 
_pdbx_validate_rmsd_angle.auth_seq_id_2              11 
_pdbx_validate_rmsd_angle.PDB_ins_code_2             ? 
_pdbx_validate_rmsd_angle.label_alt_id_2             ? 
_pdbx_validate_rmsd_angle.auth_atom_id_3             N9 
_pdbx_validate_rmsd_angle.auth_asym_id_3             A 
_pdbx_validate_rmsd_angle.auth_comp_id_3             DG 
_pdbx_validate_rmsd_angle.auth_seq_id_3              11 
_pdbx_validate_rmsd_angle.PDB_ins_code_3             ? 
_pdbx_validate_rmsd_angle.label_alt_id_3             ? 
_pdbx_validate_rmsd_angle.angle_value                103.66 
_pdbx_validate_rmsd_angle.angle_target_value         108.00 
_pdbx_validate_rmsd_angle.angle_deviation            -4.34 
_pdbx_validate_rmsd_angle.angle_standard_deviation   0.70 
_pdbx_validate_rmsd_angle.linker_flag                N 
# 
loop_
_pdbx_struct_special_symmetry.id 
_pdbx_struct_special_symmetry.PDB_model_num 
_pdbx_struct_special_symmetry.auth_asym_id 
_pdbx_struct_special_symmetry.auth_comp_id 
_pdbx_struct_special_symmetry.auth_seq_id 
_pdbx_struct_special_symmetry.PDB_ins_code 
_pdbx_struct_special_symmetry.label_asym_id 
_pdbx_struct_special_symmetry.label_comp_id 
_pdbx_struct_special_symmetry.label_seq_id 
1 1 A HOH 235 ? G HOH . 
2 1 A HOH 237 ? G HOH . 
# 
loop_
_chem_comp_atom.comp_id 
_chem_comp_atom.atom_id 
_chem_comp_atom.type_symbol 
_chem_comp_atom.pdbx_aromatic_flag 
_chem_comp_atom.pdbx_stereo_config 
_chem_comp_atom.pdbx_ordinal 
DG  OP3    O  N N 1  
DG  P      P  N N 2  
DG  OP1    O  N N 3  
DG  OP2    O  N N 4  
DG  "O5'"  O  N N 5  
DG  "C5'"  C  N N 6  
DG  "C4'"  C  N R 7  
DG  "O4'"  O  N N 8  
DG  "C3'"  C  N S 9  
DG  "O3'"  O  N N 10 
DG  "C2'"  C  N N 11 
DG  "C1'"  C  N R 12 
DG  N9     N  Y N 13 
DG  C8     C  Y N 14 
DG  N7     N  Y N 15 
DG  C5     C  Y N 16 
DG  C6     C  N N 17 
DG  O6     O  N N 18 
DG  N1     N  N N 19 
DG  C2     C  N N 20 
DG  N2     N  N N 21 
DG  N3     N  N N 22 
DG  C4     C  Y N 23 
DG  HOP3   H  N N 24 
DG  HOP2   H  N N 25 
DG  "H5'"  H  N N 26 
DG  "H5''" H  N N 27 
DG  "H4'"  H  N N 28 
DG  "H3'"  H  N N 29 
DG  "HO3'" H  N N 30 
DG  "H2'"  H  N N 31 
DG  "H2''" H  N N 32 
DG  "H1'"  H  N N 33 
DG  H8     H  N N 34 
DG  H1     H  N N 35 
DG  H21    H  N N 36 
DG  H22    H  N N 37 
DT  OP3    O  N N 38 
DT  P      P  N N 39 
DT  OP1    O  N N 40 
DT  OP2    O  N N 41 
DT  "O5'"  O  N N 42 
DT  "C5'"  C  N N 43 
DT  "C4'"  C  N R 44 
DT  "O4'"  O  N N 45 
DT  "C3'"  C  N S 46 
DT  "O3'"  O  N N 47 
DT  "C2'"  C  N N 48 
DT  "C1'"  C  N R 49 
DT  N1     N  N N 50 
DT  C2     C  N N 51 
DT  O2     O  N N 52 
DT  N3     N  N N 53 
DT  C4     C  N N 54 
DT  O4     O  N N 55 
DT  C5     C  N N 56 
DT  C7     C  N N 57 
DT  C6     C  N N 58 
DT  HOP3   H  N N 59 
DT  HOP2   H  N N 60 
DT  "H5'"  H  N N 61 
DT  "H5''" H  N N 62 
DT  "H4'"  H  N N 63 
DT  "H3'"  H  N N 64 
DT  "HO3'" H  N N 65 
DT  "H2'"  H  N N 66 
DT  "H2''" H  N N 67 
DT  "H1'"  H  N N 68 
DT  H3     H  N N 69 
DT  H71    H  N N 70 
DT  H72    H  N N 71 
DT  H73    H  N N 72 
DT  H6     H  N N 73 
HOH O      O  N N 74 
HOH H1     H  N N 75 
HOH H2     H  N N 76 
K   K      K  N N 77 
MG  MG     MG N N 78 
# 
loop_
_chem_comp_bond.comp_id 
_chem_comp_bond.atom_id_1 
_chem_comp_bond.atom_id_2 
_chem_comp_bond.value_order 
_chem_comp_bond.pdbx_aromatic_flag 
_chem_comp_bond.pdbx_stereo_config 
_chem_comp_bond.pdbx_ordinal 
DG  OP3   P      sing N N 1  
DG  OP3   HOP3   sing N N 2  
DG  P     OP1    doub N N 3  
DG  P     OP2    sing N N 4  
DG  P     "O5'"  sing N N 5  
DG  OP2   HOP2   sing N N 6  
DG  "O5'" "C5'"  sing N N 7  
DG  "C5'" "C4'"  sing N N 8  
DG  "C5'" "H5'"  sing N N 9  
DG  "C5'" "H5''" sing N N 10 
DG  "C4'" "O4'"  sing N N 11 
DG  "C4'" "C3'"  sing N N 12 
DG  "C4'" "H4'"  sing N N 13 
DG  "O4'" "C1'"  sing N N 14 
DG  "C3'" "O3'"  sing N N 15 
DG  "C3'" "C2'"  sing N N 16 
DG  "C3'" "H3'"  sing N N 17 
DG  "O3'" "HO3'" sing N N 18 
DG  "C2'" "C1'"  sing N N 19 
DG  "C2'" "H2'"  sing N N 20 
DG  "C2'" "H2''" sing N N 21 
DG  "C1'" N9     sing N N 22 
DG  "C1'" "H1'"  sing N N 23 
DG  N9    C8     sing Y N 24 
DG  N9    C4     sing Y N 25 
DG  C8    N7     doub Y N 26 
DG  C8    H8     sing N N 27 
DG  N7    C5     sing Y N 28 
DG  C5    C6     sing N N 29 
DG  C5    C4     doub Y N 30 
DG  C6    O6     doub N N 31 
DG  C6    N1     sing N N 32 
DG  N1    C2     sing N N 33 
DG  N1    H1     sing N N 34 
DG  C2    N2     sing N N 35 
DG  C2    N3     doub N N 36 
DG  N2    H21    sing N N 37 
DG  N2    H22    sing N N 38 
DG  N3    C4     sing N N 39 
DT  OP3   P      sing N N 40 
DT  OP3   HOP3   sing N N 41 
DT  P     OP1    doub N N 42 
DT  P     OP2    sing N N 43 
DT  P     "O5'"  sing N N 44 
DT  OP2   HOP2   sing N N 45 
DT  "O5'" "C5'"  sing N N 46 
DT  "C5'" "C4'"  sing N N 47 
DT  "C5'" "H5'"  sing N N 48 
DT  "C5'" "H5''" sing N N 49 
DT  "C4'" "O4'"  sing N N 50 
DT  "C4'" "C3'"  sing N N 51 
DT  "C4'" "H4'"  sing N N 52 
DT  "O4'" "C1'"  sing N N 53 
DT  "C3'" "O3'"  sing N N 54 
DT  "C3'" "C2'"  sing N N 55 
DT  "C3'" "H3'"  sing N N 56 
DT  "O3'" "HO3'" sing N N 57 
DT  "C2'" "C1'"  sing N N 58 
DT  "C2'" "H2'"  sing N N 59 
DT  "C2'" "H2''" sing N N 60 
DT  "C1'" N1     sing N N 61 
DT  "C1'" "H1'"  sing N N 62 
DT  N1    C2     sing N N 63 
DT  N1    C6     sing N N 64 
DT  C2    O2     doub N N 65 
DT  C2    N3     sing N N 66 
DT  N3    C4     sing N N 67 
DT  N3    H3     sing N N 68 
DT  C4    O4     doub N N 69 
DT  C4    C5     sing N N 70 
DT  C5    C7     sing N N 71 
DT  C5    C6     doub N N 72 
DT  C7    H71    sing N N 73 
DT  C7    H72    sing N N 74 
DT  C7    H73    sing N N 75 
DT  C6    H6     sing N N 76 
HOH O     H1     sing N N 77 
HOH O     H2     sing N N 78 
# 
loop_
_ndb_struct_conf_na.entry_id 
_ndb_struct_conf_na.feature 
4U5M 'triple helix'    
4U5M 'quadruple helix' 
# 
loop_
_pdbx_audit_support.funding_organization 
_pdbx_audit_support.country 
_pdbx_audit_support.grant_number 
_pdbx_audit_support.ordinal 
'Ministry of education'                        Singapore ?       1 
'Nanyang technological university'             Singapore ?       2 
'Centre National de la Recherche Scientifique' France    UMR7654 3 
'Ecole polytechnique'                          France    UMR7654 4 
# 
_atom_sites.entry_id                    4U5M 
_atom_sites.fract_transf_matrix[1][1]   -0.00407071 
_atom_sites.fract_transf_matrix[1][2]   -0.02102108 
_atom_sites.fract_transf_matrix[1][3]   0.00606647 
_atom_sites.fract_transf_matrix[2][1]   -0.00977116 
_atom_sites.fract_transf_matrix[2][2]   -0.00424937 
_atom_sites.fract_transf_matrix[2][3]   0.01953849 
_atom_sites.fract_transf_matrix[3][1]   -0.02234330 
_atom_sites.fract_transf_matrix[3][2]   0.00117591 
_atom_sites.fract_transf_matrix[3][3]   -0.01091810 
_atom_sites.fract_transf_vector[1]      0.336082 
_atom_sites.fract_transf_vector[2]      0.006591 
_atom_sites.fract_transf_vector[3]      -0.063774 
# 
loop_
_atom_type.symbol 
C  
K  
MG 
N  
O  
P  
# 
loop_
_atom_site.group_PDB 
_atom_site.id 
_atom_site.type_symbol 
_atom_site.label_atom_id 
_atom_site.label_alt_id 
_atom_site.label_comp_id 
_atom_site.label_asym_id 
_atom_site.label_entity_id 
_atom_site.label_seq_id 
_atom_site.pdbx_PDB_ins_code 
_atom_site.Cartn_x 
_atom_site.Cartn_y 
_atom_site.Cartn_z 
_atom_site.occupancy 
_atom_site.B_iso_or_equiv 
_atom_site.pdbx_formal_charge 
_atom_site.auth_seq_id 
_atom_site.auth_comp_id 
_atom_site.auth_asym_id 
_atom_site.auth_atom_id 
_atom_site.pdbx_PDB_model_num 
ATOM   1   O  "O5'" . DT  A 1 1  ? -8.386  8.392   2.789   1.00 21.46 ? 1   DT  A "O5'" 1 
ATOM   2   C  "C5'" . DT  A 1 1  ? -9.725  8.145   3.171   1.00 18.18 ? 1   DT  A "C5'" 1 
ATOM   3   C  "C4'" . DT  A 1 1  ? -9.996  6.660   3.276   1.00 15.42 ? 1   DT  A "C4'" 1 
ATOM   4   O  "O4'" . DT  A 1 1  ? -9.862  6.042   1.970   1.00 13.50 ? 1   DT  A "O4'" 1 
ATOM   5   C  "C3'" . DT  A 1 1  ? -9.051  5.881   4.176   1.00 15.27 ? 1   DT  A "C3'" 1 
ATOM   6   O  "O3'" . DT  A 1 1  ? -9.751  4.752   4.660   1.00 17.91 ? 1   DT  A "O3'" 1 
ATOM   7   C  "C2'" . DT  A 1 1  ? -7.950  5.455   3.197   1.00 13.45 ? 1   DT  A "C2'" 1 
ATOM   8   C  "C1'" . DT  A 1 1  ? -8.797  5.100   1.994   1.00 12.73 ? 1   DT  A "C1'" 1 
ATOM   9   N  N1    . DT  A 1 1  ? -8.124  5.174   0.675   1.00 11.90 ? 1   DT  A N1    1 
ATOM   10  C  C2    . DT  A 1 1  ? -7.845  4.012   0.011   1.00 11.20 ? 1   DT  A C2    1 
ATOM   11  O  O2    . DT  A 1 1  ? -8.039  2.912   0.498   1.00 12.48 ? 1   DT  A O2    1 
ATOM   12  N  N3    . DT  A 1 1  ? -7.305  4.175   -1.239  1.00 10.75 ? 1   DT  A N3    1 
ATOM   13  C  C4    . DT  A 1 1  ? -7.025  5.364   -1.867  1.00 10.75 ? 1   DT  A C4    1 
ATOM   14  O  O4    . DT  A 1 1  ? -6.551  5.408   -3.003  1.00 12.38 ? 1   DT  A O4    1 
ATOM   15  C  C5    . DT  A 1 1  ? -7.352  6.557   -1.117  1.00 9.79  ? 1   DT  A C5    1 
ATOM   16  C  C7    . DT  A 1 1  ? -7.102  7.915   -1.713  1.00 10.77 ? 1   DT  A C7    1 
ATOM   17  C  C6    . DT  A 1 1  ? -7.902  6.406   0.099   1.00 11.89 ? 1   DT  A C6    1 
ATOM   18  P  P     . DG  A 1 2  ? -9.968  4.525   6.236   1.00 20.53 ? 2   DG  A P     1 
ATOM   19  O  OP1   . DG  A 1 2  ? -11.155 3.643   6.405   1.00 19.99 ? 2   DG  A OP1   1 
ATOM   20  O  OP2   . DG  A 1 2  ? -9.930  5.849   6.883   1.00 21.32 ? 2   DG  A OP2   1 
ATOM   21  O  "O5'" . DG  A 1 2  ? -8.660  3.706   6.643   1.00 19.63 ? 2   DG  A "O5'" 1 
ATOM   22  C  "C5'" . DG  A 1 2  ? -8.693  2.786   7.716   1.00 19.30 ? 2   DG  A "C5'" 1 
ATOM   23  C  "C4'" . DG  A 1 2  ? -7.376  2.039   7.818   1.00 17.43 ? 2   DG  A "C4'" 1 
ATOM   24  O  "O4'" . DG  A 1 2  ? -7.200  1.197   6.640   1.00 15.98 ? 2   DG  A "O4'" 1 
ATOM   25  C  "C3'" . DG  A 1 2  ? -6.120  2.920   7.900   1.00 17.20 ? 2   DG  A "C3'" 1 
ATOM   26  O  "O3'" . DG  A 1 2  ? -5.270  2.410   8.921   1.00 17.92 ? 2   DG  A "O3'" 1 
ATOM   27  C  "C2'" . DG  A 1 2  ? -5.488  2.743   6.514   1.00 13.98 ? 2   DG  A "C2'" 1 
ATOM   28  C  "C1'" . DG  A 1 2  ? -5.865  1.307   6.227   1.00 14.27 ? 2   DG  A "C1'" 1 
ATOM   29  N  N9    . DG  A 1 2  ? -5.734  0.852   4.832   1.00 9.83  ? 2   DG  A N9    1 
ATOM   30  C  C8    . DG  A 1 2  ? -5.809  -0.454  4.426   1.00 10.22 ? 2   DG  A C8    1 
ATOM   31  N  N7    . DG  A 1 2  ? -5.640  -0.616  3.152   1.00 9.56  ? 2   DG  A N7    1 
ATOM   32  C  C5    . DG  A 1 2  ? -5.415  0.658   2.665   1.00 9.36  ? 2   DG  A C5    1 
ATOM   33  C  C6    . DG  A 1 2  ? -5.157  1.078   1.338   1.00 8.52  ? 2   DG  A C6    1 
ATOM   34  O  O6    . DG  A 1 2  ? -5.072  0.373   0.310   1.00 10.74 ? 2   DG  A O6    1 
ATOM   35  N  N1    . DG  A 1 2  ? -4.977  2.453   1.262   1.00 7.78  ? 2   DG  A N1    1 
ATOM   36  C  C2    . DG  A 1 2  ? -5.036  3.314   2.337   1.00 9.33  ? 2   DG  A C2    1 
ATOM   37  N  N2    . DG  A 1 2  ? -4.844  4.605   2.069   1.00 10.93 ? 2   DG  A N2    1 
ATOM   38  N  N3    . DG  A 1 2  ? -5.287  2.933   3.585   1.00 10.41 ? 2   DG  A N3    1 
ATOM   39  C  C4    . DG  A 1 2  ? -5.458  1.588   3.681   1.00 11.02 ? 2   DG  A C4    1 
ATOM   40  P  P     . DG  A 1 3  ? -4.171  3.332   9.654   1.00 20.48 ? 3   DG  A P     1 
ATOM   41  O  OP1   . DG  A 1 3  ? -3.521  2.453   10.651  1.00 24.62 ? 3   DG  A OP1   1 
ATOM   42  O  OP2   . DG  A 1 3  ? -4.755  4.622   10.054  1.00 25.15 ? 3   DG  A OP2   1 
ATOM   43  O  "O5'" . DG  A 1 3  ? -3.113  3.636   8.508   1.00 16.78 ? 3   DG  A "O5'" 1 
ATOM   44  C  "C5'" . DG  A 1 3  ? -1.944  4.344   8.809   1.00 16.33 ? 3   DG  A "C5'" 1 
ATOM   45  C  "C4'" . DG  A 1 3  ? -1.522  5.195   7.633   1.00 14.77 ? 3   DG  A "C4'" 1 
ATOM   46  O  "O4'" . DG  A 1 3  ? -1.147  4.340   6.523   1.00 12.29 ? 3   DG  A "O4'" 1 
ATOM   47  C  "C3'" . DG  A 1 3  ? -2.590  6.147   7.091   1.00 16.80 ? 3   DG  A "C3'" 1 
ATOM   48  O  "O3'" . DG  A 1 3  ? -1.982  7.390   6.823   1.00 21.41 ? 3   DG  A "O3'" 1 
ATOM   49  C  "C2'" . DG  A 1 3  ? -3.039  5.465   5.791   1.00 14.39 ? 3   DG  A "C2'" 1 
ATOM   50  C  "C1'" . DG  A 1 3  ? -1.730  4.850   5.343   1.00 11.06 ? 3   DG  A "C1'" 1 
ATOM   51  N  N9    . DG  A 1 3  ? -1.839  3.742   4.397   1.00 9.61  ? 3   DG  A N9    1 
ATOM   52  C  C8    . DG  A 1 3  ? -2.158  2.438   4.680   1.00 9.68  ? 3   DG  A C8    1 
ATOM   53  N  N7    . DG  A 1 3  ? -2.113  1.658   3.630   1.00 9.44  ? 3   DG  A N7    1 
ATOM   54  C  C5    . DG  A 1 3  ? -1.720  2.494   2.599   1.00 9.74  ? 3   DG  A C5    1 
ATOM   55  C  C6    . DG  A 1 3  ? -1.497  2.215   1.227   1.00 9.55  ? 3   DG  A C6    1 
ATOM   56  O  O6    . DG  A 1 3  ? -1.618  1.137   0.628   1.00 9.58  ? 3   DG  A O6    1 
ATOM   57  N  N1    . DG  A 1 3  ? -1.109  3.351   0.526   1.00 8.33  ? 3   DG  A N1    1 
ATOM   58  C  C2    . DG  A 1 3  ? -0.966  4.597   1.084   1.00 8.07  ? 3   DG  A C2    1 
ATOM   59  N  N2    . DG  A 1 3  ? -0.566  5.570   0.261   1.00 9.33  ? 3   DG  A N2    1 
ATOM   60  N  N3    . DG  A 1 3  ? -1.159  4.860   2.363   1.00 10.99 ? 3   DG  A N3    1 
ATOM   61  C  C4    . DG  A 1 3  ? -1.541  3.775   3.056   1.00 10.73 ? 3   DG  A C4    1 
ATOM   62  P  P     . DT  A 1 4  ? -2.449  8.726   7.585   1.00 26.12 ? 4   DT  A P     1 
ATOM   63  O  OP1   . DT  A 1 4  ? -1.421  9.065   8.602   1.00 29.35 ? 4   DT  A OP1   1 
ATOM   64  O  OP2   . DT  A 1 4  ? -3.874  8.556   7.957   1.00 25.04 ? 4   DT  A OP2   1 
ATOM   65  O  "O5'" . DT  A 1 4  ? -2.433  9.808   6.421   1.00 27.62 ? 4   DT  A "O5'" 1 
ATOM   66  C  "C5'" . DT  A 1 4  ? -3.083  9.503   5.197   1.00 27.78 ? 4   DT  A "C5'" 1 
ATOM   67  C  "C4'" . DT  A 1 4  ? -3.119  10.705  4.273   1.00 29.25 ? 4   DT  A "C4'" 1 
ATOM   68  O  "O4'" . DT  A 1 4  ? -3.775  11.810  4.947   1.00 32.07 ? 4   DT  A "O4'" 1 
ATOM   69  C  "C3'" . DT  A 1 4  ? -1.760  11.244  3.857   1.00 27.62 ? 4   DT  A "C3'" 1 
ATOM   70  O  "O3'" . DT  A 1 4  ? -1.833  11.973  2.603   1.00 26.02 ? 4   DT  A "O3'" 1 
ATOM   71  C  "C2'" . DT  A 1 4  ? -1.483  12.221  4.991   1.00 29.59 ? 4   DT  A "C2'" 1 
ATOM   72  C  "C1'" . DT  A 1 4  ? -2.856  12.869  5.083   1.00 34.58 ? 4   DT  A "C1'" 1 
ATOM   73  N  N1    . DT  A 1 4  ? -3.127  13.575  6.362   1.00 40.80 ? 4   DT  A N1    1 
ATOM   74  C  C2    . DT  A 1 4  ? -2.879  14.920  6.442   1.00 41.69 ? 4   DT  A C2    1 
ATOM   75  O  O2    . DT  A 1 4  ? -2.429  15.568  5.517   1.00 43.75 ? 4   DT  A O2    1 
ATOM   76  N  N3    . DT  A 1 4  ? -3.169  15.487  7.652   1.00 43.01 ? 4   DT  A N3    1 
ATOM   77  C  C4    . DT  A 1 4  ? -3.682  14.854  8.770   1.00 45.68 ? 4   DT  A C4    1 
ATOM   78  O  O4    . DT  A 1 4  ? -3.909  15.457  9.816   1.00 47.58 ? 4   DT  A O4    1 
ATOM   79  C  C5    . DT  A 1 4  ? -3.933  13.437  8.617   1.00 45.40 ? 4   DT  A C5    1 
ATOM   80  C  C7    . DT  A 1 4  ? -4.492  12.640  9.761   1.00 46.34 ? 4   DT  A C7    1 
ATOM   81  C  C6    . DT  A 1 4  ? -3.651  12.872  7.432   1.00 43.48 ? 4   DT  A C6    1 
ATOM   82  P  P     A DG  A 1 5  ? -0.495  12.214  1.743   0.50 24.39 ? 5   DG  A P     1 
ATOM   83  P  P     B DG  A 1 5  ? -2.793  11.583  1.355   0.50 23.78 ? 5   DG  A P     1 
ATOM   84  O  OP1   A DG  A 1 5  ? 0.587   11.379  2.301   0.50 22.47 ? 5   DG  A OP1   1 
ATOM   85  O  OP1   B DG  A 1 5  ? -2.567  12.698  0.413   0.50 24.19 ? 5   DG  A OP1   1 
ATOM   86  O  OP2   A DG  A 1 5  ? -0.311  13.674  1.590   0.50 25.76 ? 5   DG  A OP2   1 
ATOM   87  O  OP2   B DG  A 1 5  ? -4.204  11.298  1.696   0.50 24.27 ? 5   DG  A OP2   1 
ATOM   88  O  "O5'" A DG  A 1 5  ? -0.859  11.645  0.302   0.50 20.25 ? 5   DG  A "O5'" 1 
ATOM   89  O  "O5'" B DG  A 1 5  ? -2.137  10.256  0.743   0.50 18.49 ? 5   DG  A "O5'" 1 
ATOM   90  C  "C5'" A DG  A 1 5  ? -0.891  10.246  0.056   0.50 18.07 ? 5   DG  A "C5'" 1 
ATOM   91  C  "C5'" B DG  A 1 5  ? -0.865  10.305  0.103   0.50 16.97 ? 5   DG  A "C5'" 1 
ATOM   92  C  "C4'" A DG  A 1 5  ? -0.964  10.007  -1.437  0.50 15.70 ? 5   DG  A "C4'" 1 
ATOM   93  C  "C4'" B DG  A 1 5  ? -0.974  10.038  -1.398  0.50 15.14 ? 5   DG  A "C4'" 1 
ATOM   94  O  "O4'" A DG  A 1 5  ? -1.202  8.603   -1.714  0.50 13.86 ? 5   DG  A "O4'" 1 
ATOM   95  O  "O4'" B DG  A 1 5  ? -1.205  8.625   -1.643  0.50 13.56 ? 5   DG  A "O4'" 1 
ATOM   96  C  "C3'" A DG  A 1 5  ? -2.096  10.744  -2.135  0.50 14.83 ? 5   DG  A "C3'" 1 
ATOM   97  C  "C3'" B DG  A 1 5  ? -2.109  10.756  -2.122  0.50 14.61 ? 5   DG  A "C3'" 1 
ATOM   98  O  "O3'" A DG  A 1 5  ? -1.758  10.973  -3.506  0.50 16.92 ? 5   DG  A "O3'" 1 
ATOM   99  O  "O3'" B DG  A 1 5  ? -1.759  10.980  -3.499  0.50 16.83 ? 5   DG  A "O3'" 1 
ATOM   100 C  "C2'" A DG  A 1 5  ? -3.229  9.730   -2.012  0.50 14.16 ? 5   DG  A "C2'" 1 
ATOM   101 C  "C2'" B DG  A 1 5  ? -3.233  9.728   -2.021  0.50 14.26 ? 5   DG  A "C2'" 1 
ATOM   102 C  "C1'" A DG  A 1 5  ? -2.465  8.461   -2.346  0.50 12.03 ? 5   DG  A "C1'" 1 
ATOM   103 C  "C1'" B DG  A 1 5  ? -2.445  8.466   -2.319  0.50 12.44 ? 5   DG  A "C1'" 1 
ATOM   104 N  N9    A DG  A 1 5  ? -3.049  7.233   -1.852  0.50 10.47 ? 5   DG  A N9    1 
ATOM   105 N  N9    B DG  A 1 5  ? -3.035  7.233   -1.838  0.50 11.71 ? 5   DG  A N9    1 
ATOM   106 C  C8    A DG  A 1 5  ? -3.448  6.958   -0.565  0.50 9.74  ? 5   DG  A C8    1 
ATOM   107 C  C8    B DG  A 1 5  ? -3.437  6.948   -0.555  0.50 11.26 ? 5   DG  A C8    1 
ATOM   108 N  N7    A DG  A 1 5  ? -3.877  5.733   -0.412  0.50 9.07  ? 5   DG  A N7    1 
ATOM   109 N  N7    B DG  A 1 5  ? -3.874  5.725   -0.412  0.50 10.68 ? 5   DG  A N7    1 
ATOM   110 C  C5    A DG  A 1 5  ? -3.718  5.160   -1.669  0.50 8.99  ? 5   DG  A C5    1 
ATOM   111 C  C5    B DG  A 1 5  ? -3.716  5.161   -1.675  0.50 10.51 ? 5   DG  A C5    1 
ATOM   112 C  C6    A DG  A 1 5  ? -4.014  3.854   -2.118  0.50 9.24  ? 5   DG  A C6    1 
ATOM   113 C  C6    B DG  A 1 5  ? -4.021  3.859   -2.134  0.50 10.88 ? 5   DG  A C6    1 
ATOM   114 O  O6    A DG  A 1 5  ? -4.473  2.907   -1.470  0.50 8.90  ? 5   DG  A O6    1 
ATOM   115 O  O6    B DG  A 1 5  ? -4.486  2.911   -1.494  0.50 10.86 ? 5   DG  A O6    1 
ATOM   116 N  N1    A DG  A 1 5  ? -3.709  3.689   -3.467  0.50 8.97  ? 5   DG  A N1    1 
ATOM   117 N  N1    B DG  A 1 5  ? -3.715  3.704   -3.485  0.50 10.11 ? 5   DG  A N1    1 
ATOM   118 C  C2    A DG  A 1 5  ? -3.189  4.670   -4.280  0.50 8.69  ? 5   DG  A C2    1 
ATOM   119 C  C2    B DG  A 1 5  ? -3.189  4.686   -4.288  0.50 9.95  ? 5   DG  A C2    1 
ATOM   120 N  N2    A DG  A 1 5  ? -2.957  4.324   -5.554  0.50 9.82  ? 5   DG  A N2    1 
ATOM   121 N  N2    B DG  A 1 5  ? -2.958  4.350   -5.565  0.50 10.72 ? 5   DG  A N2    1 
ATOM   122 N  N3    A DG  A 1 5  ? -2.910  5.898   -3.868  0.50 8.37  ? 5   DG  A N3    1 
ATOM   123 N  N3    B DG  A 1 5  ? -2.903  5.912   -3.867  0.50 9.62  ? 5   DG  A N3    1 
ATOM   124 C  C4    A DG  A 1 5  ? -3.203  6.070   -2.558  0.50 8.94  ? 5   DG  A C4    1 
ATOM   125 C  C4    B DG  A 1 5  ? -3.196  6.074   -2.555  0.50 10.59 ? 5   DG  A C4    1 
ATOM   126 P  P     . DG  A 1 6  ? -0.316  11.543  -3.937  1.00 16.06 ? 6   DG  A P     1 
ATOM   127 O  OP1   . DG  A 1 6  ? 0.244   12.412  -2.878  1.00 19.05 ? 6   DG  A OP1   1 
ATOM   128 O  OP2   . DG  A 1 6  ? -0.477  12.123  -5.290  1.00 17.88 ? 6   DG  A OP2   1 
ATOM   129 O  "O5'" . DG  A 1 6  ? 0.571   10.223  -4.118  1.00 15.79 ? 6   DG  A "O5'" 1 
ATOM   130 C  "C5'" . DG  A 1 6  ? 1.732   10.231  -4.915  1.00 15.46 ? 6   DG  A "C5'" 1 
ATOM   131 C  "C4'" . DG  A 1 6  ? 1.723   9.054   -5.870  1.00 11.39 ? 6   DG  A "C4'" 1 
ATOM   132 O  "O4'" . DG  A 1 6  ? 1.798   7.798   -5.124  1.00 12.98 ? 6   DG  A "O4'" 1 
ATOM   133 C  "C3'" . DG  A 1 6  ? 0.480   8.944   -6.744  1.00 11.16 ? 6   DG  A "C3'" 1 
ATOM   134 O  "O3'" . DG  A 1 6  ? 0.899   8.582   -8.047  1.00 13.61 ? 6   DG  A "O3'" 1 
ATOM   135 C  "C2'" . DG  A 1 6  ? -0.319  7.812   -6.081  1.00 11.07 ? 6   DG  A "C2'" 1 
ATOM   136 C  "C1'" . DG  A 1 6  ? 0.818   6.917   -5.611  1.00 9.89  ? 6   DG  A "C1'" 1 
ATOM   137 N  N9    . DG  A 1 6  ? 0.436   5.996   -4.545  1.00 9.02  ? 6   DG  A N9    1 
ATOM   138 C  C8    . DG  A 1 6  ? 0.289   6.288   -3.213  1.00 10.47 ? 6   DG  A C8    1 
ATOM   139 N  N7    . DG  A 1 6  ? -0.068  5.258   -2.492  1.00 9.81  ? 6   DG  A N7    1 
ATOM   140 C  C5    . DG  A 1 6  ? -0.165  4.216   -3.411  1.00 9.59  ? 6   DG  A C5    1 
ATOM   141 C  C6    . DG  A 1 6  ? -0.529  2.861   -3.221  1.00 9.76  ? 6   DG  A C6    1 
ATOM   142 O  O6    . DG  A 1 6  ? -0.843  2.282   -2.165  1.00 10.43 ? 6   DG  A O6    1 
ATOM   143 N  N1    . DG  A 1 6  ? -0.494  2.148   -4.416  1.00 7.75  ? 6   DG  A N1    1 
ATOM   144 C  C2    . DG  A 1 6  ? -0.166  2.676   -5.638  1.00 5.56  ? 6   DG  A C2    1 
ATOM   145 N  N2    . DG  A 1 6  ? -0.210  1.842   -6.679  1.00 9.39  ? 6   DG  A N2    1 
ATOM   146 N  N3    . DG  A 1 6  ? 0.162   3.943   -5.829  1.00 8.38  ? 6   DG  A N3    1 
ATOM   147 C  C4    . DG  A 1 6  ? 0.141   4.651   -4.676  1.00 8.28  ? 6   DG  A C4    1 
ATOM   148 P  P     . DT  A 1 7  ? -0.032  8.867   -9.322  1.00 15.83 ? 7   DT  A P     1 
ATOM   149 O  OP1   . DT  A 1 7  ? 0.812   8.700   -10.520 1.00 18.93 ? 7   DT  A OP1   1 
ATOM   150 O  OP2   . DT  A 1 7  ? -0.766  10.127  -9.113  1.00 16.30 ? 7   DT  A OP2   1 
ATOM   151 O  "O5'" . DT  A 1 7  ? -1.096  7.676   -9.272  1.00 15.47 ? 7   DT  A "O5'" 1 
ATOM   152 C  "C5'" . DT  A 1 7  ? -0.690  6.333   -9.478  1.00 15.00 ? 7   DT  A "C5'" 1 
ATOM   153 C  "C4'" . DT  A 1 7  ? -1.911  5.441   -9.546  1.00 13.71 ? 7   DT  A "C4'" 1 
ATOM   154 O  "O4'" . DT  A 1 7  ? -2.630  5.519   -8.282  1.00 11.89 ? 7   DT  A "O4'" 1 
ATOM   155 C  "C3'" . DT  A 1 7  ? -2.918  5.833   -10.623 1.00 12.71 ? 7   DT  A "C3'" 1 
ATOM   156 O  "O3'" . DT  A 1 7  ? -3.471  4.680   -11.202 1.00 15.11 ? 7   DT  A "O3'" 1 
ATOM   157 C  "C2'" . DT  A 1 7  ? -3.969  6.621   -9.843  1.00 12.84 ? 7   DT  A "C2'" 1 
ATOM   158 C  "C1'" . DT  A 1 7  ? -3.976  5.880   -8.514  1.00 10.85 ? 7   DT  A "C1'" 1 
ATOM   159 N  N1    . DT  A 1 7  ? -4.423  6.721   -7.371  1.00 10.42 ? 7   DT  A N1    1 
ATOM   160 C  C2    . DT  A 1 7  ? -5.350  6.224   -6.472  1.00 10.95 ? 7   DT  A C2    1 
ATOM   161 O  O2    . DT  A 1 7  ? -5.844  5.119   -6.558  1.00 11.62 ? 7   DT  A O2    1 
ATOM   162 N  N3    . DT  A 1 7  ? -5.681  7.075   -5.462  1.00 10.62 ? 7   DT  A N3    1 
ATOM   163 C  C4    . DT  A 1 7  ? -5.202  8.353   -5.264  1.00 12.70 ? 7   DT  A C4    1 
ATOM   164 O  O4    . DT  A 1 7  ? -5.574  9.047   -4.317  1.00 14.60 ? 7   DT  A O4    1 
ATOM   165 C  C5    . DT  A 1 7  ? -4.233  8.812   -6.234  1.00 13.36 ? 7   DT  A C5    1 
ATOM   166 C  C7    . DT  A 1 7  ? -3.636  10.188  -6.121  1.00 12.53 ? 7   DT  A C7    1 
ATOM   167 C  C6    . DT  A 1 7  ? -3.892  7.980   -7.224  1.00 12.20 ? 7   DT  A C6    1 
ATOM   168 P  P     . DG  A 1 8  ? -2.604  3.743   -12.168 1.00 16.12 ? 8   DG  A P     1 
ATOM   169 O  OP1   . DG  A 1 8  ? -1.424  4.491   -12.648 1.00 18.22 ? 8   DG  A OP1   1 
ATOM   170 O  OP2   . DG  A 1 8  ? -3.551  3.128   -13.130 1.00 17.51 ? 8   DG  A OP2   1 
ATOM   171 O  "O5'" . DG  A 1 8  ? -2.093  2.600   -11.165 1.00 14.69 ? 8   DG  A "O5'" 1 
ATOM   172 C  "C5'" . DG  A 1 8  ? -1.053  1.690   -11.537 1.00 14.77 ? 8   DG  A "C5'" 1 
ATOM   173 C  "C4'" . DG  A 1 8  ? -1.507  0.248   -11.357 1.00 14.46 ? 8   DG  A "C4'" 1 
ATOM   174 O  "O4'" . DG  A 1 8  ? -1.829  0.005   -9.961  1.00 13.51 ? 8   DG  A "O4'" 1 
ATOM   175 C  "C3'" . DG  A 1 8  ? -2.775  -0.130  -12.112 1.00 16.51 ? 8   DG  A "C3'" 1 
ATOM   176 O  "O3'" . DG  A 1 8  ? -2.812  -1.532  -12.346 1.00 20.07 ? 8   DG  A "O3'" 1 
ATOM   177 C  "C2'" . DG  A 1 8  ? -3.860  0.257   -11.102 1.00 14.05 ? 8   DG  A "C2'" 1 
ATOM   178 C  "C1'" . DG  A 1 8  ? -3.222  -0.265  -9.828  1.00 12.17 ? 8   DG  A "C1'" 1 
ATOM   179 N  N9    . DG  A 1 8  ? -3.617  0.371   -8.588  1.00 11.02 ? 8   DG  A N9    1 
ATOM   180 C  C8    . DG  A 1 8  ? -3.625  1.713   -8.301  1.00 11.18 ? 8   DG  A C8    1 
ATOM   181 N  N7    . DG  A 1 8  ? -3.915  1.970   -7.052  1.00 11.70 ? 8   DG  A N7    1 
ATOM   182 C  C5    . DG  A 1 8  ? -4.086  0.708   -6.472  1.00 10.76 ? 8   DG  A C5    1 
ATOM   183 C  C6    . DG  A 1 8  ? -4.397  0.336   -5.128  1.00 10.62 ? 8   DG  A C6    1 
ATOM   184 O  O6    . DG  A 1 8  ? -4.604  1.070   -4.139  1.00 11.71 ? 8   DG  A O6    1 
ATOM   185 N  N1    . DG  A 1 8  ? -4.460  -1.046  -4.976  1.00 11.03 ? 8   DG  A N1    1 
ATOM   186 C  C2    . DG  A 1 8  ? -4.247  -1.953  -5.986  1.00 9.26  ? 8   DG  A C2    1 
ATOM   187 N  N2    . DG  A 1 8  ? -4.336  -3.246  -5.651  1.00 9.85  ? 8   DG  A N2    1 
ATOM   188 N  N3    . DG  A 1 8  ? -3.943  -1.616  -7.231  1.00 9.68  ? 8   DG  A N3    1 
ATOM   189 C  C4    . DG  A 1 8  ? -3.887  -0.276  -7.400  1.00 10.25 ? 8   DG  A C4    1 
ATOM   190 P  P     . DG  A 1 9  ? -1.545  -2.351  -12.905 1.00 22.57 ? 9   DG  A P     1 
ATOM   191 O  OP1   . DG  A 1 9  ? -0.701  -1.473  -13.732 1.00 22.89 ? 9   DG  A OP1   1 
ATOM   192 O  OP2   . DG  A 1 9  ? -2.115  -3.588  -13.492 1.00 25.33 ? 9   DG  A OP2   1 
ATOM   193 O  "O5'" . DG  A 1 9  ? -0.757  -2.745  -11.562 1.00 19.37 ? 9   DG  A "O5'" 1 
ATOM   194 C  "C5'" . DG  A 1 9  ? 0.180   -3.770  -11.573 1.00 17.17 ? 9   DG  A "C5'" 1 
ATOM   195 C  "C4'" . DG  A 1 9  ? -0.016  -4.674  -10.380 1.00 14.83 ? 9   DG  A "C4'" 1 
ATOM   196 O  "O4'" . DG  A 1 9  ? 0.254   -3.947  -9.146  1.00 14.04 ? 9   DG  A "O4'" 1 
ATOM   197 C  "C3'" . DG  A 1 9  ? -1.413  -5.256  -10.219 1.00 13.85 ? 9   DG  A "C3'" 1 
ATOM   198 O  "O3'" . DG  A 1 9  ? -1.254  -6.581  -9.791  1.00 15.91 ? 9   DG  A "O3'" 1 
ATOM   199 C  "C2'" . DG  A 1 9  ? -2.015  -4.387  -9.107  1.00 12.24 ? 9   DG  A "C2'" 1 
ATOM   200 C  "C1'" . DG  A 1 9  ? -0.791  -4.200  -8.240  1.00 12.52 ? 9   DG  A "C1'" 1 
ATOM   201 N  N9    . DG  A 1 9  ? -0.858  -3.080  -7.295  1.00 11.39 ? 9   DG  A N9    1 
ATOM   202 C  C8    . DG  A 1 9  ? -0.642  -1.744  -7.565  1.00 10.33 ? 9   DG  A C8    1 
ATOM   203 N  N7    . DG  A 1 9  ? -0.739  -0.981  -6.509  1.00 10.32 ? 9   DG  A N7    1 
ATOM   204 C  C5    . DG  A 1 9  ? -1.025  -1.864  -5.476  1.00 9.26  ? 9   DG  A C5    1 
ATOM   205 C  C6    . DG  A 1 9  ? -1.251  -1.617  -4.098  1.00 9.74  ? 9   DG  A C6    1 
ATOM   206 O  O6    . DG  A 1 9  ? -1.228  -0.536  -3.488  1.00 8.70  ? 9   DG  A O6    1 
ATOM   207 N  N1    . DG  A 1 9  ? -1.505  -2.789  -3.405  1.00 9.40  ? 9   DG  A N1    1 
ATOM   208 C  C2    . DG  A 1 9  ? -1.558  -4.034  -3.956  1.00 9.30  ? 9   DG  A C2    1 
ATOM   209 N  N2    . DG  A 1 9  ? -1.829  -5.035  -3.114  1.00 10.78 ? 9   DG  A N2    1 
ATOM   210 N  N3    . DG  A 1 9  ? -1.350  -4.284  -5.243  1.00 10.72 ? 9   DG  A N3    1 
ATOM   211 C  C4    . DG  A 1 9  ? -1.088  -3.157  -5.938  1.00 9.17  ? 9   DG  A C4    1 
ATOM   212 P  P     A DT  A 1 10 ? -2.400  -7.676  -10.038 0.50 17.10 ? 10  DT  A P     1 
ATOM   213 P  P     B DT  A 1 10 ? -2.392  -7.684  -10.049 0.50 17.27 ? 10  DT  A P     1 
ATOM   214 O  OP1   A DT  A 1 10 ? -1.756  -8.988  -9.789  0.50 18.91 ? 10  DT  A OP1   1 
ATOM   215 O  OP1   B DT  A 1 10 ? -1.735  -8.991  -9.802  0.50 18.85 ? 10  DT  A OP1   1 
ATOM   216 O  OP2   A DT  A 1 10 ? -3.071  -7.403  -11.330 0.50 19.26 ? 10  DT  A OP2   1 
ATOM   217 O  OP2   B DT  A 1 10 ? -3.042  -7.410  -11.351 0.50 19.38 ? 10  DT  A OP2   1 
ATOM   218 O  "O5'" A DT  A 1 10 ? -3.445  -7.398  -8.868  0.50 16.30 ? 10  DT  A "O5'" 1 
ATOM   219 O  "O5'" B DT  A 1 10 ? -3.463  -7.423  -8.892  0.50 16.73 ? 10  DT  A "O5'" 1 
ATOM   220 C  "C5'" A DT  A 1 10 ? -3.037  -7.483  -7.515  0.50 15.61 ? 10  DT  A "C5'" 1 
ATOM   221 C  "C5'" B DT  A 1 10 ? -3.119  -7.640  -7.529  0.50 15.99 ? 10  DT  A "C5'" 1 
ATOM   222 C  "C4'" A DT  A 1 10 ? -4.242  -7.411  -6.602  0.50 16.21 ? 10  DT  A "C4'" 1 
ATOM   223 C  "C4'" B DT  A 1 10 ? -4.314  -7.349  -6.644  0.50 15.93 ? 10  DT  A "C4'" 1 
ATOM   224 O  "O4'" A DT  A 1 10 ? -4.772  -6.070  -6.617  0.50 14.97 ? 10  DT  A "O4'" 1 
ATOM   225 O  "O4'" B DT  A 1 10 ? -4.694  -5.963  -6.821  0.50 14.17 ? 10  DT  A "O4'" 1 
ATOM   226 C  "C3'" A DT  A 1 10 ? -5.403  -8.320  -7.004  0.50 16.86 ? 10  DT  A "C3'" 1 
ATOM   227 C  "C3'" B DT  A 1 10 ? -5.566  -8.183  -6.969  0.50 16.71 ? 10  DT  A "C3'" 1 
ATOM   228 O  "O3'" A DT  A 1 10 ? -6.037  -8.822  -5.849  0.50 17.49 ? 10  DT  A "O3'" 1 
ATOM   229 O  "O3'" B DT  A 1 10 ? -6.104  -8.799  -5.779  0.50 17.40 ? 10  DT  A "O3'" 1 
ATOM   230 C  "C2'" A DT  A 1 10 ? -6.318  -7.391  -7.793  0.50 16.22 ? 10  DT  A "C2'" 1 
ATOM   231 C  "C2'" B DT  A 1 10 ? -6.544  -7.164  -7.581  0.50 16.40 ? 10  DT  A "C2'" 1 
ATOM   232 C  "C1'" A DT  A 1 10 ? -6.118  -6.081  -7.053  0.50 14.77 ? 10  DT  A "C1'" 1 
ATOM   233 C  "C1'" B DT  A 1 10 ? -6.096  -5.872  -6.914  0.50 15.32 ? 10  DT  A "C1'" 1 
ATOM   234 N  N1    A DT  A 1 10 ? -6.298  -4.905  -7.894  0.50 15.35 ? 10  DT  A N1    1 
ATOM   235 N  N1    B DT  A 1 10 ? -6.440  -4.580  -7.642  0.50 16.14 ? 10  DT  A N1    1 
ATOM   236 C  C2    A DT  A 1 10 ? -7.057  -3.862  -7.429  0.50 14.00 ? 10  DT  A C2    1 
ATOM   237 C  C2    B DT  A 1 10 ? -6.157  -4.426  -8.993  0.50 15.88 ? 10  DT  A C2    1 
ATOM   238 O  O2    A DT  A 1 10 ? -7.628  -3.884  -6.354  0.50 12.85 ? 10  DT  A O2    1 
ATOM   239 O  O2    B DT  A 1 10 ? -5.679  -5.300  -9.694  0.50 17.74 ? 10  DT  A O2    1 
ATOM   240 N  N3    A DT  A 1 10 ? -7.132  -2.790  -8.276  0.50 13.66 ? 10  DT  A N3    1 
ATOM   241 N  N3    B DT  A 1 10 ? -6.483  -3.197  -9.505  0.50 14.42 ? 10  DT  A N3    1 
ATOM   242 C  C4    A DT  A 1 10 ? -6.530  -2.662  -9.516  0.50 13.27 ? 10  DT  A C4    1 
ATOM   243 C  C4    B DT  A 1 10 ? -7.025  -2.120  -8.832  0.50 15.65 ? 10  DT  A C4    1 
ATOM   244 O  O4    A DT  A 1 10 ? -6.656  -1.657  -10.203 0.50 13.58 ? 10  DT  A O4    1 
ATOM   245 O  O4    B DT  A 1 10 ? -7.277  -1.053  -9.389  0.50 16.93 ? 10  DT  A O4    1 
ATOM   246 C  C5    A DT  A 1 10 ? -5.733  -3.794  -9.938  0.50 14.43 ? 10  DT  A C5    1 
ATOM   247 C  C5    B DT  A 1 10 ? -7.275  -2.332  -7.431  0.50 14.48 ? 10  DT  A C5    1 
ATOM   248 C  C7    A DT  A 1 10 ? -5.027  -3.776  -11.262 0.50 12.27 ? 10  DT  A C7    1 
ATOM   249 C  C7    B DT  A 1 10 ? -7.862  -1.228  -6.598  0.50 17.13 ? 10  DT  A C7    1 
ATOM   250 C  C6    A DT  A 1 10 ? -5.651  -4.842  -9.111  0.50 15.40 ? 10  DT  A C6    1 
ATOM   251 C  C6    B DT  A 1 10 ? -6.975  -3.533  -6.910  0.50 15.65 ? 10  DT  A C6    1 
ATOM   252 P  P     . DG  A 1 11 ? -5.273  -9.896  -4.940  1.00 17.81 ? 11  DG  A P     1 
ATOM   253 O  OP1   . DG  A 1 11 ? -4.195  -10.463 -5.768  1.00 19.60 ? 11  DG  A OP1   1 
ATOM   254 O  OP2   . DG  A 1 11 ? -6.252  -10.797 -4.309  1.00 20.02 ? 11  DG  A OP2   1 
ATOM   255 O  "O5'" . DG  A 1 11 ? -4.600  -9.004  -3.795  1.00 14.83 ? 11  DG  A "O5'" 1 
ATOM   256 C  "C5'" . DG  A 1 11 ? -3.855  -9.620  -2.737  1.00 14.70 ? 11  DG  A "C5'" 1 
ATOM   257 C  "C4'" . DG  A 1 11 ? -4.467  -9.299  -1.385  1.00 13.83 ? 11  DG  A "C4'" 1 
ATOM   258 O  "O4'" . DG  A 1 11 ? -4.456  -7.864  -1.155  1.00 13.43 ? 11  DG  A "O4'" 1 
ATOM   259 C  "C3'" . DG  A 1 11 ? -5.917  -9.692  -1.211  1.00 15.61 ? 11  DG  A "C3'" 1 
ATOM   260 O  "O3'" . DG  A 1 11 ? -6.204  -9.872  0.201   1.00 15.08 ? 11  DG  A "O3'" 1 
ATOM   261 C  "C2'" . DG  A 1 11 ? -6.632  -8.439  -1.769  1.00 15.59 ? 11  DG  A "C2'" 1 
ATOM   262 C  "C1'" . DG  A 1 11 ? -5.791  -7.362  -1.111  1.00 12.98 ? 11  DG  A "C1'" 1 
ATOM   263 N  N9    . DG  A 1 11 ? -5.688  -6.055  -1.746  1.00 12.13 ? 11  DG  A N9    1 
ATOM   264 C  C8    . DG  A 1 11 ? -5.337  -5.780  -3.044  1.00 11.61 ? 11  DG  A C8    1 
ATOM   265 N  N7    . DG  A 1 11 ? -5.146  -4.504  -3.270  1.00 12.24 ? 11  DG  A N7    1 
ATOM   266 C  C5    . DG  A 1 11 ? -5.314  -3.916  -2.015  1.00 10.90 ? 11  DG  A C5    1 
ATOM   267 C  C6    . DG  A 1 11 ? -5.215  -2.568  -1.614  1.00 8.52  ? 11  DG  A C6    1 
ATOM   268 O  O6    . DG  A 1 11 ? -4.938  -1.577  -2.302  1.00 10.26 ? 11  DG  A O6    1 
ATOM   269 N  N1    . DG  A 1 11 ? -5.454  -2.409  -0.249  1.00 10.53 ? 11  DG  A N1    1 
ATOM   270 C  C2    . DG  A 1 11 ? -5.760  -3.435  0.615   1.00 9.55  ? 11  DG  A C2    1 
ATOM   271 N  N2    . DG  A 1 11 ? -5.952  -3.098  1.896   1.00 11.08 ? 11  DG  A N2    1 
ATOM   272 N  N3    . DG  A 1 11 ? -5.850  -4.706  0.244   1.00 12.12 ? 11  DG  A N3    1 
ATOM   273 C  C4    . DG  A 1 11 ? -5.615  -4.871  -1.073  1.00 10.65 ? 11  DG  A C4    1 
ATOM   274 P  P     . DG  A 1 12 ? -5.222  -10.678 1.211   1.00 15.96 ? 12  DG  A P     1 
ATOM   275 O  OP1   . DG  A 1 12 ? -4.550  -11.809 0.528   1.00 18.61 ? 12  DG  A OP1   1 
ATOM   276 O  OP2   . DG  A 1 12 ? -6.020  -10.944 2.420   1.00 18.70 ? 12  DG  A OP2   1 
ATOM   277 O  "O5'" . DG  A 1 12 ? -4.105  -9.597  1.598   1.00 14.67 ? 12  DG  A "O5'" 1 
ATOM   278 C  "C5'" . DG  A 1 12 ? -3.326  -9.764  2.764   1.00 14.24 ? 12  DG  A "C5'" 1 
ATOM   279 C  "C4'" . DG  A 1 12 ? -3.315  -8.478  3.558   1.00 12.33 ? 12  DG  A "C4'" 1 
ATOM   280 O  "O4'" . DG  A 1 12 ? -2.599  -7.449  2.813   1.00 13.23 ? 12  DG  A "O4'" 1 
ATOM   281 C  "C3'" . DG  A 1 12 ? -4.697  -7.886  3.864   1.00 11.92 ? 12  DG  A "C3'" 1 
ATOM   282 O  "O3'" . DG  A 1 12 ? -4.734  -7.501  5.221   1.00 14.05 ? 12  DG  A "O3'" 1 
ATOM   283 C  "C2'" . DG  A 1 12 ? -4.761  -6.657  2.955   1.00 10.69 ? 12  DG  A "C2'" 1 
ATOM   284 C  "C1'" . DG  A 1 12 ? -3.301  -6.247  2.952   1.00 10.20 ? 12  DG  A "C1'" 1 
ATOM   285 N  N9    . DG  A 1 12 ? -2.943  -5.367  1.841   1.00 9.46  ? 12  DG  A N9    1 
ATOM   286 C  C8    . DG  A 1 12 ? -2.804  -5.712  0.514   1.00 9.24  ? 12  DG  A C8    1 
ATOM   287 N  N7    . DG  A 1 12 ? -2.487  -4.700  -0.249  1.00 9.84  ? 12  DG  A N7    1 
ATOM   288 C  C5    . DG  A 1 12 ? -2.418  -3.623  0.627   1.00 8.67  ? 12  DG  A C5    1 
ATOM   289 C  C6    . DG  A 1 12 ? -2.116  -2.256  0.379   1.00 8.77  ? 12  DG  A C6    1 
ATOM   290 O  O6    . DG  A 1 12 ? -1.821  -1.713  -0.697  1.00 9.10  ? 12  DG  A O6    1 
ATOM   291 N  N1    . DG  A 1 12 ? -2.143  -1.501  1.554   1.00 8.59  ? 12  DG  A N1    1 
ATOM   292 C  C2    . DG  A 1 12 ? -2.441  -1.999  2.805   1.00 7.51  ? 12  DG  A C2    1 
ATOM   293 N  N2    . DG  A 1 12 ? -2.420  -1.116  3.819   1.00 9.34  ? 12  DG  A N2    1 
ATOM   294 N  N3    . DG  A 1 12 ? -2.722  -3.273  3.046   1.00 9.47  ? 12  DG  A N3    1 
ATOM   295 C  C4    . DG  A 1 12 ? -2.696  -4.022  1.916   1.00 8.67  ? 12  DG  A C4    1 
ATOM   296 P  P     . DT  A 1 13 ? -6.062  -7.687  6.095   1.00 15.79 ? 13  DT  A P     1 
ATOM   297 O  OP1   . DT  A 1 13 ? -5.787  -8.671  7.177   1.00 17.13 ? 13  DT  A OP1   1 
ATOM   298 O  OP2   . DT  A 1 13 ? -7.218  -7.866  5.192   1.00 15.62 ? 13  DT  A OP2   1 
ATOM   299 O  "O5'" . DT  A 1 13 ? -6.234  -6.278  6.810   1.00 16.37 ? 13  DT  A "O5'" 1 
ATOM   300 C  "C5'" . DT  A 1 13 ? -6.514  -5.118  6.030   1.00 17.83 ? 13  DT  A "C5'" 1 
ATOM   301 C  "C4'" . DT  A 1 13 ? -7.114  -4.042  6.902   1.00 19.68 ? 13  DT  A "C4'" 1 
ATOM   302 O  "O4'" . DT  A 1 13 ? -7.225  -2.810  6.144   1.00 17.39 ? 13  DT  A "O4'" 1 
ATOM   303 C  "C3'" . DT  A 1 13 ? -8.516  -4.335  7.429   1.00 22.15 ? 13  DT  A "C3'" 1 
ATOM   304 O  "O3'" . DT  A 1 13 ? -8.683  -3.705  8.688   1.00 25.78 ? 13  DT  A "O3'" 1 
ATOM   305 C  "C2'" . DT  A 1 13 ? -9.399  -3.684  6.378   1.00 20.36 ? 13  DT  A "C2'" 1 
ATOM   306 C  "C1'" . DT  A 1 13 ? -8.580  -2.440  6.040   1.00 18.14 ? 13  DT  A "C1'" 1 
ATOM   307 N  N1    . DT  A 1 13 ? -8.810  -1.892  4.672   1.00 16.11 ? 13  DT  A N1    1 
ATOM   308 C  C2    . DT  A 1 13 ? -8.732  -2.715  3.558   1.00 15.33 ? 13  DT  A C2    1 
ATOM   309 O  O2    . DT  A 1 13 ? -8.480  -3.905  3.598   1.00 16.02 ? 13  DT  A O2    1 
ATOM   310 N  N3    . DT  A 1 13 ? -8.962  -2.079  2.372   1.00 14.95 ? 13  DT  A N3    1 
ATOM   311 C  C4    . DT  A 1 13 ? -9.235  -0.749  2.175   1.00 14.69 ? 13  DT  A C4    1 
ATOM   312 O  O4    . DT  A 1 13 ? -9.422  -0.289  1.059   1.00 16.29 ? 13  DT  A O4    1 
ATOM   313 C  C5    . DT  A 1 13 ? -9.292  0.059   3.374   1.00 14.94 ? 13  DT  A C5    1 
ATOM   314 C  C7    . DT  A 1 13 ? -9.586  1.524   3.295   1.00 15.65 ? 13  DT  A C7    1 
ATOM   315 C  C6    . DT  A 1 13 ? -9.082  -0.551  4.550   1.00 14.30 ? 13  DT  A C6    1 
ATOM   316 P  P     . DT  A 1 14 ? -9.075  -4.573  9.982   1.00 27.17 ? 14  DT  A P     1 
ATOM   317 O  OP1   . DT  A 1 14 ? -9.837  -5.747  9.522   1.00 26.69 ? 14  DT  A OP1   1 
ATOM   318 O  OP2   . DT  A 1 14 ? -9.610  -3.634  10.982  1.00 29.78 ? 14  DT  A OP2   1 
ATOM   319 O  "O5'" . DT  A 1 14 ? -7.679  -5.115  10.509  1.00 22.82 ? 14  DT  A "O5'" 1 
ATOM   320 C  "C5'" . DT  A 1 14 ? -6.708  -4.226  10.994  1.00 23.21 ? 14  DT  A "C5'" 1 
ATOM   321 C  "C4'" . DT  A 1 14 ? -5.443  -4.986  11.298  1.00 22.35 ? 14  DT  A "C4'" 1 
ATOM   322 O  "O4'" . DT  A 1 14 ? -5.756  -6.074  12.201  1.00 21.52 ? 14  DT  A "O4'" 1 
ATOM   323 C  "C3'" . DT  A 1 14 ? -4.783  -5.630  10.081  1.00 21.70 ? 14  DT  A "C3'" 1 
ATOM   324 O  "O3'" . DT  A 1 14 ? -3.385  -5.546  10.197  1.00 22.31 ? 14  DT  A "O3'" 1 
ATOM   325 C  "C2'" . DT  A 1 14 ? -5.252  -7.077  10.148  1.00 20.80 ? 14  DT  A "C2'" 1 
ATOM   326 C  "C1'" . DT  A 1 14 ? -5.345  -7.301  11.648  1.00 22.65 ? 14  DT  A "C1'" 1 
ATOM   327 N  N1    . DT  A 1 14 ? -6.350  -8.331  12.002  1.00 24.19 ? 14  DT  A N1    1 
ATOM   328 C  C2    . DT  A 1 14 ? -5.952  -9.627  12.153  1.00 30.20 ? 14  DT  A C2    1 
ATOM   329 O  O2    . DT  A 1 14 ? -4.795  -9.987  12.027  1.00 35.70 ? 14  DT  A O2    1 
ATOM   330 N  N3    . DT  A 1 14 ? -6.960  -10.499 12.466  1.00 31.36 ? 14  DT  A N3    1 
ATOM   331 C  C4    . DT  A 1 14 ? -8.301  -10.205 12.618  1.00 32.59 ? 14  DT  A C4    1 
ATOM   332 O  O4    . DT  A 1 14 ? -9.138  -11.063 12.894  1.00 36.50 ? 14  DT  A O4    1 
ATOM   333 C  C5    . DT  A 1 14 ? -8.648  -8.819  12.437  1.00 29.24 ? 14  DT  A C5    1 
ATOM   334 C  C7    . DT  A 1 14 ? -10.067 -8.368  12.582  1.00 30.07 ? 14  DT  A C7    1 
ATOM   335 C  C6    . DT  A 1 14 ? -7.664  -7.961  12.139  1.00 26.12 ? 14  DT  A C6    1 
ATOM   336 P  P     . DG  A 1 15 ? -2.598  -4.321  9.521   1.00 21.40 ? 15  DG  A P     1 
ATOM   337 O  OP1   . DG  A 1 15 ? -1.346  -4.162  10.300  1.00 23.46 ? 15  DG  A OP1   1 
ATOM   338 O  OP2   . DG  A 1 15 ? -3.528  -3.199  9.326   1.00 26.22 ? 15  DG  A OP2   1 
ATOM   339 O  "O5'" . DG  A 1 15 ? -2.217  -4.894  8.087   1.00 17.60 ? 15  DG  A "O5'" 1 
ATOM   340 C  "C5'" . DG  A 1 15 ? -1.190  -5.837  7.985   1.00 16.19 ? 15  DG  A "C5'" 1 
ATOM   341 C  "C4'" . DG  A 1 15 ? -1.292  -6.587  6.689   1.00 13.32 ? 15  DG  A "C4'" 1 
ATOM   342 O  "O4'" . DG  A 1 15 ? -1.329  -5.629  5.602   1.00 13.33 ? 15  DG  A "O4'" 1 
ATOM   343 C  "C3'" . DG  A 1 15 ? -0.114  -7.508  6.394   1.00 13.62 ? 15  DG  A "C3'" 1 
ATOM   344 O  "O3'" . DG  A 1 15 ? -0.589  -8.630  5.676   1.00 15.99 ? 15  DG  A "O3'" 1 
ATOM   345 C  "C2'" . DG  A 1 15 ? 0.778   -6.619  5.525   1.00 13.13 ? 15  DG  A "C2'" 1 
ATOM   346 C  "C1'" . DG  A 1 15 ? -0.286  -5.930  4.700   1.00 13.55 ? 15  DG  A "C1'" 1 
ATOM   347 N  N9    . DG  A 1 15 ? 0.138   -4.695  4.055   1.00 11.20 ? 15  DG  A N9    1 
ATOM   348 C  C8    . DG  A 1 15 ? 0.281   -3.460  4.638   1.00 10.71 ? 15  DG  A C8    1 
ATOM   349 N  N7    . DG  A 1 15 ? 0.660   -2.531  3.792   1.00 11.42 ? 15  DG  A N7    1 
ATOM   350 C  C5    . DG  A 1 15 ? 0.753   -3.191  2.578   1.00 11.07 ? 15  DG  A C5    1 
ATOM   351 C  C6    . DG  A 1 15 ? 1.112   -2.696  1.298   1.00 10.01 ? 15  DG  A C6    1 
ATOM   352 O  O6    . DG  A 1 15 ? 1.424   -1.530  0.981   1.00 8.68  ? 15  DG  A O6    1 
ATOM   353 N  N1    . DG  A 1 15 ? 1.101   -3.708  0.332   1.00 9.83  ? 15  DG  A N1    1 
ATOM   354 C  C2    . DG  A 1 15 ? 0.763   -5.020  0.573   1.00 10.00 ? 15  DG  A C2    1 
ATOM   355 N  N2    . DG  A 1 15 ? 0.799   -5.847  -0.481  1.00 11.00 ? 15  DG  A N2    1 
ATOM   356 N  N3    . DG  A 1 15 ? 0.426   -5.494  1.769   1.00 11.00 ? 15  DG  A N3    1 
ATOM   357 C  C4    . DG  A 1 15 ? 0.439   -4.522  2.720   1.00 11.58 ? 15  DG  A C4    1 
ATOM   358 P  P     . DT  A 1 16 ? 0.272   -9.970  5.548   1.00 19.58 ? 16  DT  A P     1 
ATOM   359 O  OP1   . DT  A 1 16 ? -0.643  -10.969 4.957   1.00 20.21 ? 16  DT  A OP1   1 
ATOM   360 O  OP2   . DT  A 1 16 ? 0.986   -10.244 6.819   1.00 19.34 ? 16  DT  A OP2   1 
ATOM   361 O  "O5'" . DT  A 1 16 ? 1.390   -9.611  4.480   1.00 19.53 ? 16  DT  A "O5'" 1 
ATOM   362 C  "C5'" . DT  A 1 16 ? 1.026   -9.343  3.138   1.00 20.66 ? 16  DT  A "C5'" 1 
ATOM   363 C  "C4'" . DT  A 1 16 ? 2.188   -9.620  2.214   1.00 21.65 ? 16  DT  A "C4'" 1 
ATOM   364 O  "O4'" . DT  A 1 16 ? 3.229   -8.643  2.451   1.00 22.09 ? 16  DT  A "O4'" 1 
ATOM   365 C  "C3'" . DT  A 1 16 ? 2.837   -10.989 2.405   1.00 21.65 ? 16  DT  A "C3'" 1 
ATOM   366 O  "O3'" . DT  A 1 16 ? 3.225   -11.525 1.154   1.00 25.40 ? 16  DT  A "O3'" 1 
ATOM   367 C  "C2'" . DT  A 1 16 ? 4.050   -10.694 3.283   1.00 21.94 ? 16  DT  A "C2'" 1 
ATOM   368 C  "C1'" . DT  A 1 16 ? 4.418   -9.267  2.889   1.00 23.27 ? 16  DT  A "C1'" 1 
ATOM   369 N  N1    . DT  A 1 16 ? 4.928   -8.464  4.017   1.00 28.21 ? 16  DT  A N1    1 
ATOM   370 C  C2    . DT  A 1 16 ? 6.053   -7.693  3.848   1.00 34.77 ? 16  DT  A C2    1 
ATOM   371 O  O2    . DT  A 1 16 ? 6.682   -7.648  2.805   1.00 35.88 ? 16  DT  A O2    1 
ATOM   372 N  N3    . DT  A 1 16 ? 6.419   -6.970  4.957   1.00 36.60 ? 16  DT  A N3    1 
ATOM   373 C  C4    . DT  A 1 16 ? 5.774   -6.942  6.188   1.00 36.90 ? 16  DT  A C4    1 
ATOM   374 O  O4    . DT  A 1 16 ? 6.176   -6.264  7.128   1.00 40.95 ? 16  DT  A O4    1 
ATOM   375 C  C5    . DT  A 1 16 ? 4.596   -7.769  6.286   1.00 34.04 ? 16  DT  A C5    1 
ATOM   376 C  C7    . DT  A 1 16 ? 3.813   -7.827  7.564   1.00 34.63 ? 16  DT  A C7    1 
ATOM   377 C  C6    . DT  A 1 16 ? 4.235   -8.476  5.208   1.00 30.82 ? 16  DT  A C6    1 
ATOM   378 P  P     . DG  A 1 17 ? 2.123   -11.899 0.051   1.00 26.95 ? 17  DG  A P     1 
ATOM   379 O  OP1   . DG  A 1 17 ? 0.827   -12.191 0.712   1.00 28.44 ? 17  DG  A OP1   1 
ATOM   380 O  OP2   . DG  A 1 17 ? 2.758   -12.891 -0.847  1.00 29.24 ? 17  DG  A OP2   1 
ATOM   381 O  "O5'" . DG  A 1 17 ? 1.984   -10.554 -0.800  1.00 21.88 ? 17  DG  A "O5'" 1 
ATOM   382 C  "C5'" . DG  A 1 17 ? 1.141   -10.511 -1.934  1.00 19.74 ? 17  DG  A "C5'" 1 
ATOM   383 C  "C4'" . DG  A 1 17 ? 1.901   -10.018 -3.155  1.00 17.06 ? 17  DG  A "C4'" 1 
ATOM   384 O  "O4'" . DG  A 1 17 ? 2.281   -8.630  -2.978  1.00 14.67 ? 17  DG  A "O4'" 1 
ATOM   385 C  "C3'" . DG  A 1 17 ? 3.202   -10.745 -3.444  1.00 18.16 ? 17  DG  A "C3'" 1 
ATOM   386 O  "O3'" . DG  A 1 17 ? 3.472   -10.730 -4.862  1.00 19.71 ? 17  DG  A "O3'" 1 
ATOM   387 C  "C2'" . DG  A 1 17 ? 4.223   -9.883  -2.687  1.00 17.36 ? 17  DG  A "C2'" 1 
ATOM   388 C  "C1'" . DG  A 1 17 ? 3.692   -8.504  -3.028  1.00 15.99 ? 17  DG  A "C1'" 1 
ATOM   389 N  N9    . DG  A 1 17 ? 4.018   -7.432  -2.105  1.00 14.53 ? 17  DG  A N9    1 
ATOM   390 C  C8    . DG  A 1 17 ? 3.847   -7.430  -0.738  1.00 15.08 ? 17  DG  A C8    1 
ATOM   391 N  N7    . DG  A 1 17 ? 4.124   -6.283  -0.187  1.00 13.72 ? 17  DG  A N7    1 
ATOM   392 C  C5    . DG  A 1 17 ? 4.465   -5.460  -1.258  1.00 13.28 ? 17  DG  A C5    1 
ATOM   393 C  C6    . DG  A 1 17 ? 4.846   -4.100  -1.284  1.00 12.43 ? 17  DG  A C6    1 
ATOM   394 O  O6    . DG  A 1 17 ? 4.960   -3.312  -0.339  1.00 13.69 ? 17  DG  A O6    1 
ATOM   395 N  N1    . DG  A 1 17 ? 5.095   -3.661  -2.578  1.00 11.11 ? 17  DG  A N1    1 
ATOM   396 C  C2    . DG  A 1 17 ? 4.998   -4.439  -3.710  1.00 11.93 ? 17  DG  A C2    1 
ATOM   397 N  N2    . DG  A 1 17 ? 5.282   -3.836  -4.879  1.00 13.23 ? 17  DG  A N2    1 
ATOM   398 N  N3    . DG  A 1 17 ? 4.627   -5.704  -3.700  1.00 12.79 ? 17  DG  A N3    1 
ATOM   399 C  C4    . DG  A 1 17 ? 4.380   -6.150  -2.445  1.00 13.70 ? 17  DG  A C4    1 
ATOM   400 P  P     . DG  A 1 18 ? 2.327   -10.980 -5.967  1.00 19.81 ? 18  DG  A P     1 
ATOM   401 O  OP1   . DG  A 1 18 ? 1.269   -11.888 -5.472  1.00 22.51 ? 18  DG  A OP1   1 
ATOM   402 O  OP2   . DG  A 1 18 ? 3.066   -11.315 -7.213  1.00 20.97 ? 18  DG  A OP2   1 
ATOM   403 O  "O5'" . DG  A 1 18 ? 1.700   -9.523  -6.148  1.00 17.22 ? 18  DG  A "O5'" 1 
ATOM   404 C  "C5'" . DG  A 1 18 ? 0.818   -9.247  -7.211  1.00 16.05 ? 18  DG  A "C5'" 1 
ATOM   405 C  "C4'" . DG  A 1 18 ? 1.116   -7.875  -7.767  1.00 15.20 ? 18  DG  A "C4'" 1 
ATOM   406 O  "O4'" . DG  A 1 18 ? 0.775   -6.864  -6.771  1.00 14.11 ? 18  DG  A "O4'" 1 
ATOM   407 C  "C3'" . DG  A 1 18 ? 2.588   -7.632  -8.112  1.00 14.76 ? 18  DG  A "C3'" 1 
ATOM   408 O  "O3'" . DG  A 1 18 ? 2.656   -6.930  -9.344  1.00 17.31 ? 18  DG  A "O3'" 1 
ATOM   409 C  "C2'" . DG  A 1 18 ? 3.087   -6.771  -6.944  1.00 12.71 ? 18  DG  A "C2'" 1 
ATOM   410 C  "C1'" . DG  A 1 18 ? 1.846   -5.947  -6.683  1.00 12.62 ? 18  DG  A "C1'" 1 
ATOM   411 N  N9    . DG  A 1 18 ? 1.796   -5.275  -5.376  1.00 12.68 ? 18  DG  A N9    1 
ATOM   412 C  C8    . DG  A 1 18 ? 1.508   -5.841  -4.156  1.00 12.78 ? 18  DG  A C8    1 
ATOM   413 N  N7    . DG  A 1 18 ? 1.524   -4.975  -3.170  1.00 10.30 ? 18  DG  A N7    1 
ATOM   414 C  C5    . DG  A 1 18 ? 1.820   -3.767  -3.785  1.00 10.98 ? 18  DG  A C5    1 
ATOM   415 C  C6    . DG  A 1 18 ? 1.965   -2.472  -3.225  1.00 10.04 ? 18  DG  A C6    1 
ATOM   416 O  O6    . DG  A 1 18 ? 1.854   -2.128  -2.032  1.00 9.87  ? 18  DG  A O6    1 
ATOM   417 N  N1    . DG  A 1 18 ? 2.271   -1.525  -4.193  1.00 11.01 ? 18  DG  A N1    1 
ATOM   418 C  C2    . DG  A 1 18 ? 2.416   -1.796  -5.528  1.00 11.01 ? 18  DG  A C2    1 
ATOM   419 N  N2    . DG  A 1 18 ? 2.702   -0.749  -6.305  1.00 11.61 ? 18  DG  A N2    1 
ATOM   420 N  N3    . DG  A 1 18 ? 2.277   -3.002  -6.066  1.00 11.87 ? 18  DG  A N3    1 
ATOM   421 C  C4    . DG  A 1 18 ? 1.981   -3.935  -5.137  1.00 11.39 ? 18  DG  A C4    1 
ATOM   422 P  P     . DT  A 1 19 ? 3.968   -7.008  -10.266 1.00 22.61 ? 19  DT  A P     1 
ATOM   423 O  OP1   . DT  A 1 19 ? 3.524   -6.607  -11.616 1.00 23.49 ? 19  DT  A OP1   1 
ATOM   424 O  OP2   . DT  A 1 19 ? 4.683   -8.281  -10.024 1.00 23.91 ? 19  DT  A OP2   1 
ATOM   425 O  "O5'" . DT  A 1 19 ? 4.916   -5.880  -9.667  1.00 20.51 ? 19  DT  A "O5'" 1 
ATOM   426 C  "C5'" . DT  A 1 19 ? 4.470   -4.534  -9.596  1.00 19.10 ? 19  DT  A "C5'" 1 
ATOM   427 C  "C4'" . DT  A 1 19 ? 5.618   -3.640  -9.195  1.00 19.19 ? 19  DT  A "C4'" 1 
ATOM   428 O  "O4'" . DT  A 1 19 ? 5.993   -3.908  -7.819  1.00 19.73 ? 19  DT  A "O4'" 1 
ATOM   429 C  "C3'" . DT  A 1 19 ? 6.890   -3.837  -10.018 1.00 19.41 ? 19  DT  A "C3'" 1 
ATOM   430 O  "O3'" . DT  A 1 19 ? 7.530   -2.609  -10.185 1.00 20.82 ? 19  DT  A "O3'" 1 
ATOM   431 C  "C2'" . DT  A 1 19 ? 7.717   -4.790  -9.152  1.00 20.03 ? 19  DT  A "C2'" 1 
ATOM   432 C  "C1'" . DT  A 1 19 ? 7.352   -4.319  -7.754  1.00 21.14 ? 19  DT  A "C1'" 1 
ATOM   433 N  N1    . DT  A 1 19 ? 7.423   -5.368  -6.719  1.00 23.12 ? 19  DT  A N1    1 
ATOM   434 C  C2    . DT  A 1 19 ? 8.052   -5.094  -5.528  1.00 24.67 ? 19  DT  A C2    1 
ATOM   435 O  O2    . DT  A 1 19 ? 8.600   -4.034  -5.293  1.00 25.11 ? 19  DT  A O2    1 
ATOM   436 N  N3    . DT  A 1 19 ? 8.020   -6.119  -4.619  1.00 24.52 ? 19  DT  A N3    1 
ATOM   437 C  C4    . DT  A 1 19 ? 7.429   -7.357  -4.780  1.00 25.78 ? 19  DT  A C4    1 
ATOM   438 O  O4    . DT  A 1 19 ? 7.454   -8.216  -3.904  1.00 26.86 ? 19  DT  A O4    1 
ATOM   439 C  C5    . DT  A 1 19 ? 6.788   -7.575  -6.053  1.00 24.59 ? 19  DT  A C5    1 
ATOM   440 C  C7    . DT  A 1 19 ? 6.116   -8.878  -6.340  1.00 24.57 ? 19  DT  A C7    1 
ATOM   441 C  C6    . DT  A 1 19 ? 6.809   -6.583  -6.946  1.00 23.53 ? 19  DT  A C6    1 
ATOM   442 P  P     . DG  A 1 20 ? 6.880   -1.489  -11.125 1.00 19.46 ? 20  DG  A P     1 
ATOM   443 O  OP1   . DG  A 1 20 ? 5.984   -2.118  -12.109 1.00 19.91 ? 20  DG  A OP1   1 
ATOM   444 O  OP2   . DG  A 1 20 ? 7.997   -0.633  -11.580 1.00 19.87 ? 20  DG  A OP2   1 
ATOM   445 O  "O5'" . DG  A 1 20 ? 5.924   -0.684  -10.108 1.00 18.28 ? 20  DG  A "O5'" 1 
ATOM   446 C  "C5'" . DG  A 1 20 ? 5.091   0.369   -10.569 1.00 17.03 ? 20  DG  A "C5'" 1 
ATOM   447 C  "C4'" . DG  A 1 20 ? 5.405   1.669   -9.847  1.00 14.62 ? 20  DG  A "C4'" 1 
ATOM   448 O  "O4'" . DG  A 1 20 ? 5.154   1.508   -8.429  1.00 13.76 ? 20  DG  A "O4'" 1 
ATOM   449 C  "C3'" . DG  A 1 20 ? 6.854   2.136   -9.947  1.00 15.30 ? 20  DG  A "C3'" 1 
ATOM   450 O  "O3'" . DG  A 1 20 ? 6.930   3.582   -9.875  1.00 18.20 ? 20  DG  A "O3'" 1 
ATOM   451 C  "C2'" . DG  A 1 20 ? 7.484   1.487   -8.701  1.00 13.91 ? 20  DG  A "C2'" 1 
ATOM   452 C  "C1'" . DG  A 1 20 ? 6.366   1.704   -7.697  1.00 13.13 ? 20  DG  A "C1'" 1 
ATOM   453 N  N9    . DG  A 1 20 ? 6.313   0.787   -6.556  1.00 11.79 ? 20  DG  A N9    1 
ATOM   454 C  C8    . DG  A 1 20 ? 6.123   -0.569  -6.594  1.00 12.57 ? 20  DG  A C8    1 
ATOM   455 N  N7    . DG  A 1 20 ? 5.995   -1.109  -5.403  1.00 13.33 ? 20  DG  A N7    1 
ATOM   456 C  C5    . DG  A 1 20 ? 6.074   -0.031  -4.533  1.00 11.62 ? 20  DG  A C5    1 
ATOM   457 C  C6    . DG  A 1 20 ? 5.987   0.007   -3.116  1.00 11.68 ? 20  DG  A C6    1 
ATOM   458 O  O6    . DG  A 1 20 ? 5.837   -0.945  -2.329  1.00 12.29 ? 20  DG  A O6    1 
ATOM   459 N  N1    . DG  A 1 20 ? 6.103   1.309   -2.622  1.00 9.53  ? 20  DG  A N1    1 
ATOM   460 C  C2    . DG  A 1 20 ? 6.268   2.425   -3.407  1.00 9.92  ? 20  DG  A C2    1 
ATOM   461 N  N2    . DG  A 1 20 ? 6.356   3.598   -2.768  1.00 11.28 ? 20  DG  A N2    1 
ATOM   462 N  N3    . DG  A 1 20 ? 6.340   2.394   -4.732  1.00 11.35 ? 20  DG  A N3    1 
ATOM   463 C  C4    . DG  A 1 20 ? 6.229   1.141   -5.224  1.00 11.37 ? 20  DG  A C4    1 
ATOM   464 P  P     . DG  A 1 21 ? 5.965   4.555   -10.726 1.00 19.52 ? 21  DG  A P     1 
ATOM   465 O  OP1   . DG  A 1 21 ? 5.555   3.872   -11.977 1.00 21.59 ? 21  DG  A OP1   1 
ATOM   466 O  OP2   . DG  A 1 21 ? 6.624   5.879   -10.774 1.00 21.09 ? 21  DG  A OP2   1 
ATOM   467 O  "O5'" . DG  A 1 21 ? 4.679   4.693   -9.786  1.00 18.60 ? 21  DG  A "O5'" 1 
ATOM   468 C  "C5'" . DG  A 1 21 ? 3.898   5.856   -9.827  1.00 14.90 ? 21  DG  A "C5'" 1 
ATOM   469 C  "C4'" . DG  A 1 21 ? 3.727   6.422   -8.435  1.00 13.58 ? 21  DG  A "C4'" 1 
ATOM   470 O  "O4'" . DG  A 1 21 ? 3.072   5.440   -7.558  1.00 11.45 ? 21  DG  A "O4'" 1 
ATOM   471 C  "C3'" . DG  A 1 21 ? 5.028   6.800   -7.728  1.00 12.54 ? 21  DG  A "C3'" 1 
ATOM   472 O  "O3'" . DG  A 1 21 ? 4.812   8.005   -7.023  1.00 16.09 ? 21  DG  A "O3'" 1 
ATOM   473 C  "C2'" . DG  A 1 21 ? 5.237   5.616   -6.775  1.00 12.46 ? 21  DG  A "C2'" 1 
ATOM   474 C  "C1'" . DG  A 1 21 ? 3.801   5.384   -6.356  1.00 11.60 ? 21  DG  A "C1'" 1 
ATOM   475 N  N9    . DG  A 1 21 ? 3.533   4.105   -5.697  1.00 9.81  ? 21  DG  A N9    1 
ATOM   476 C  C8    . DG  A 1 21 ? 3.397   2.875   -6.284  1.00 10.07 ? 21  DG  A C8    1 
ATOM   477 N  N7    . DG  A 1 21 ? 3.144   1.919   -5.429  1.00 10.45 ? 21  DG  A N7    1 
ATOM   478 C  C5    . DG  A 1 21 ? 3.087   2.561   -4.202  1.00 9.56  ? 21  DG  A C5    1 
ATOM   479 C  C6    . DG  A 1 21 ? 2.847   2.039   -2.906  1.00 9.04  ? 21  DG  A C6    1 
ATOM   480 O  O6    . DG  A 1 21 ? 2.611   0.872   -2.570  1.00 9.35  ? 21  DG  A O6    1 
ATOM   481 N  N1    . DG  A 1 21 ? 2.899   3.033   -1.933  1.00 8.25  ? 21  DG  A N1    1 
ATOM   482 C  C2    . DG  A 1 21 ? 3.152   4.357   -2.181  1.00 9.54  ? 21  DG  A C2    1 
ATOM   483 N  N2    . DG  A 1 21 ? 3.162   5.165   -1.116  1.00 11.58 ? 21  DG  A N2    1 
ATOM   484 N  N3    . DG  A 1 21 ? 3.369   4.860   -3.393  1.00 10.85 ? 21  DG  A N3    1 
ATOM   485 C  C4    . DG  A 1 21 ? 3.330   3.907   -4.350  1.00 9.42  ? 21  DG  A C4    1 
ATOM   486 P  P     . DT  A 1 22 ? 6.033   8.978   -6.653  1.00 18.16 ? 22  DT  A P     1 
ATOM   487 O  OP1   . DT  A 1 22 ? 5.420   10.261  -6.274  1.00 17.80 ? 22  DT  A OP1   1 
ATOM   488 O  OP2   . DT  A 1 22 ? 7.077   8.883   -7.695  1.00 18.13 ? 22  DT  A OP2   1 
ATOM   489 O  "O5'" . DT  A 1 22 ? 6.652   8.345   -5.322  1.00 18.29 ? 22  DT  A "O5'" 1 
ATOM   490 C  "C5'" . DT  A 1 22 ? 5.864   8.239   -4.142  1.00 17.34 ? 22  DT  A "C5'" 1 
ATOM   491 C  "C4'" . DT  A 1 22 ? 6.715   7.719   -3.000  1.00 16.15 ? 22  DT  A "C4'" 1 
ATOM   492 O  "O4'" . DT  A 1 22 ? 7.164   6.375   -3.322  1.00 15.50 ? 22  DT  A "O4'" 1 
ATOM   493 C  "C3'" . DT  A 1 22 ? 7.976   8.545   -2.738  1.00 15.16 ? 22  DT  A "C3'" 1 
ATOM   494 O  "O3'" . DT  A 1 22 ? 8.214   8.687   -1.342  1.00 17.47 ? 22  DT  A "O3'" 1 
ATOM   495 C  "C2'" . DT  A 1 22 ? 9.081   7.733   -3.409  1.00 15.43 ? 22  DT  A "C2'" 1 
ATOM   496 C  "C1'" . DT  A 1 22 ? 8.574   6.307   -3.256  1.00 15.68 ? 22  DT  A "C1'" 1 
ATOM   497 N  N1    . DT  A 1 22 ? 9.034   5.417   -4.338  1.00 15.72 ? 22  DT  A N1    1 
ATOM   498 C  C2    . DT  A 1 22 ? 9.700   4.247   -4.027  1.00 18.13 ? 22  DT  A C2    1 
ATOM   499 O  O2    . DT  A 1 22 ? 9.941   3.891   -2.884  1.00 18.71 ? 22  DT  A O2    1 
ATOM   500 N  N3    . DT  A 1 22 ? 10.072  3.496   -5.110  1.00 17.16 ? 22  DT  A N3    1 
ATOM   501 C  C4    . DT  A 1 22 ? 9.868   3.795   -6.442  1.00 18.07 ? 22  DT  A C4    1 
ATOM   502 O  O4    . DT  A 1 22 ? 10.250  3.053   -7.342  1.00 20.15 ? 22  DT  A O4    1 
ATOM   503 C  C5    . DT  A 1 22 ? 9.173   5.038   -6.696  1.00 15.83 ? 22  DT  A C5    1 
ATOM   504 C  C7    . DT  A 1 22 ? 8.882   5.471   -8.098  1.00 16.71 ? 22  DT  A C7    1 
ATOM   505 C  C6    . DT  A 1 22 ? 8.793   5.777   -5.648  1.00 15.69 ? 22  DT  A C6    1 
ATOM   506 P  P     . DG  A 1 23 ? 7.343   9.707   -0.467  1.00 18.03 ? 23  DG  A P     1 
ATOM   507 O  OP1   . DG  A 1 23 ? 6.737   10.718  -1.369  1.00 20.59 ? 23  DG  A OP1   1 
ATOM   508 O  OP2   . DG  A 1 23 ? 8.173   10.139  0.673   1.00 20.75 ? 23  DG  A OP2   1 
ATOM   509 O  "O5'" . DG  A 1 23 ? 6.173   8.761   0.110   1.00 17.08 ? 23  DG  A "O5'" 1 
ATOM   510 C  "C5'" . DG  A 1 23 ? 5.074   9.313   0.819   1.00 16.25 ? 23  DG  A "C5'" 1 
ATOM   511 C  "C4'" . DG  A 1 23 ? 4.957   8.709   2.214   1.00 12.43 ? 23  DG  A "C4'" 1 
ATOM   512 O  "O4'" . DG  A 1 23 ? 4.729   7.281   2.117   1.00 13.85 ? 23  DG  A "O4'" 1 
ATOM   513 C  "C3'" . DG  A 1 23 ? 6.195   8.854   3.095   1.00 12.32 ? 23  DG  A "C3'" 1 
ATOM   514 O  "O3'" . DG  A 1 23 ? 5.834   8.873   4.505   1.00 17.53 ? 23  DG  A "O3'" 1 
ATOM   515 C  "C2'" . DG  A 1 23 ? 6.963   7.572   2.753   1.00 13.53 ? 23  DG  A "C2'" 1 
ATOM   516 C  "C1'" . DG  A 1 23 ? 5.819   6.578   2.711   1.00 12.23 ? 23  DG  A "C1'" 1 
ATOM   517 N  N9    . DG  A 1 23 ? 6.023   5.399   1.890   1.00 11.33 ? 23  DG  A N9    1 
ATOM   518 C  C8    . DG  A 1 23 ? 6.452   5.360   0.584   1.00 12.04 ? 23  DG  A C8    1 
ATOM   519 N  N7    . DG  A 1 23 ? 6.446   4.158   0.075   1.00 9.62  ? 23  DG  A N7    1 
ATOM   520 C  C5    . DG  A 1 23 ? 5.948   3.357   1.094   1.00 9.79  ? 23  DG  A C5    1 
ATOM   521 C  C6    . DG  A 1 23 ? 5.705   1.970   1.123   1.00 9.84  ? 23  DG  A C6    1 
ATOM   522 O  O6    . DG  A 1 23 ? 5.874   1.136   0.216   1.00 12.98 ? 23  DG  A O6    1 
ATOM   523 N  N1    . DG  A 1 23 ? 5.196   1.565   2.347   1.00 8.86  ? 23  DG  A N1    1 
ATOM   524 C  C2    . DG  A 1 23 ? 4.968   2.394   3.416   1.00 9.00  ? 23  DG  A C2    1 
ATOM   525 N  N2    . DG  A 1 23 ? 4.469   1.817   4.520   1.00 10.28 ? 23  DG  A N2    1 
ATOM   526 N  N3    . DG  A 1 23 ? 5.182   3.695   3.397   1.00 10.28 ? 23  DG  A N3    1 
ATOM   527 C  C4    . DG  A 1 23 ? 5.671   4.108   2.210   1.00 9.93  ? 23  DG  A C4    1 
ATOM   528 P  P     . DG  A 1 24 ? 4.557   9.670   5.081   1.00 17.57 ? 24  DG  A P     1 
ATOM   529 O  OP1   . DG  A 1 24 ? 4.353   10.914  4.300   1.00 18.56 ? 24  DG  A OP1   1 
ATOM   530 O  OP2   . DG  A 1 24 ? 4.735   9.733   6.541   1.00 20.10 ? 24  DG  A OP2   1 
ATOM   531 O  "O5'" . DG  A 1 24 ? 3.353   8.642   4.808   1.00 18.18 ? 24  DG  A "O5'" 1 
ATOM   532 C  "C5'" . DG  A 1 24 ? 2.096   8.830   5.401   1.00 17.90 ? 24  DG  A "C5'" 1 
ATOM   533 C  "C4'" . DG  A 1 24 ? 1.541   7.507   5.886   1.00 13.44 ? 24  DG  A "C4'" 1 
ATOM   534 O  "O4'" . DG  A 1 24 ? 1.212   6.636   4.758   1.00 12.62 ? 24  DG  A "O4'" 1 
ATOM   535 C  "C3'" . DG  A 1 24 ? 2.483   6.693   6.778   1.00 12.88 ? 24  DG  A "C3'" 1 
ATOM   536 O  "O3'" . DG  A 1 24 ? 1.709   6.100   7.801   1.00 13.93 ? 24  DG  A "O3'" 1 
ATOM   537 C  "C2'" . DG  A 1 24 ? 3.004   5.626   5.816   1.00 10.05 ? 24  DG  A "C2'" 1 
ATOM   538 C  "C1'" . DG  A 1 24 ? 1.738   5.364   5.016   1.00 11.21 ? 24  DG  A "C1'" 1 
ATOM   539 N  N9    . DG  A 1 24 ? 1.942   4.675   3.745   1.00 10.03 ? 24  DG  A N9    1 
ATOM   540 C  C8    . DG  A 1 24 ? 2.363   5.226   2.556   1.00 10.57 ? 24  DG  A C8    1 
ATOM   541 N  N7    . DG  A 1 24 ? 2.439   4.352   1.578   1.00 10.70 ? 24  DG  A N7    1 
ATOM   542 C  C5    . DG  A 1 24 ? 2.048   3.156   2.165   1.00 9.88  ? 24  DG  A C5    1 
ATOM   543 C  C6    . DG  A 1 24 ? 1.934   1.858   1.607   1.00 9.54  ? 24  DG  A C6    1 
ATOM   544 O  O6    . DG  A 1 24 ? 2.178   1.492   0.444   1.00 9.75  ? 24  DG  A O6    1 
ATOM   545 N  N1    . DG  A 1 24 ? 1.509   0.927   2.556   1.00 9.22  ? 24  DG  A N1    1 
ATOM   546 C  C2    . DG  A 1 24 ? 1.227   1.217   3.869   1.00 10.74 ? 24  DG  A C2    1 
ATOM   547 N  N2    . DG  A 1 24 ? 0.821   0.198   4.621   1.00 12.04 ? 24  DG  A N2    1 
ATOM   548 N  N3    . DG  A 1 24 ? 1.319   2.422   4.396   1.00 10.55 ? 24  DG  A N3    1 
ATOM   549 C  C4    . DG  A 1 24 ? 1.740   3.338   3.495   1.00 10.64 ? 24  DG  A C4    1 
ATOM   550 P  P     . DT  A 1 25 ? 2.359   5.663   9.196   1.00 16.19 ? 25  DT  A P     1 
ATOM   551 O  OP1   . DT  A 1 25 ? 1.219   5.403   10.102  1.00 17.05 ? 25  DT  A OP1   1 
ATOM   552 O  OP2   . DT  A 1 25 ? 3.455   6.590   9.543   1.00 17.83 ? 25  DT  A OP2   1 
ATOM   553 O  "O5'" . DT  A 1 25 ? 3.051   4.266   8.840   1.00 16.78 ? 25  DT  A "O5'" 1 
ATOM   554 C  "C5'" . DT  A 1 25 ? 2.267   3.131   8.537   1.00 15.62 ? 25  DT  A "C5'" 1 
ATOM   555 C  "C4'" . DT  A 1 25 ? 3.123   1.875   8.593   1.00 13.77 ? 25  DT  A "C4'" 1 
ATOM   556 O  "O4'" . DT  A 1 25 ? 4.111   1.905   7.536   1.00 13.98 ? 25  DT  A "O4'" 1 
ATOM   557 C  "C3'" . DT  A 1 25 ? 3.904   1.687   9.889   1.00 14.93 ? 25  DT  A "C3'" 1 
ATOM   558 O  "O3'" . DT  A 1 25 ? 3.967   0.311   10.218  1.00 18.62 ? 25  DT  A "O3'" 1 
ATOM   559 C  "C2'" . DT  A 1 25 ? 5.286   2.249   9.552   1.00 12.91 ? 25  DT  A "C2'" 1 
ATOM   560 C  "C1'" . DT  A 1 25 ? 5.433   1.872   8.086   1.00 13.34 ? 25  DT  A "C1'" 1 
ATOM   561 N  N1    . DT  A 1 25 ? 6.233   2.822   7.301   1.00 13.84 ? 25  DT  A N1    1 
ATOM   562 C  C2    . DT  A 1 25 ? 7.074   2.346   6.320   1.00 14.53 ? 25  DT  A C2    1 
ATOM   563 O  O2    . DT  A 1 25 ? 7.261   1.154   6.112   1.00 15.53 ? 25  DT  A O2    1 
ATOM   564 N  N3    . DT  A 1 25 ? 7.719   3.320   5.598   1.00 14.94 ? 25  DT  A N3    1 
ATOM   565 C  C4    . DT  A 1 25 ? 7.591   4.684   5.745   1.00 15.94 ? 25  DT  A C4    1 
ATOM   566 O  O4    . DT  A 1 25 ? 8.211   5.475   5.044   1.00 16.07 ? 25  DT  A O4    1 
ATOM   567 C  C5    . DT  A 1 25 ? 6.673   5.115   6.777   1.00 15.33 ? 25  DT  A C5    1 
ATOM   568 C  C7    . DT  A 1 25 ? 6.453   6.576   7.030   1.00 15.54 ? 25  DT  A C7    1 
ATOM   569 C  C6    . DT  A 1 25 ? 6.037   4.174   7.485   1.00 14.82 ? 25  DT  A C6    1 
ATOM   570 P  P     . DG  A 1 26 ? 2.680   -0.444  10.817  1.00 20.85 ? 26  DG  A P     1 
ATOM   571 O  OP1   . DG  A 1 26 ? 1.674   0.551   11.246  1.00 21.13 ? 26  DG  A OP1   1 
ATOM   572 O  OP2   . DG  A 1 26 ? 3.175   -1.443  11.794  1.00 22.62 ? 26  DG  A OP2   1 
ATOM   573 O  "O5'" . DG  A 1 26 ? 2.093   -1.218  9.550   1.00 19.55 ? 26  DG  A "O5'" 1 
ATOM   574 C  "C5'" . DG  A 1 26 ? 1.120   -2.229  9.721   1.00 20.10 ? 26  DG  A "C5'" 1 
ATOM   575 C  "C4'" . DG  A 1 26 ? 1.590   -3.553  9.146   1.00 18.08 ? 26  DG  A "C4'" 1 
ATOM   576 O  "O4'" . DG  A 1 26 ? 1.776   -3.426  7.714   1.00 17.41 ? 26  DG  A "O4'" 1 
ATOM   577 C  "C3'" . DG  A 1 26 ? 2.916   -4.080  9.677   1.00 18.45 ? 26  DG  A "C3'" 1 
ATOM   578 O  "O3'" . DG  A 1 26 ? 2.909   -5.487  9.562   1.00 22.89 ? 26  DG  A "O3'" 1 
ATOM   579 C  "C2'" . DG  A 1 26 ? 3.901   -3.492  8.682   1.00 16.12 ? 26  DG  A "C2'" 1 
ATOM   580 C  "C1'" . DG  A 1 26 ? 3.116   -3.702  7.389   1.00 15.16 ? 26  DG  A "C1'" 1 
ATOM   581 N  N9    . DG  A 1 26 ? 3.500   -2.824  6.288   1.00 13.13 ? 26  DG  A N9    1 
ATOM   582 C  C8    . DG  A 1 26 ? 3.702   -1.470  6.340   1.00 11.76 ? 26  DG  A C8    1 
ATOM   583 N  N7    . DG  A 1 26 ? 4.029   -0.950  5.190   1.00 12.49 ? 26  DG  A N7    1 
ATOM   584 C  C5    . DG  A 1 26 ? 4.030   -2.031  4.315   1.00 12.87 ? 26  DG  A C5    1 
ATOM   585 C  C6    . DG  A 1 26 ? 4.292   -2.081  2.928   1.00 13.95 ? 26  DG  A C6    1 
ATOM   586 O  O6    . DG  A 1 26 ? 4.597   -1.149  2.163   1.00 13.08 ? 26  DG  A O6    1 
ATOM   587 N  N1    . DG  A 1 26 ? 4.177   -3.374  2.436   1.00 12.52 ? 26  DG  A N1    1 
ATOM   588 C  C2    . DG  A 1 26 ? 3.839   -4.474  3.182   1.00 12.35 ? 26  DG  A C2    1 
ATOM   589 N  N2    . DG  A 1 26 ? 3.773   -5.633  2.525   1.00 11.57 ? 26  DG  A N2    1 
ATOM   590 N  N3    . DG  A 1 26 ? 3.580   -4.441  4.478   1.00 12.94 ? 26  DG  A N3    1 
ATOM   591 C  C4    . DG  A 1 26 ? 3.693   -3.189  4.977   1.00 13.14 ? 26  DG  A C4    1 
ATOM   592 P  P     . DT  A 1 27 ? 2.861   -6.432  10.858  1.00 26.71 ? 27  DT  A P     1 
ATOM   593 O  OP1   . DT  A 1 27 ? 1.900   -7.509  10.556  1.00 30.79 ? 27  DT  A OP1   1 
ATOM   594 O  OP2   . DT  A 1 27 ? 2.673   -5.594  12.060  1.00 29.81 ? 27  DT  A OP2   1 
ATOM   595 O  "O5'" . DT  A 1 27 ? 4.293   -7.128  10.873  1.00 30.38 ? 27  DT  A "O5'" 1 
ATOM   596 C  "C5'" . DT  A 1 27 ? 5.451   -6.357  10.853  1.00 30.00 ? 27  DT  A "C5'" 1 
ATOM   597 C  "C4'" . DT  A 1 27 ? 6.219   -6.549  12.135  1.00 30.19 ? 27  DT  A "C4'" 1 
ATOM   598 O  "O4'" . DT  A 1 27 ? 6.684   -7.910  12.218  1.00 31.70 ? 27  DT  A "O4'" 1 
ATOM   599 C  "C3'" . DT  A 1 27 ? 7.455   -5.667  12.271  1.00 30.92 ? 27  DT  A "C3'" 1 
ATOM   600 O  "O3'" . DT  A 1 27 ? 7.211   -4.695  13.258  1.00 27.26 ? 27  DT  A "O3'" 1 
ATOM   601 C  "C2'" . DT  A 1 27 ? 8.576   -6.633  12.700  1.00 32.60 ? 27  DT  A "C2'" 1 
ATOM   602 C  "C1'" . DT  A 1 27 ? 7.840   -7.933  13.008  1.00 34.36 ? 27  DT  A "C1'" 1 
ATOM   603 N  N1    . DT  A 1 27 ? 8.630   -9.161  12.668  1.00 36.48 ? 27  DT  A N1    1 
ATOM   604 C  C2    . DT  A 1 27 ? 9.263   -9.854  13.676  1.00 39.64 ? 27  DT  A C2    1 
ATOM   605 O  O2    . DT  A 1 27 ? 9.206   -9.529  14.852  1.00 40.25 ? 27  DT  A O2    1 
ATOM   606 N  N3    . DT  A 1 27 ? 9.963   -10.957 13.258  1.00 39.99 ? 27  DT  A N3    1 
ATOM   607 C  C4    . DT  A 1 27 ? 10.095  -11.421 11.958  1.00 40.99 ? 27  DT  A C4    1 
ATOM   608 O  O4    . DT  A 1 27 ? 10.748  -12.421 11.679  1.00 43.72 ? 27  DT  A O4    1 
ATOM   609 C  C5    . DT  A 1 27 ? 9.408   -10.649 10.954  1.00 39.38 ? 27  DT  A C5    1 
ATOM   610 C  C7    . DT  A 1 27 ? 9.481   -11.058 9.512   1.00 39.69 ? 27  DT  A C7    1 
ATOM   611 C  C6    . DT  A 1 27 ? 8.721   -9.565  11.351  1.00 37.69 ? 27  DT  A C6    1 
ATOM   612 P  P     . DT  A 1 28 ? 7.526   -3.148  12.998  1.00 26.55 ? 28  DT  A P     1 
ATOM   613 O  OP1   . DT  A 1 28 ? 8.939   -2.881  13.330  1.00 32.44 ? 28  DT  A OP1   1 
ATOM   614 O  OP2   . DT  A 1 28 ? 6.450   -2.400  13.680  1.00 35.94 ? 28  DT  A OP2   1 
ATOM   615 O  "O5'" . DT  A 1 28 ? 7.317   -2.937  11.437  1.00 24.55 ? 28  DT  A "O5'" 1 
ATOM   616 C  "C5'" . DT  A 1 28 ? 7.418   -1.629  10.900  1.00 20.05 ? 28  DT  A "C5'" 1 
ATOM   617 C  "C4'" . DT  A 1 28 ? 8.270   -1.640  9.652   1.00 21.83 ? 28  DT  A "C4'" 1 
ATOM   618 O  "O4'" . DT  A 1 28 ? 8.213   -0.342  9.012   1.00 21.46 ? 28  DT  A "O4'" 1 
ATOM   619 C  "C3'" . DT  A 1 28 ? 9.750   -1.934  9.884   1.00 24.73 ? 28  DT  A "C3'" 1 
ATOM   620 O  "O3'" . DT  A 1 28 ? 10.229  -2.772  8.848   1.00 30.57 ? 28  DT  A "O3'" 1 
ATOM   621 C  "C2'" . DT  A 1 28 ? 10.395  -0.556  9.818   1.00 23.40 ? 28  DT  A "C2'" 1 
ATOM   622 C  "C1'" . DT  A 1 28 ? 9.523   0.135   8.784   1.00 20.32 ? 28  DT  A "C1'" 1 
ATOM   623 N  N1    . DT  A 1 28 ? 9.467   1.585   8.909   1.00 17.58 ? 28  DT  A N1    1 
ATOM   624 C  C2    . DT  A 1 28 ? 9.943   2.363   7.886   1.00 16.91 ? 28  DT  A C2    1 
ATOM   625 O  O2    . DT  A 1 28 ? 10.460  1.899   6.885   1.00 16.65 ? 28  DT  A O2    1 
ATOM   626 N  N3    . DT  A 1 28 ? 9.804   3.713   8.084   1.00 17.65 ? 28  DT  A N3    1 
ATOM   627 C  C4    . DT  A 1 28 ? 9.231   4.339   9.183   1.00 17.38 ? 28  DT  A C4    1 
ATOM   628 O  O4    . DT  A 1 28 ? 9.142   5.555   9.277   1.00 16.97 ? 28  DT  A O4    1 
ATOM   629 C  C5    . DT  A 1 28 ? 8.749   3.454   10.219  1.00 16.11 ? 28  DT  A C5    1 
ATOM   630 C  C7    . DT  A 1 28 ? 8.119   4.018   11.460  1.00 16.87 ? 28  DT  A C7    1 
ATOM   631 C  C6    . DT  A 1 28 ? 8.881   2.136   10.030  1.00 17.08 ? 28  DT  A C6    1 
HETATM 632 K  K     . K   B 2 .  ? -3.149  0.503   -1.697  1.00 9.07  ? 101 K   A K     1 
HETATM 633 K  K     . K   C 2 .  ? 0.346   0.002   -1.129  1.00 8.48  ? 102 K   A K     1 
HETATM 634 K  K     . K   D 2 .  ? 3.726   -0.726  -0.419  1.00 10.18 ? 103 K   A K     1 
HETATM 635 K  K     . K   E 2 .  ? -9.585  1.322   -0.975  1.00 13.16 ? 104 K   A K     1 
HETATM 636 MG MG    . MG  F 3 .  ? -7.076  -11.786 4.324   1.00 35.63 ? 105 MG  A MG    1 
HETATM 637 O  O     . HOH G 4 .  ? 3.663   -2.674  13.576  1.00 36.47 ? 201 HOH A O     1 
HETATM 638 O  O     . HOH G 4 .  ? -0.671  -5.104  12.337  1.00 39.83 ? 202 HOH A O     1 
HETATM 639 O  O     . HOH G 4 .  ? 7.139   3.464   -13.673 1.00 40.48 ? 203 HOH A O     1 
HETATM 640 O  O     . HOH G 4 .  ? 8.461   7.529   10.601  1.00 43.17 ? 204 HOH A O     1 
HETATM 641 O  O     . HOH G 4 .  ? 10.447  -4.412  14.578  1.00 27.11 ? 205 HOH A O     1 
HETATM 642 O  O     . HOH G 4 .  ? -5.584  7.351   6.578   1.00 33.16 ? 206 HOH A O     1 
HETATM 643 O  O     . HOH G 4 .  ? -5.670  -10.781 5.751   1.00 42.57 ? 207 HOH A O     1 
HETATM 644 O  O     . HOH G 4 .  ? -6.418  11.366  -3.653  1.00 26.49 ? 208 HOH A O     1 
HETATM 645 O  O     . HOH G 4 .  ? -3.369  1.947   -15.403 1.00 32.85 ? 209 HOH A O     1 
HETATM 646 O  O     . HOH G 4 .  ? -2.870  -11.598 6.129   1.00 29.60 ? 210 HOH A O     1 
HETATM 647 O  O     . HOH G 4 .  ? -8.372  -10.172 4.666   1.00 23.35 ? 211 HOH A O     1 
HETATM 648 O  O     . HOH G 4 .  ? 1.981   -4.272  14.291  1.00 36.81 ? 212 HOH A O     1 
HETATM 649 O  O     . HOH G 4 .  ? -8.257  -7.065  2.828   1.00 27.90 ? 213 HOH A O     1 
HETATM 650 O  O     . HOH G 4 .  ? 3.089   3.527   -13.056 1.00 38.29 ? 214 HOH A O     1 
HETATM 651 O  O     . HOH G 4 .  ? 3.737   -10.928 -9.821  1.00 38.79 ? 215 HOH A O     1 
HETATM 652 O  O     . HOH G 4 .  ? -8.626  -11.417 -3.087  1.00 30.86 ? 216 HOH A O     1 
HETATM 653 O  O     . HOH G 4 .  ? 12.833  -2.739  7.953   1.00 16.95 ? 217 HOH A O     1 
HETATM 654 O  O     . HOH G 4 .  ? -1.687  7.530   2.844   1.00 26.10 ? 218 HOH A O     1 
HETATM 655 O  O     . HOH G 4 .  ? -11.448 0.902   6.643   1.00 25.15 ? 219 HOH A O     1 
HETATM 656 O  O     . HOH G 4 .  ? 5.463   -1.263  -14.710 1.00 34.33 ? 220 HOH A O     1 
HETATM 657 O  O     . HOH G 4 .  ? -5.848  -7.685  -11.570 1.00 24.15 ? 221 HOH A O     1 
HETATM 658 O  O     . HOH G 4 .  ? 9.462   -5.531  -2.287  1.00 41.49 ? 222 HOH A O     1 
HETATM 659 O  O     . HOH G 4 .  ? -3.194  -13.725 2.083   1.00 34.15 ? 223 HOH A O     1 
HETATM 660 O  O     . HOH G 4 .  ? -3.519  10.233  -9.811  1.00 18.20 ? 224 HOH A O     1 
HETATM 661 O  O     . HOH G 4 .  ? -6.968  2.922   -4.351  1.00 12.08 ? 225 HOH A O     1 
HETATM 662 O  O     . HOH G 4 .  ? -8.379  -12.489 2.899   1.00 50.36 ? 226 HOH A O     1 
HETATM 663 O  O     . HOH G 4 .  ? -6.841  1.113   -1.866  1.00 13.34 ? 227 HOH A O     1 
HETATM 664 O  O     . HOH G 4 .  ? -13.611 5.194   6.291   1.00 24.82 ? 228 HOH A O     1 
HETATM 665 O  O     . HOH G 4 .  ? -5.600  -13.137 4.384   1.00 36.57 ? 229 HOH A O     1 
HETATM 666 O  O     . HOH G 4 .  ? -10.927 8.656   6.836   1.00 32.90 ? 230 HOH A O     1 
HETATM 667 O  O     . HOH G 4 .  ? 5.124   12.527  -4.355  1.00 37.97 ? 231 HOH A O     1 
HETATM 668 O  O     . HOH G 4 .  ? -4.970  7.224   3.586   1.00 22.95 ? 232 HOH A O     1 
HETATM 669 O  O     . HOH G 4 .  ? -0.931  -4.654  -16.071 1.00 43.06 ? 233 HOH A O     1 
HETATM 670 O  O     . HOH G 4 .  ? -8.893  -10.025 1.811   1.00 17.58 ? 234 HOH A O     1 
HETATM 671 O  O     . HOH G 4 .  ? 9.477   8.134   6.171   0.50 35.33 ? 235 HOH A O     1 
HETATM 672 O  O     . HOH G 4 .  ? -4.305  7.610   10.957  1.00 39.44 ? 236 HOH A O     1 
HETATM 673 O  O     . HOH G 4 .  ? -7.628  -12.226 -6.811  0.50 40.22 ? 237 HOH A O     1 
HETATM 674 O  O     . HOH G 4 .  ? 10.194  -1.078  -9.154  1.00 38.38 ? 238 HOH A O     1 
HETATM 675 O  O     . HOH G 4 .  ? 1.487   -8.658  13.636  1.00 40.41 ? 239 HOH A O     1 
HETATM 676 O  O     . HOH G 4 .  ? 9.832   5.771   -11.672 1.00 46.79 ? 240 HOH A O     1 
HETATM 677 O  O     . HOH G 4 .  ? 4.603   -4.697  15.335  1.00 34.61 ? 241 HOH A O     1 
HETATM 678 O  O     . HOH G 4 .  ? 12.258  6.132   -4.896  1.00 40.56 ? 242 HOH A O     1 
HETATM 679 O  O     . HOH G 4 .  ? 13.297  4.846   -2.692  1.00 40.89 ? 243 HOH A O     1 
HETATM 680 O  O     . HOH G 4 .  ? 4.396   3.336   12.962  1.00 36.90 ? 244 HOH A O     1 
HETATM 681 O  O     . HOH G 4 .  ? 10.219  -0.664  -15.132 1.00 41.27 ? 245 HOH A O     1 
HETATM 682 O  O     . HOH G 4 .  ? -2.043  16.096  -5.208  1.00 37.14 ? 246 HOH A O     1 
HETATM 683 O  O     . HOH G 4 .  ? 1.108   -11.369 12.383  1.00 40.61 ? 247 HOH A O     1 
HETATM 684 O  O     . HOH G 4 .  ? -4.282  12.708  -9.324  1.00 30.10 ? 248 HOH A O     1 
HETATM 685 O  O     . HOH G 4 .  ? -2.731  -15.417 -1.162  1.00 36.21 ? 249 HOH A O     1 
HETATM 686 O  O     . HOH G 4 .  ? -2.085  14.220  -9.960  1.00 41.48 ? 250 HOH A O     1 
HETATM 687 O  O     . HOH G 4 .  ? -3.022  13.763  -5.661  1.00 30.36 ? 251 HOH A O     1 
HETATM 688 O  O     . HOH G 4 .  ? 2.474   1.249   -12.615 1.00 46.11 ? 252 HOH A O     1 
HETATM 689 O  O     . HOH G 4 .  ? -5.138  13.406  -4.203  1.00 37.76 ? 253 HOH A O     1 
HETATM 690 O  O     . HOH G 4 .  ? 1.282   3.364   -8.891  1.00 12.61 ? 254 HOH A O     1 
HETATM 691 O  O     . HOH G 4 .  ? -1.319  -7.581  -4.602  1.00 14.91 ? 255 HOH A O     1 
HETATM 692 O  O     . HOH G 4 .  ? -0.698  -8.360  0.456   1.00 13.15 ? 256 HOH A O     1 
HETATM 693 O  O     . HOH G 4 .  ? 3.030   8.008   -2.123  1.00 13.56 ? 257 HOH A O     1 
HETATM 694 O  O     . HOH G 4 .  ? -3.536  -3.413  5.707   1.00 17.53 ? 258 HOH A O     1 
HETATM 695 O  O     . HOH G 4 .  ? 2.422   -1.871  -9.172  1.00 15.60 ? 259 HOH A O     1 
HETATM 696 O  O     . HOH G 4 .  ? -0.234  1.239   7.238   1.00 18.71 ? 260 HOH A O     1 
HETATM 697 O  O     . HOH G 4 .  ? -1.417  -10.447 -4.978  1.00 24.51 ? 261 HOH A O     1 
HETATM 698 O  O     . HOH G 4 .  ? -2.676  -0.138  6.978   1.00 24.64 ? 262 HOH A O     1 
HETATM 699 O  O     . HOH G 4 .  ? -0.783  -12.708 3.114   1.00 29.06 ? 263 HOH A O     1 
HETATM 700 O  O     . HOH G 4 .  ? 3.675   11.387  -8.284  1.00 24.07 ? 264 HOH A O     1 
HETATM 701 O  O     . HOH G 4 .  ? 1.080   4.310   -11.532 1.00 18.31 ? 265 HOH A O     1 
HETATM 702 O  O     . HOH G 4 .  ? -0.110  12.367  -7.994  1.00 31.18 ? 266 HOH A O     1 
HETATM 703 O  O     . HOH G 4 .  ? -7.994  -9.060  9.061   1.00 24.77 ? 267 HOH A O     1 
HETATM 704 O  O     . HOH G 4 .  ? -4.383  -1.844  7.561   1.00 25.46 ? 268 HOH A O     1 
HETATM 705 O  O     . HOH G 4 .  ? -1.657  -11.015 -0.028  1.00 23.86 ? 269 HOH A O     1 
HETATM 706 O  O     . HOH G 4 .  ? 4.131   10.596  -2.253  1.00 24.98 ? 270 HOH A O     1 
HETATM 707 O  O     . HOH G 4 .  ? 3.167   -2.208  -11.932 1.00 27.52 ? 271 HOH A O     1 
HETATM 708 O  O     . HOH G 4 .  ? 7.260   8.288   -10.319 1.00 29.45 ? 272 HOH A O     1 
HETATM 709 O  O     . HOH G 4 .  ? -6.489  -1.146  9.006   1.00 28.31 ? 273 HOH A O     1 
HETATM 710 O  O     . HOH G 4 .  ? 1.790   0.734   -9.869  1.00 22.00 ? 274 HOH A O     1 
HETATM 711 O  O     . HOH G 4 .  ? -0.612  1.179   9.839   1.00 27.46 ? 275 HOH A O     1 
HETATM 712 O  O     . HOH G 4 .  ? -0.561  7.331   10.810  1.00 26.11 ? 276 HOH A O     1 
HETATM 713 O  O     . HOH G 4 .  ? 0.655   -9.790  -11.023 1.00 31.66 ? 277 HOH A O     1 
HETATM 714 O  O     . HOH G 4 .  ? 1.267   12.576  6.599   1.00 30.16 ? 278 HOH A O     1 
HETATM 715 O  O     . HOH G 4 .  ? 1.989   12.176  4.178   1.00 59.02 ? 279 HOH A O     1 
HETATM 716 O  O     . HOH G 4 .  ? 3.509   9.635   -10.496 1.00 27.70 ? 280 HOH A O     1 
HETATM 717 O  O     . HOH G 4 .  ? 0.530   -9.119  9.531   1.00 34.56 ? 281 HOH A O     1 
HETATM 718 O  O     . HOH G 4 .  ? 4.080   9.138   8.930   1.00 54.63 ? 282 HOH A O     1 
HETATM 719 O  O     . HOH G 4 .  ? 0.397   8.062   2.303   1.00 27.94 ? 283 HOH A O     1 
HETATM 720 O  O     . HOH G 4 .  ? -0.346  14.393  -1.451  1.00 38.85 ? 284 HOH A O     1 
HETATM 721 O  O     . HOH G 4 .  ? -2.540  -11.379 -8.651  1.00 38.96 ? 285 HOH A O     1 
HETATM 722 O  O     . HOH G 4 .  ? -1.990  -12.493 -2.699  1.00 32.10 ? 286 HOH A O     1 
HETATM 723 O  O     . HOH G 4 .  ? 0.555   3.855   12.000  1.00 41.28 ? 287 HOH A O     1 
HETATM 724 O  O     . HOH G 4 .  ? 4.890   5.333   11.437  1.00 37.33 ? 288 HOH A O     1 
HETATM 725 O  O     . HOH G 4 .  ? -3.745  -9.764  7.952   1.00 34.61 ? 289 HOH A O     1 
HETATM 726 O  O     . HOH G 4 .  ? 1.654   6.940   -12.583 1.00 44.04 ? 290 HOH A O     1 
HETATM 727 O  O     . HOH G 4 .  ? 9.822   8.801   -6.948  1.00 30.90 ? 291 HOH A O     1 
HETATM 728 O  O     . HOH G 4 .  ? -1.749  -8.873  9.950   1.00 32.62 ? 292 HOH A O     1 
HETATM 729 O  O     . HOH G 4 .  ? 1.058   10.504  8.580   1.00 24.83 ? 293 HOH A O     1 
HETATM 730 O  O     . HOH G 4 .  ? 8.028   -7.205  -0.580  1.00 42.27 ? 294 HOH A O     1 
# 
loop_
_atom_site_anisotrop.id 
_atom_site_anisotrop.type_symbol 
_atom_site_anisotrop.pdbx_label_atom_id 
_atom_site_anisotrop.pdbx_label_alt_id 
_atom_site_anisotrop.pdbx_label_comp_id 
_atom_site_anisotrop.pdbx_label_asym_id 
_atom_site_anisotrop.pdbx_label_seq_id 
_atom_site_anisotrop.pdbx_PDB_ins_code 
_atom_site_anisotrop.U[1][1] 
_atom_site_anisotrop.U[2][2] 
_atom_site_anisotrop.U[3][3] 
_atom_site_anisotrop.U[1][2] 
_atom_site_anisotrop.U[1][3] 
_atom_site_anisotrop.U[2][3] 
_atom_site_anisotrop.pdbx_auth_seq_id 
_atom_site_anisotrop.pdbx_auth_comp_id 
_atom_site_anisotrop.pdbx_auth_asym_id 
_atom_site_anisotrop.pdbx_auth_atom_id 
1   O  "O5'" . DT A 1  ? 0.2295 0.3018 0.2840 -0.0313 0.0351  -0.0941 1   DT A "O5'" 
2   C  "C5'" . DT A 1  ? 0.2216 0.2477 0.2215 -0.0252 0.0214  -0.0795 1   DT A "C5'" 
3   C  "C4'" . DT A 1  ? 0.1924 0.2506 0.1431 -0.0002 -0.0010 -0.0569 1   DT A "C4'" 
4   O  "O4'" . DT A 1  ? 0.1322 0.2371 0.1439 0.0050  -0.0143 -0.0570 1   DT A "O4'" 
5   C  "C3'" . DT A 1  ? 0.1812 0.2720 0.1268 0.0099  -0.0016 -0.0284 1   DT A "C3'" 
6   O  "O3'" . DT A 1  ? 0.2286 0.3161 0.1358 -0.0005 0.0049  0.0124  1   DT A "O3'" 
7   C  "C2'" . DT A 1  ? 0.1391 0.2472 0.1248 -0.0234 -0.0081 -0.0259 1   DT A "C2'" 
8   C  "C1'" . DT A 1  ? 0.1420 0.2055 0.1360 0.0073  0.0147  -0.0041 1   DT A "C1'" 
9   N  N1    . DT A 1  ? 0.1562 0.1763 0.1197 0.0081  -0.0138 0.0135  1   DT A N1    
10  C  C2    . DT A 1  ? 0.0912 0.1622 0.1723 -0.0519 0.0027  0.0090  1   DT A C2    
11  O  O2    . DT A 1  ? 0.1067 0.1586 0.2090 -0.0220 -0.0262 0.0131  1   DT A O2    
12  N  N3    . DT A 1  ? 0.0590 0.1766 0.1727 -0.0169 -0.0163 0.0026  1   DT A N3    
13  C  C4    . DT A 1  ? 0.0637 0.1708 0.1741 -0.0080 -0.0033 0.0063  1   DT A C4    
14  O  O4    . DT A 1  ? 0.1216 0.1690 0.1796 0.0020  0.0035  0.0171  1   DT A O4    
15  C  C5    . DT A 1  ? 0.0879 0.1685 0.1155 -0.0067 -0.0058 0.0187  1   DT A C5    
16  C  C7    . DT A 1  ? 0.1059 0.1644 0.1390 -0.0341 0.0049  0.0299  1   DT A C7    
17  C  C6    . DT A 1  ? 0.1492 0.1829 0.1197 -0.0144 -0.0250 0.0146  1   DT A C6    
18  P  P     . DG A 2  ? 0.2381 0.3458 0.1964 -0.0090 0.0211  -0.0133 2   DG A P     
19  O  OP1   . DG A 2  ? 0.2140 0.3756 0.1700 -0.0229 0.0197  -0.0409 2   DG A OP1   
20  O  OP2   . DG A 2  ? 0.2730 0.3452 0.1920 0.0003  0.0038  -0.0488 2   DG A OP2   
21  O  "O5'" . DG A 2  ? 0.2566 0.3375 0.1519 0.0607  0.0034  0.0190  2   DG A "O5'" 
22  C  "C5'" . DG A 2  ? 0.2559 0.3413 0.1362 0.0594  -0.0035 -0.0076 2   DG A "C5'" 
23  C  "C4'" . DG A 2  ? 0.1606 0.3429 0.1588 0.0401  0.0279  -0.0501 2   DG A "C4'" 
24  O  "O4'" . DG A 2  ? 0.1119 0.3149 0.1802 0.0408  0.0287  -0.0597 2   DG A "O4'" 
25  C  "C3'" . DG A 2  ? 0.1920 0.3133 0.1482 -0.0039 0.0216  -0.0255 2   DG A "C3'" 
26  O  "O3'" . DG A 2  ? 0.1613 0.3708 0.1488 -0.0240 -0.0186 -0.0352 2   DG A "O3'" 
27  C  "C2'" . DG A 2  ? 0.1805 0.2173 0.1336 -0.0191 0.0130  0.0420  2   DG A "C2'" 
28  C  "C1'" . DG A 2  ? 0.1334 0.2639 0.1449 0.0141  0.0354  -0.0497 2   DG A "C1'" 
29  N  N9    . DG A 2  ? 0.1312 0.1671 0.0753 -0.0225 0.0207  -0.0127 2   DG A N9    
30  C  C8    . DG A 2  ? 0.1257 0.1631 0.0996 0.0065  -0.0062 -0.0176 2   DG A C8    
31  N  N7    . DG A 2  ? 0.1161 0.1328 0.1144 0.0052  0.0026  0.0234  2   DG A N7    
32  C  C5    . DG A 2  ? 0.1224 0.1374 0.0955 0.0065  -0.0138 0.0012  2   DG A C5    
33  C  C6    . DG A 2  ? 0.1111 0.1446 0.0679 -0.0024 -0.0348 -0.0013 2   DG A C6    
34  O  O6    . DG A 2  ? 0.1244 0.2016 0.0820 0.0009  -0.0407 -0.0008 2   DG A O6    
35  N  N1    . DG A 2  ? 0.1111 0.0905 0.0939 0.0076  -0.0007 -0.0187 2   DG A N1    
36  C  C2    . DG A 2  ? 0.1209 0.1192 0.1145 0.0010  0.0107  -0.0238 2   DG A C2    
37  N  N2    . DG A 2  ? 0.1223 0.1424 0.1505 -0.0033 0.0116  -0.0077 2   DG A N2    
38  N  N3    . DG A 2  ? 0.1367 0.1368 0.1219 0.0176  0.0066  -0.0067 2   DG A N3    
39  C  C4    . DG A 2  ? 0.1390 0.1563 0.1235 -0.0194 0.0041  -0.0188 2   DG A C4    
40  P  P     . DG A 3  ? 0.1993 0.3986 0.1805 -0.0361 -0.0454 -0.0185 3   DG A P     
41  O  OP1   . DG A 3  ? 0.2529 0.4778 0.2047 -0.0417 -0.0395 -0.0045 3   DG A OP1   
42  O  OP2   . DG A 3  ? 0.2617 0.4339 0.2598 -0.0591 0.0008  -0.0414 3   DG A OP2   
43  O  "O5'" . DG A 3  ? 0.1934 0.2797 0.1643 -0.0652 -0.0179 -0.0041 3   DG A "O5'" 
44  C  "C5'" . DG A 3  ? 0.1896 0.2543 0.1766 -0.0411 -0.0123 -0.0557 3   DG A "C5'" 
45  C  "C4'" . DG A 3  ? 0.2273 0.1938 0.1402 -0.0125 -0.0161 -0.0483 3   DG A "C4'" 
46  O  "O4'" . DG A 3  ? 0.2233 0.1290 0.1148 0.0172  -0.0310 -0.0396 3   DG A "O4'" 
47  C  "C3'" . DG A 3  ? 0.2714 0.1891 0.1779 0.0070  -0.0233 -0.0312 3   DG A "C3'" 
48  O  "O3'" . DG A 3  ? 0.3897 0.1721 0.2517 0.0312  -0.0147 -0.0495 3   DG A "O3'" 
49  C  "C2'" . DG A 3  ? 0.1818 0.1537 0.2113 0.0156  -0.0106 -0.0196 3   DG A "C2'" 
50  C  "C1'" . DG A 3  ? 0.1427 0.1450 0.1327 0.0505  -0.0375 -0.0316 3   DG A "C1'" 
51  N  N9    . DG A 3  ? 0.1084 0.1341 0.1225 0.0269  -0.0051 -0.0335 3   DG A N9    
52  C  C8    . DG A 3  ? 0.1167 0.1240 0.1272 0.0266  -0.0288 -0.0298 3   DG A C8    
53  N  N7    . DG A 3  ? 0.1235 0.1202 0.1150 0.0002  -0.0227 -0.0070 3   DG A N7    
54  C  C5    . DG A 3  ? 0.0956 0.1308 0.1436 0.0036  -0.0043 -0.0295 3   DG A C5    
55  C  C6    . DG A 3  ? 0.0988 0.0995 0.1644 0.0065  -0.0098 -0.0148 3   DG A C6    
56  O  O6    . DG A 3  ? 0.1040 0.1183 0.1416 0.0043  -0.0068 -0.0082 3   DG A O6    
57  N  N1    . DG A 3  ? 0.0951 0.0547 0.1667 -0.0208 -0.0227 -0.0097 3   DG A N1    
58  C  C2    . DG A 3  ? 0.0952 0.0627 0.1487 -0.0077 -0.0287 0.0077  3   DG A C2    
59  N  N2    . DG A 3  ? 0.1145 0.1055 0.1343 0.0191  -0.0047 0.0100  3   DG A N2    
60  N  N3    . DG A 3  ? 0.1281 0.1374 0.1521 0.0147  -0.0019 -0.0008 3   DG A N3    
61  C  C4    . DG A 3  ? 0.1045 0.1495 0.1538 0.0210  -0.0046 -0.0194 3   DG A C4    
62  P  P     . DT A 4  ? 0.4073 0.2771 0.3082 0.0512  0.0106  -0.0911 4   DT A P     
63  O  OP1   . DT A 4  ? 0.4862 0.2996 0.3294 0.0890  -0.0144 -0.1083 4   DT A OP1   
64  O  OP2   . DT A 4  ? 0.2364 0.3056 0.4094 0.0581  0.0813  -0.0489 4   DT A OP2   
65  O  "O5'" . DT A 4  ? 0.4992 0.2549 0.2955 0.0484  0.0285  -0.0427 4   DT A "O5'" 
66  C  "C5'" . DT A 4  ? 0.4981 0.2604 0.2969 0.0340  0.0127  -0.0412 4   DT A "C5'" 
67  C  "C4'" . DT A 4  ? 0.5133 0.2593 0.3387 -0.0310 0.0300  -0.0758 4   DT A "C4'" 
68  O  "O4'" . DT A 4  ? 0.5300 0.3217 0.3667 -0.0440 0.0382  -0.1405 4   DT A "O4'" 
69  C  "C3'" . DT A 4  ? 0.4733 0.2371 0.3391 -0.0807 0.0468  -0.0940 4   DT A "C3'" 
70  O  "O3'" . DT A 4  ? 0.4321 0.2569 0.2998 -0.0324 0.0207  -0.0665 4   DT A "O3'" 
71  C  "C2'" . DT A 4  ? 0.5075 0.2599 0.3568 -0.1009 0.0562  -0.1307 4   DT A "C2'" 
72  C  "C1'" . DT A 4  ? 0.5610 0.3682 0.3849 -0.0781 0.0532  -0.1696 4   DT A "C1'" 
73  N  N1    . DT A 4  ? 0.6511 0.4769 0.4221 -0.0565 0.0512  -0.1690 4   DT A N1    
74  C  C2    . DT A 4  ? 0.6572 0.4716 0.4552 -0.1107 0.0818  -0.1253 4   DT A C2    
75  O  O2    . DT A 4  ? 0.7038 0.4763 0.4821 -0.1189 0.0920  -0.1206 4   DT A O2    
76  N  N3    . DT A 4  ? 0.6750 0.5163 0.4427 -0.0770 0.0621  -0.1269 4   DT A N3    
77  C  C4    . DT A 4  ? 0.7079 0.5786 0.4493 -0.0375 0.0430  -0.1652 4   DT A C4    
78  O  O4    . DT A 4  ? 0.7329 0.6251 0.4499 -0.0246 0.0295  -0.2033 4   DT A O4    
79  C  C5    . DT A 4  ? 0.7083 0.5785 0.4381 -0.0214 0.0338  -0.1657 4   DT A C5    
80  C  C7    . DT A 4  ? 0.7051 0.5905 0.4651 -0.0389 0.0258  -0.1369 4   DT A C7    
81  C  C6    . DT A 4  ? 0.6935 0.5408 0.4178 -0.0207 0.0302  -0.1777 4   DT A C6    
82  P  P     A DG A 5  ? 0.3633 0.2502 0.3132 -0.0333 0.0171  -0.0425 5   DG A P     
83  P  P     B DG A 5  ? 0.3431 0.2773 0.2830 -0.0081 0.0371  -0.0383 5   DG A P     
84  O  OP1   A DG A 5  ? 0.3402 0.2414 0.2722 -0.0299 -0.0248 -0.0059 5   DG A OP1   
85  O  OP1   B DG A 5  ? 0.3778 0.2989 0.2426 0.0245  0.0100  -0.0226 5   DG A OP1   
86  O  OP2   A DG A 5  ? 0.3491 0.2924 0.3371 -0.0701 0.0420  -0.0764 5   DG A OP2   
87  O  OP2   B DG A 5  ? 0.3010 0.2849 0.3361 -0.0049 0.0889  -0.0706 5   DG A OP2   
88  O  "O5'" A DG A 5  ? 0.3065 0.1884 0.2744 -0.0089 -0.0038 -0.0141 5   DG A "O5'" 
89  O  "O5'" B DG A 5  ? 0.3145 0.1901 0.1982 -0.0460 -0.0207 0.0081  5   DG A "O5'" 
90  C  "C5'" A DG A 5  ? 0.2591 0.1711 0.2564 0.0060  -0.0207 -0.0060 5   DG A "C5'" 
91  C  "C5'" B DG A 5  ? 0.2780 0.1821 0.1847 -0.0132 -0.0414 0.0117  5   DG A "C5'" 
92  C  "C4'" A DG A 5  ? 0.2085 0.1356 0.2525 -0.0027 -0.0356 0.0022  5   DG A "C4'" 
93  C  "C4'" B DG A 5  ? 0.2232 0.1525 0.1996 -0.0126 -0.0503 0.0163  5   DG A "C4'" 
94  O  "O4'" A DG A 5  ? 0.1529 0.1318 0.2420 0.0157  -0.0279 0.0081  5   DG A "O4'" 
95  O  "O4'" B DG A 5  ? 0.1705 0.1543 0.1903 -0.0014 -0.0406 0.0251  5   DG A "O4'" 
96  C  "C3'" A DG A 5  ? 0.1911 0.1381 0.2342 -0.0051 -0.0312 0.0233  5   DG A "C3'" 
97  C  "C3'" B DG A 5  ? 0.2016 0.1510 0.2022 -0.0114 -0.0412 0.0366  5   DG A "C3'" 
98  O  "O3'" A DG A 5  ? 0.2170 0.1612 0.2648 -0.0219 -0.0104 0.0274  5   DG A "O3'" 
99  O  "O3'" B DG A 5  ? 0.2210 0.1682 0.2503 -0.0239 -0.0146 0.0336  5   DG A "O3'" 
100 C  "C2'" A DG A 5  ? 0.1661 0.1336 0.2385 0.0032  -0.0107 0.0041  5   DG A "C2'" 
101 C  "C2'" B DG A 5  ? 0.1813 0.1508 0.2096 -0.0088 -0.0179 0.0182  5   DG A "C2'" 
102 C  "C1'" A DG A 5  ? 0.1420 0.1177 0.1975 0.0163  -0.0380 0.0127  5   DG A "C1'" 
103 C  "C1'" B DG A 5  ? 0.1702 0.1357 0.1667 -0.0038 -0.0440 0.0298  5   DG A "C1'" 
104 N  N9    A DG A 5  ? 0.0983 0.1265 0.1728 0.0131  -0.0151 -0.0165 5   DG A N9    
105 N  N9    B DG A 5  ? 0.1613 0.1327 0.1510 -0.0203 -0.0236 0.0109  5   DG A N9    
106 C  C8    A DG A 5  ? 0.0771 0.1115 0.1816 0.0029  -0.0025 0.0043  5   DG A C8    
107 C  C8    B DG A 5  ? 0.1450 0.1173 0.1656 -0.0388 -0.0059 0.0302  5   DG A C8    
108 N  N7    A DG A 5  ? 0.0817 0.1079 0.1550 -0.0095 -0.0046 -0.0130 5   DG A N7    
109 N  N7    B DG A 5  ? 0.1519 0.1097 0.1443 -0.0522 -0.0052 0.0221  5   DG A N7    
110 C  C5    A DG A 5  ? 0.0825 0.1176 0.1414 -0.0010 0.0111  -0.0311 5   DG A C5    
111 C  C5    B DG A 5  ? 0.1540 0.1158 0.1294 -0.0384 0.0015  0.0092  5   DG A C5    
112 C  C6    A DG A 5  ? 0.0634 0.1439 0.1439 0.0054  0.0385  -0.0308 5   DG A C6    
113 C  C6    B DG A 5  ? 0.1412 0.1400 0.1322 -0.0360 0.0234  0.0077  5   DG A C6    
114 O  O6    A DG A 5  ? 0.0514 0.1474 0.1393 0.0138  0.0301  -0.0130 5   DG A O6    
115 O  O6    B DG A 5  ? 0.1430 0.1453 0.1244 -0.0319 0.0178  0.0163  5   DG A O6    
116 N  N1    A DG A 5  ? 0.0752 0.1425 0.1232 0.0155  0.0497  -0.0130 5   DG A N1    
117 N  N1    B DG A 5  ? 0.1514 0.1312 0.1017 -0.0385 0.0299  0.0452  5   DG A N1    
118 C  C2    A DG A 5  ? 0.0738 0.1487 0.1078 0.0224  0.0339  -0.0193 5   DG A C2    
119 C  C2    B DG A 5  ? 0.1639 0.1308 0.0832 -0.0236 0.0067  0.0427  5   DG A C2    
120 N  N2    A DG A 5  ? 0.0924 0.1609 0.1198 0.0454  0.0403  -0.0128 5   DG A N2    
121 N  N2    B DG A 5  ? 0.1805 0.1323 0.0946 -0.0026 0.0037  0.0653  5   DG A N2    
122 N  N3    A DG A 5  ? 0.0832 0.1313 0.1037 0.0081  0.0136  -0.0120 5   DG A N3    
123 N  N3    B DG A 5  ? 0.1690 0.1181 0.0784 -0.0237 -0.0076 0.0453  5   DG A N3    
124 C  C4    A DG A 5  ? 0.0658 0.1237 0.1501 0.0048  0.0057  -0.0389 5   DG A C4    
125 C  C4    B DG A 5  ? 0.1459 0.1263 0.1301 -0.0252 -0.0071 -0.0008 5   DG A C4    
126 P  P     . DG A 6  ? 0.2162 0.1596 0.2344 -0.0231 -0.0147 0.0489  6   DG A P     
127 O  OP1   . DG A 6  ? 0.2492 0.1745 0.3003 -0.0219 0.0090  -0.0181 6   DG A OP1   
128 O  OP2   . DG A 6  ? 0.2399 0.1763 0.2630 -0.0007 0.0025  0.0535  6   DG A OP2   
129 O  "O5'" . DG A 6  ? 0.2280 0.1379 0.2340 -0.0102 0.0126  0.0441  6   DG A "O5'" 
130 C  "C5'" . DG A 6  ? 0.2348 0.1405 0.2122 -0.0124 -0.0193 0.0379  6   DG A "C5'" 
131 C  "C4'" . DG A 6  ? 0.1646 0.1244 0.1438 -0.0385 -0.0254 0.0631  6   DG A "C4'" 
132 O  "O4'" . DG A 6  ? 0.1501 0.1399 0.2033 -0.0200 -0.0188 0.0361  6   DG A "O4'" 
133 C  "C3'" . DG A 6  ? 0.1302 0.1422 0.1516 -0.0300 -0.0111 0.0829  6   DG A "C3'" 
134 O  "O3'" . DG A 6  ? 0.1534 0.2100 0.1536 -0.0399 0.0054  0.0463  6   DG A "O3'" 
135 C  "C2'" . DG A 6  ? 0.1326 0.1395 0.1485 -0.0012 -0.0168 0.0797  6   DG A "C2'" 
136 C  "C1'" . DG A 6  ? 0.1159 0.1083 0.1516 -0.0065 -0.0293 0.0710  6   DG A "C1'" 
137 N  N9    . DG A 6  ? 0.1232 0.0933 0.1264 0.0092  -0.0041 0.0473  6   DG A N9    
138 C  C8    . DG A 6  ? 0.1255 0.1216 0.1505 0.0487  -0.0158 0.0225  6   DG A C8    
139 N  N7    . DG A 6  ? 0.1134 0.1228 0.1367 0.0333  0.0012  0.0262  6   DG A N7    
140 C  C5    . DG A 6  ? 0.1281 0.1178 0.1186 0.0435  0.0007  0.0328  6   DG A C5    
141 C  C6    . DG A 6  ? 0.1141 0.1325 0.1241 0.0264  0.0096  0.0034  6   DG A C6    
142 O  O6    . DG A 6  ? 0.1007 0.1402 0.1555 0.0069  0.0123  -0.0022 6   DG A O6    
143 N  N1    . DG A 6  ? 0.0881 0.1318 0.0746 0.0189  0.0178  0.0030  6   DG A N1    
144 C  C2    . DG A 6  ? 0.0803 0.0835 0.0476 -0.0128 0.0245  0.0219  6   DG A C2    
145 N  N2    . DG A 6  ? 0.1105 0.1416 0.1047 0.0249  0.0223  -0.0336 6   DG A N2    
146 N  N3    . DG A 6  ? 0.1233 0.0974 0.0975 -0.0191 0.0240  0.0478  6   DG A N3    
147 C  C4    . DG A 6  ? 0.1100 0.0904 0.1142 0.0320  0.0126  0.0489  6   DG A C4    
148 P  P     . DT A 7  ? 0.2104 0.1975 0.1937 -0.0224 -0.0068 0.0613  7   DT A P     
149 O  OP1   . DT A 7  ? 0.2420 0.2240 0.2532 0.0039  0.0398  0.0800  7   DT A OP1   
150 O  OP2   . DT A 7  ? 0.2111 0.1813 0.2266 -0.0024 0.0068  0.0614  7   DT A OP2   
151 O  "O5'" . DT A 7  ? 0.1846 0.1959 0.2074 -0.0080 -0.0108 0.0479  7   DT A "O5'" 
152 C  "C5'" . DT A 7  ? 0.1923 0.2008 0.1768 -0.0195 0.0306  0.0669  7   DT A "C5'" 
153 C  "C4'" . DT A 7  ? 0.1696 0.2075 0.1439 -0.0069 0.0175  0.0481  7   DT A "C4'" 
154 O  "O4'" . DT A 7  ? 0.1337 0.1884 0.1296 0.0706  0.0146  0.0439  7   DT A "O4'" 
155 C  "C3'" . DT A 7  ? 0.1210 0.2164 0.1454 0.0013  0.0003  0.0452  7   DT A "C3'" 
156 O  "O3'" . DT A 7  ? 0.1682 0.2532 0.1528 -0.0085 0.0195  0.0121  7   DT A "O3'" 
157 C  "C2'" . DT A 7  ? 0.1533 0.1917 0.1428 0.0334  0.0121  0.0551  7   DT A "C2'" 
158 C  "C1'" . DT A 7  ? 0.0979 0.1762 0.1382 0.0553  0.0125  0.0538  7   DT A "C1'" 
159 N  N1    . DT A 7  ? 0.1022 0.1211 0.1726 0.0172  -0.0008 0.0247  7   DT A N1    
160 C  C2    . DT A 7  ? 0.1503 0.1044 0.1613 0.0186  0.0053  0.0164  7   DT A C2    
161 O  O2    . DT A 7  ? 0.1497 0.1292 0.1626 0.0217  0.0416  -0.0050 7   DT A O2    
162 N  N3    . DT A 7  ? 0.1378 0.1005 0.1652 0.0353  -0.0212 -0.0176 7   DT A N3    
163 C  C4    . DT A 7  ? 0.1580 0.1301 0.1944 0.0100  -0.0231 -0.0122 7   DT A C4    
164 O  O4    . DT A 7  ? 0.1571 0.1651 0.2327 0.0213  -0.0125 -0.0218 7   DT A O4    
165 C  C5    . DT A 7  ? 0.1827 0.1485 0.1766 0.0296  -0.0370 -0.0425 7   DT A C5    
166 C  C7    . DT A 7  ? 0.2051 0.0770 0.1940 -0.0192 -0.0361 0.0093  7   DT A C7    
167 C  C6    . DT A 7  ? 0.1763 0.1222 0.1650 0.0383  -0.0467 -0.0050 7   DT A C6    
168 P  P     . DG A 8  ? 0.1859 0.2701 0.1565 0.0008  -0.0075 0.0123  8   DG A P     
169 O  OP1   . DG A 8  ? 0.2490 0.2634 0.1801 0.0120  0.0211  0.0254  8   DG A OP1   
170 O  OP2   . DG A 8  ? 0.1984 0.3021 0.1646 0.0205  0.0016  0.0177  8   DG A OP2   
171 O  "O5'" . DG A 8  ? 0.2100 0.2015 0.1466 0.0323  0.0106  0.0358  8   DG A "O5'" 
172 C  "C5'" . DG A 8  ? 0.2101 0.2140 0.1371 0.0419  0.0490  0.0342  8   DG A "C5'" 
173 C  "C4'" . DG A 8  ? 0.2105 0.2385 0.1006 0.0374  0.0022  0.0009  8   DG A "C4'" 
174 O  "O4'" . DG A 8  ? 0.1517 0.2387 0.1228 0.0599  -0.0144 -0.0004 8   DG A "O4'" 
175 C  "C3'" . DG A 8  ? 0.2371 0.2594 0.1308 0.0291  -0.0264 -0.0402 8   DG A "C3'" 
176 O  "O3'" . DG A 8  ? 0.2986 0.3057 0.1582 0.0685  -0.0200 -0.0667 8   DG A "O3'" 
177 C  "C2'" . DG A 8  ? 0.1858 0.2320 0.1158 0.0212  -0.0134 -0.0192 8   DG A "C2'" 
178 C  "C1'" . DG A 8  ? 0.1229 0.2106 0.1288 0.0296  -0.0155 -0.0211 8   DG A "C1'" 
179 N  N9    . DG A 8  ? 0.1290 0.1702 0.1195 0.0088  -0.0235 0.0200  8   DG A N9    
180 C  C8    . DG A 8  ? 0.1464 0.1390 0.1392 -0.0239 -0.0173 0.0143  8   DG A C8    
181 N  N7    . DG A 8  ? 0.1514 0.1654 0.1279 0.0086  -0.0008 -0.0025 8   DG A N7    
182 C  C5    . DG A 8  ? 0.1337 0.1326 0.1426 0.0253  0.0034  0.0081  8   DG A C5    
183 C  C6    . DG A 8  ? 0.1376 0.1066 0.1591 0.0189  0.0213  0.0002  8   DG A C6    
184 O  O6    . DG A 8  ? 0.1735 0.1210 0.1504 0.0324  0.0177  -0.0279 8   DG A O6    
185 N  N1    . DG A 8  ? 0.1009 0.1387 0.1794 0.0234  0.0228  -0.0273 8   DG A N1    
186 C  C2    . DG A 8  ? 0.1090 0.1011 0.1415 -0.0161 0.0374  0.0027  8   DG A C2    
187 N  N2    . DG A 8  ? 0.1320 0.0984 0.1437 -0.0199 0.0060  -0.0225 8   DG A N2    
188 N  N3    . DG A 8  ? 0.1130 0.1258 0.1288 -0.0091 0.0222  0.0229  8   DG A N3    
189 C  C4    . DG A 8  ? 0.1548 0.1460 0.0887 0.0121  -0.0066 0.0275  8   DG A C4    
190 P  P     . DG A 9  ? 0.3183 0.3309 0.2084 0.0541  -0.0207 -0.0685 9   DG A P     
191 O  OP1   . DG A 9  ? 0.3419 0.3501 0.1775 0.1145  0.0422  -0.0507 9   DG A OP1   
192 O  OP2   . DG A 9  ? 0.3373 0.3438 0.2812 0.0603  -0.0023 -0.0974 9   DG A OP2   
193 O  "O5'" . DG A 9  ? 0.2537 0.2977 0.1843 0.0613  -0.0004 -0.0295 9   DG A "O5'" 
194 C  "C5'" . DG A 9  ? 0.2198 0.2635 0.1689 0.0261  -0.0020 -0.0405 9   DG A "C5'" 
195 C  "C4'" . DG A 9  ? 0.1963 0.2104 0.1566 0.0256  -0.0058 -0.0701 9   DG A "C4'" 
196 O  "O4'" . DG A 9  ? 0.1711 0.2062 0.1562 0.0300  0.0089  -0.0512 9   DG A "O4'" 
197 C  "C3'" . DG A 9  ? 0.1930 0.1924 0.1406 0.0230  -0.0383 -0.0795 9   DG A "C3'" 
198 O  "O3'" . DG A 9  ? 0.2513 0.1913 0.1620 0.0120  -0.0187 -0.0404 9   DG A "O3'" 
199 C  "C2'" . DG A 9  ? 0.1837 0.1701 0.1111 0.0091  -0.0290 -0.0740 9   DG A "C2'" 
200 C  "C1'" . DG A 9  ? 0.1684 0.1828 0.1244 0.0123  -0.0047 -0.0763 9   DG A "C1'" 
201 N  N9    . DG A 9  ? 0.1616 0.1462 0.1250 0.0258  -0.0009 -0.0610 9   DG A N9    
202 C  C8    . DG A 9  ? 0.1625 0.1288 0.1012 0.0193  -0.0231 -0.0434 9   DG A C8    
203 N  N7    . DG A 9  ? 0.1035 0.1368 0.1518 -0.0031 0.0053  -0.0169 9   DG A N7    
204 C  C5    . DG A 9  ? 0.0869 0.1500 0.1148 -0.0024 -0.0028 -0.0261 9   DG A C5    
205 C  C6    . DG A 9  ? 0.1302 0.1142 0.1257 0.0120  -0.0129 -0.0244 9   DG A C6    
206 O  O6    . DG A 9  ? 0.1028 0.0868 0.1409 0.0193  -0.0226 -0.0193 9   DG A O6    
207 N  N1    . DG A 9  ? 0.0894 0.1120 0.1556 0.0068  -0.0144 0.0038  9   DG A N1    
208 C  C2    . DG A 9  ? 0.0795 0.1192 0.1549 0.0387  -0.0421 -0.0082 9   DG A C2    
209 N  N2    . DG A 9  ? 0.0981 0.1323 0.1791 0.0414  -0.0412 -0.0014 9   DG A N2    
210 N  N3    . DG A 9  ? 0.1228 0.1229 0.1617 -0.0017 -0.0354 -0.0221 9   DG A N3    
211 C  C4    . DG A 9  ? 0.0919 0.1344 0.1224 0.0148  0.0015  -0.0175 9   DG A C4    
212 P  P     A DT A 10 ? 0.2826 0.1910 0.1762 0.0174  -0.0346 -0.0486 10  DT A P     
213 P  P     B DT A 10 ? 0.2766 0.1995 0.1801 0.0304  -0.0178 -0.0434 10  DT A P     
214 O  OP1   A DT A 10 ? 0.3085 0.2109 0.1992 0.0371  -0.0394 -0.0470 10  DT A OP1   
215 O  OP1   B DT A 10 ? 0.2978 0.2170 0.2015 0.0497  -0.0220 -0.0398 10  DT A OP1   
216 O  OP2   A DT A 10 ? 0.3103 0.2272 0.1941 0.0358  -0.0438 -0.0589 10  DT A OP2   
217 O  OP2   B DT A 10 ? 0.3052 0.2296 0.2017 0.0474  -0.0291 -0.0528 10  DT A OP2   
218 O  "O5'" A DT A 10 ? 0.2534 0.1895 0.1763 0.0305  -0.0570 -0.0409 10  DT A "O5'" 
219 O  "O5'" B DT A 10 ? 0.2390 0.2164 0.1801 0.0489  -0.0269 -0.0388 10  DT A "O5'" 
220 C  "C5'" A DT A 10 ? 0.2132 0.1761 0.2038 0.0269  -0.0519 -0.0490 10  DT A "C5'" 
221 C  "C5'" B DT A 10 ? 0.1931 0.2158 0.1989 0.0543  -0.0129 -0.0480 10  DT A "C5'" 
222 C  "C4'" A DT A 10 ? 0.2070 0.1630 0.2457 0.0042  -0.0389 -0.0521 10  DT A "C4'" 
223 C  "C4'" B DT A 10 ? 0.1828 0.1988 0.2236 0.0392  0.0035  -0.0288 10  DT A "C4'" 
224 O  "O4'" A DT A 10 ? 0.1900 0.1432 0.2356 -0.0224 -0.0569 -0.0815 10  DT A "O4'" 
225 O  "O4'" B DT A 10 ? 0.1562 0.1930 0.1893 0.0325  -0.0063 -0.0444 10  DT A "O4'" 
226 C  "C3'" A DT A 10 ? 0.1780 0.2040 0.2586 -0.0141 -0.0459 -0.0601 10  DT A "C3'" 
227 C  "C3'" B DT A 10 ? 0.1672 0.2265 0.2411 0.0163  -0.0138 -0.0311 10  DT A "C3'" 
228 O  "O3'" A DT A 10 ? 0.1839 0.2272 0.2534 0.0021  -0.0533 -0.0483 10  DT A "O3'" 
229 O  "O3'" B DT A 10 ? 0.1808 0.2330 0.2474 0.0198  -0.0368 -0.0311 10  DT A "O3'" 
230 C  "C2'" A DT A 10 ? 0.1965 0.1661 0.2536 -0.0113 -0.0453 -0.0334 10  DT A "C2'" 
231 C  "C2'" B DT A 10 ? 0.1734 0.2216 0.2281 0.0208  -0.0095 -0.0159 10  DT A "C2'" 
232 C  "C1'" A DT A 10 ? 0.1802 0.1377 0.2432 -0.0174 -0.0517 -0.0436 10  DT A "C1'" 
233 C  "C1'" B DT A 10 ? 0.1633 0.2172 0.2014 0.0393  -0.0167 -0.0241 10  DT A "C1'" 
234 N  N1    A DT A 10 ? 0.1982 0.1512 0.2339 0.0309  -0.0435 -0.0257 10  DT A N1    
235 N  N1    B DT A 10 ? 0.1508 0.2713 0.1911 0.0829  -0.0165 -0.0321 10  DT A N1    
236 C  C2    A DT A 10 ? 0.1764 0.1394 0.2163 0.0679  -0.0540 0.0069  10  DT A C2    
237 C  C2    B DT A 10 ? 0.1657 0.2682 0.1694 0.0880  -0.0439 -0.0370 10  DT A C2    
238 O  O2    A DT A 10 ? 0.1541 0.1319 0.2021 0.0523  -0.0641 0.0259  10  DT A O2    
239 O  O2    B DT A 10 ? 0.2330 0.2787 0.1624 0.0914  -0.0512 -0.0601 10  DT A O2    
240 N  N3    A DT A 10 ? 0.1672 0.1469 0.2048 0.0582  -0.0495 0.0127  10  DT A N3    
241 N  N3    B DT A 10 ? 0.1038 0.2588 0.1854 0.0539  -0.0146 -0.0249 10  DT A N3    
242 C  C4    A DT A 10 ? 0.1319 0.1581 0.2142 0.0652  -0.0388 -0.0272 10  DT A C4    
243 C  C4    B DT A 10 ? 0.1356 0.2861 0.1730 0.0654  -0.0240 -0.0391 10  DT A C4    
244 O  O4    A DT A 10 ? 0.1383 0.1695 0.2084 0.0383  -0.0285 -0.0526 10  DT A O4    
245 O  O4    B DT A 10 ? 0.2267 0.2872 0.1296 0.0657  -0.0593 -0.0329 10  DT A O4    
246 C  C5    A DT A 10 ? 0.1389 0.1838 0.2254 0.0584  -0.0461 -0.0460 10  DT A C5    
247 C  C5    B DT A 10 ? 0.0936 0.2600 0.1964 0.0560  -0.0024 -0.0504 10  DT A C5    
248 C  C7    A DT A 10 ? 0.0855 0.1900 0.1906 0.0415  -0.0434 -0.0470 10  DT A C7    
249 C  C7    B DT A 10 ? 0.1063 0.2926 0.2518 0.0337  0.0017  -0.1086 10  DT A C7    
250 C  C6    A DT A 10 ? 0.1866 0.1529 0.2455 0.0369  -0.0354 -0.0355 10  DT A C6    
251 C  C6    B DT A 10 ? 0.1172 0.2771 0.2004 0.0825  -0.0114 -0.0435 10  DT A C6    
252 P  P     . DG A 11 ? 0.2094 0.2084 0.2591 0.0103  -0.0567 -0.0078 11  DG A P     
253 O  OP1   . DG A 11 ? 0.2563 0.1758 0.3126 0.0054  -0.0765 -0.0052 11  DG A OP1   
254 O  OP2   . DG A 11 ? 0.2859 0.1867 0.2882 0.0131  -0.0473 0.0260  11  DG A OP2   
255 O  "O5'" . DG A 11 ? 0.1902 0.1597 0.2138 0.0302  -0.1014 -0.0090 11  DG A "O5'" 
256 C  "C5'" . DG A 11 ? 0.1961 0.1438 0.2187 0.0408  -0.1064 0.0092  11  DG A "C5'" 
257 C  "C4'" . DG A 11 ? 0.1751 0.0984 0.2519 -0.0179 -0.0792 0.0229  11  DG A "C4'" 
258 O  "O4'" . DG A 11 ? 0.1276 0.1240 0.2587 -0.0056 -0.0635 0.0129  11  DG A "O4'" 
259 C  "C3'" . DG A 11 ? 0.2037 0.1313 0.2581 -0.0010 -0.0616 0.0213  11  DG A "C3'" 
260 O  "O3'" . DG A 11 ? 0.2378 0.1249 0.2103 0.0376  -0.0916 0.0319  11  DG A "O3'" 
261 C  "C2'" . DG A 11 ? 0.2081 0.1104 0.2739 -0.0028 -0.0517 0.0199  11  DG A "C2'" 
262 C  "C1'" . DG A 11 ? 0.1695 0.0884 0.2351 -0.0116 -0.0379 0.0587  11  DG A "C1'" 
263 N  N9    . DG A 11 ? 0.1420 0.0934 0.2253 -0.0297 -0.0098 0.0396  11  DG A N9    
264 C  C8    . DG A 11 ? 0.1492 0.0931 0.1990 -0.0490 -0.0388 0.0380  11  DG A C8    
265 N  N7    . DG A 11 ? 0.1581 0.1420 0.1647 0.0077  -0.0531 -0.0038 11  DG A N7    
266 C  C5    . DG A 11 ? 0.1485 0.1363 0.1295 0.0441  -0.0315 0.0250  11  DG A C5    
267 C  C6    . DG A 11 ? 0.1039 0.1110 0.1089 0.0368  -0.0323 0.0370  11  DG A C6    
268 O  O6    . DG A 11 ? 0.1195 0.1208 0.1494 0.0084  -0.0082 0.0599  11  DG A O6    
269 N  N1    . DG A 11 ? 0.1546 0.1152 0.1305 0.0097  -0.0070 0.0633  11  DG A N1    
270 C  C2    . DG A 11 ? 0.1494 0.0798 0.1338 -0.0064 0.0075  0.0573  11  DG A C2    
271 N  N2    . DG A 11 ? 0.1605 0.1133 0.1470 -0.0010 -0.0035 0.0347  11  DG A N2    
272 N  N3    . DG A 11 ? 0.1649 0.1200 0.1757 0.0018  -0.0044 0.0378  11  DG A N3    
273 C  C4    . DG A 11 ? 0.1438 0.0971 0.1635 0.0070  -0.0050 0.0577  11  DG A C4    
274 P  P     . DG A 12 ? 0.2227 0.1433 0.2405 -0.0071 -0.0282 0.0133  12  DG A P     
275 O  OP1   . DG A 12 ? 0.2816 0.1575 0.2679 0.0465  -0.0330 0.0197  12  DG A OP1   
276 O  OP2   . DG A 12 ? 0.2554 0.2041 0.2509 -0.0036 0.0128  0.0039  12  DG A OP2   
277 O  "O5'" . DG A 12 ? 0.2202 0.1215 0.2158 -0.0709 -0.0539 0.0340  12  DG A "O5'" 
278 C  "C5'" . DG A 12 ? 0.2294 0.1149 0.1968 -0.0610 -0.0779 0.0376  12  DG A "C5'" 
279 C  "C4'" . DG A 12 ? 0.1678 0.1219 0.1787 -0.0609 -0.0268 0.0639  12  DG A "C4'" 
280 O  "O4'" . DG A 12 ? 0.1831 0.1334 0.1861 -0.0322 -0.0445 0.0708  12  DG A "O4'" 
281 C  "C3'" . DG A 12 ? 0.1640 0.1550 0.1339 -0.0279 -0.0297 0.0701  12  DG A "C3'" 
282 O  "O3'" . DG A 12 ? 0.1970 0.2131 0.1238 -0.0212 -0.0272 0.0365  12  DG A "O3'" 
283 C  "C2'" . DG A 12 ? 0.0941 0.1587 0.1533 -0.0166 -0.0202 0.0602  12  DG A "C2'" 
284 C  "C1'" . DG A 12 ? 0.1268 0.1122 0.1488 0.0039  -0.0290 0.0701  12  DG A "C1'" 
285 N  N9    . DG A 12 ? 0.1323 0.0983 0.1289 -0.0178 -0.0049 0.0643  12  DG A N9    
286 C  C8    . DG A 12 ? 0.1470 0.1029 0.1012 0.0217  -0.0060 0.0415  12  DG A C8    
287 N  N7    . DG A 12 ? 0.1516 0.1005 0.1216 0.0255  0.0140  0.0179  12  DG A N7    
288 C  C5    . DG A 12 ? 0.1227 0.0972 0.1094 0.0055  0.0042  0.0069  12  DG A C5    
289 C  C6    . DG A 12 ? 0.1333 0.1064 0.0933 0.0254  -0.0190 0.0278  12  DG A C6    
290 O  O6    . DG A 12 ? 0.1289 0.0934 0.1232 0.0175  -0.0169 0.0180  12  DG A O6    
291 N  N1    . DG A 12 ? 0.1001 0.1388 0.0875 0.0343  0.0028  0.0168  12  DG A N1    
292 C  C2    . DG A 12 ? 0.0890 0.1205 0.0760 -0.0267 -0.0075 0.0233  12  DG A C2    
293 N  N2    . DG A 12 ? 0.1063 0.1536 0.0949 0.0006  -0.0465 -0.0097 12  DG A N2    
294 N  N3    . DG A 12 ? 0.1108 0.1452 0.1037 -0.0146 0.0056  0.0191  12  DG A N3    
295 C  C4    . DG A 12 ? 0.0709 0.0968 0.1617 -0.0194 0.0191  0.0446  12  DG A C4    
296 P  P     . DT A 13 ? 0.2260 0.2060 0.1677 -0.0275 -0.0127 0.0556  13  DT A P     
297 O  OP1   . DT A 13 ? 0.2665 0.2146 0.1697 -0.0233 -0.0203 0.0780  13  DT A OP1   
298 O  OP2   . DT A 13 ? 0.1981 0.2348 0.1606 -0.0250 -0.0067 -0.0029 13  DT A OP2   
299 O  "O5'" . DT A 13 ? 0.2459 0.2035 0.1727 -0.0075 -0.0330 0.0725  13  DT A "O5'" 
300 C  "C5'" . DT A 13 ? 0.2779 0.1872 0.2123 -0.0227 -0.0023 0.0731  13  DT A "C5'" 
301 C  "C4'" . DT A 13 ? 0.2404 0.2423 0.2651 -0.0271 0.0311  0.0728  13  DT A "C4'" 
302 O  "O4'" . DT A 13 ? 0.1994 0.2392 0.2221 -0.0400 0.0003  0.0608  13  DT A "O4'" 
303 C  "C3'" . DT A 13 ? 0.2874 0.3036 0.2506 -0.0341 0.0424  0.0832  13  DT A "C3'" 
304 O  "O3'" . DT A 13 ? 0.3498 0.3889 0.2409 -0.0087 0.0465  0.0890  13  DT A "O3'" 
305 C  "C2'" . DT A 13 ? 0.2461 0.2735 0.2541 -0.0433 0.0287  0.0951  13  DT A "C2'" 
306 C  "C1'" . DT A 13 ? 0.2304 0.2393 0.2197 -0.0294 0.0029  0.0931  13  DT A "C1'" 
307 N  N1    . DT A 13 ? 0.1719 0.2388 0.2015 -0.0060 -0.0113 0.0521  13  DT A N1    
308 C  C2    . DT A 13 ? 0.1978 0.1945 0.1901 -0.0421 -0.0036 0.0482  13  DT A C2    
309 O  O2    . DT A 13 ? 0.1805 0.2105 0.2176 -0.0586 0.0001  -0.0018 13  DT A O2    
310 N  N3    . DT A 13 ? 0.2354 0.1572 0.1755 -0.0273 -0.0133 0.0764  13  DT A N3    
311 C  C4    . DT A 13 ? 0.2118 0.1906 0.1558 -0.0150 -0.0302 0.0651  13  DT A C4    
312 O  O4    . DT A 13 ? 0.2486 0.1823 0.1882 -0.0291 -0.0469 0.0591  13  DT A O4    
313 C  C5    . DT A 13 ? 0.1900 0.2226 0.1552 0.0288  -0.0187 0.0654  13  DT A C5    
314 C  C7    . DT A 13 ? 0.1801 0.2180 0.1967 0.0571  -0.0069 0.0560  13  DT A C7    
315 C  C6    . DT A 13 ? 0.1423 0.2114 0.1899 0.0072  -0.0142 0.0796  13  DT A C6    
316 P  P     . DT A 14 ? 0.3287 0.4598 0.2436 0.0083  0.0351  0.0994  14  DT A P     
317 O  OP1   . DT A 14 ? 0.3521 0.4739 0.1880 -0.0205 -0.0044 0.1371  14  DT A OP1   
318 O  OP2   . DT A 14 ? 0.3782 0.4934 0.2600 0.0497  0.0310  0.0729  14  DT A OP2   
319 O  "O5'" . DT A 14 ? 0.2609 0.3754 0.2306 -0.0345 0.0074  0.1249  14  DT A "O5'" 
320 C  "C5'" . DT A 14 ? 0.2704 0.3657 0.2458 -0.0557 -0.0047 0.0550  14  DT A "C5'" 
321 C  "C4'" . DT A 14 ? 0.2710 0.3647 0.2133 -0.0639 -0.0172 0.0185  14  DT A "C4'" 
322 O  "O4'" . DT A 14 ? 0.2873 0.3556 0.1751 -0.0672 -0.0373 0.0267  14  DT A "O4'" 
323 C  "C3'" . DT A 14 ? 0.2930 0.3629 0.1687 -0.0803 -0.0094 0.0365  14  DT A "C3'" 
324 O  "O3'" . DT A 14 ? 0.2988 0.3659 0.1831 -0.0569 -0.0079 0.0310  14  DT A "O3'" 
325 C  "C2'" . DT A 14 ? 0.2905 0.3643 0.1354 -0.0979 -0.0060 0.0652  14  DT A "C2'" 
326 C  "C1'" . DT A 14 ? 0.3135 0.3773 0.1697 -0.1165 -0.0173 0.0596  14  DT A "C1'" 
327 N  N1    . DT A 14 ? 0.3363 0.3590 0.2238 -0.1547 0.0121  0.0947  14  DT A N1    
328 C  C2    . DT A 14 ? 0.4171 0.4141 0.3165 -0.1545 0.0041  0.0779  14  DT A C2    
329 O  O2    . DT A 14 ? 0.5350 0.4171 0.4041 -0.1613 -0.0013 0.0666  14  DT A O2    
330 N  N3    . DT A 14 ? 0.4205 0.4507 0.3203 -0.1366 0.0516  0.0726  14  DT A N3    
331 C  C4    . DT A 14 ? 0.4688 0.4724 0.2969 -0.1384 0.0819  0.0615  14  DT A C4    
332 O  O4    . DT A 14 ? 0.5218 0.5003 0.3646 -0.1294 0.0946  0.0341  14  DT A O4    
333 C  C5    . DT A 14 ? 0.4309 0.4541 0.2262 -0.1645 0.0627  0.0742  14  DT A C5    
334 C  C7    . DT A 14 ? 0.4167 0.4905 0.2352 -0.1552 0.0745  0.0720  14  DT A C7    
335 C  C6    . DT A 14 ? 0.3718 0.4143 0.2063 -0.1749 0.0308  0.0667  14  DT A C6    
336 P  P     . DG A 15 ? 0.2585 0.3493 0.2051 -0.0672 0.0370  0.0058  15  DG A P     
337 O  OP1   . DG A 15 ? 0.2582 0.3839 0.2489 -0.0520 0.0142  -0.0627 15  DG A OP1   
338 O  OP2   . DG A 15 ? 0.3626 0.3456 0.2882 -0.0268 0.0493  0.0004  15  DG A OP2   
339 O  "O5'" . DG A 15 ? 0.2159 0.2921 0.1608 -0.0569 0.0258  0.0182  15  DG A "O5'" 
340 C  "C5'" . DG A 15 ? 0.2284 0.2643 0.1223 0.0030  -0.0197 0.0240  15  DG A "C5'" 
341 C  "C4'" . DG A 15 ? 0.1828 0.1805 0.1430 -0.0114 -0.0283 0.0698  15  DG A "C4'" 
342 O  "O4'" . DG A 15 ? 0.1596 0.1814 0.1653 -0.0011 -0.0321 0.0587  15  DG A "O4'" 
343 C  "C3'" . DG A 15 ? 0.2014 0.1451 0.1709 -0.0532 -0.0331 0.0825  15  DG A "C3'" 
344 O  "O3'" . DG A 15 ? 0.2388 0.1882 0.1806 -0.0239 -0.0910 0.0359  15  DG A "O3'" 
345 C  "C2'" . DG A 15 ? 0.1927 0.1481 0.1579 -0.0273 -0.0350 0.0862  15  DG A "C2'" 
346 C  "C1'" . DG A 15 ? 0.1861 0.1812 0.1476 -0.0078 -0.0163 0.0590  15  DG A "C1'" 
347 N  N9    . DG A 15 ? 0.1450 0.1470 0.1333 -0.0222 -0.0192 0.0332  15  DG A N9    
348 C  C8    . DG A 15 ? 0.1568 0.1124 0.1379 0.0030  -0.0152 0.0494  15  DG A C8    
349 N  N7    . DG A 15 ? 0.1450 0.1587 0.1302 -0.0001 -0.0020 0.0276  15  DG A N7    
350 C  C5    . DG A 15 ? 0.1159 0.1729 0.1319 -0.0010 0.0023  0.0053  15  DG A C5    
351 C  C6    . DG A 15 ? 0.1022 0.1585 0.1196 0.0214  -0.0112 0.0199  15  DG A C6    
352 O  O6    . DG A 15 ? 0.0981 0.1236 0.1078 0.0342  -0.0177 0.0221  15  DG A O6    
353 N  N1    . DG A 15 ? 0.0978 0.1174 0.1581 0.0038  -0.0172 0.0319  15  DG A N1    
354 C  C2    . DG A 15 ? 0.0921 0.1358 0.1521 0.0127  -0.0266 0.0090  15  DG A C2    
355 N  N2    . DG A 15 ? 0.0954 0.1728 0.1500 0.0204  -0.0337 -0.0200 15  DG A N2    
356 N  N3    . DG A 15 ? 0.1310 0.1561 0.1307 0.0083  -0.0277 -0.0028 15  DG A N3    
357 C  C4    . DG A 15 ? 0.1502 0.1645 0.1253 -0.0070 -0.0177 0.0048  15  DG A C4    
358 P  P     . DT A 16 ? 0.2825 0.2221 0.2394 -0.0014 -0.0807 0.0344  16  DT A P     
359 O  OP1   . DT A 16 ? 0.3060 0.1962 0.2655 -0.0109 -0.0781 0.0416  16  DT A OP1   
360 O  OP2   . DT A 16 ? 0.3136 0.2228 0.1982 0.0105  -0.1215 0.0271  16  DT A OP2   
361 O  "O5'" . DT A 16 ? 0.2810 0.2022 0.2591 0.0061  -0.0562 0.0568  16  DT A "O5'" 
362 C  "C5'" . DT A 16 ? 0.2905 0.2016 0.2931 0.0387  -0.0513 0.0578  16  DT A "C5'" 
363 C  "C4'" . DT A 16 ? 0.3166 0.2022 0.3037 0.0355  -0.0525 0.0610  16  DT A "C4'" 
364 O  "O4'" . DT A 16 ? 0.3226 0.2081 0.3085 0.0546  -0.0587 0.0955  16  DT A "O4'" 
365 C  "C3'" . DT A 16 ? 0.3771 0.1731 0.2725 0.0474  -0.0692 0.0851  16  DT A "C3'" 
366 O  "O3'" . DT A 16 ? 0.4483 0.2079 0.3089 0.0444  -0.0672 0.0195  16  DT A "O3'" 
367 C  "C2'" . DT A 16 ? 0.3565 0.1922 0.2849 0.0600  -0.0683 0.0989  16  DT A "C2'" 
368 C  "C1'" . DT A 16 ? 0.3617 0.2365 0.2858 0.0805  -0.0875 0.0880  16  DT A "C1'" 
369 N  N1    . DT A 16 ? 0.3692 0.3259 0.3766 0.0422  -0.0873 0.0115  16  DT A N1    
370 C  C2    . DT A 16 ? 0.4459 0.4516 0.4238 0.1022  -0.0746 -0.0908 16  DT A C2    
371 O  O2    . DT A 16 ? 0.4144 0.5004 0.4486 0.1416  -0.0508 -0.1432 16  DT A O2    
372 N  N3    . DT A 16 ? 0.4976 0.4733 0.4196 0.0837  -0.1013 -0.1051 16  DT A N3    
373 C  C4    . DT A 16 ? 0.5199 0.4641 0.4182 0.0532  -0.1149 -0.0995 16  DT A C4    
374 O  O4    . DT A 16 ? 0.5685 0.4985 0.4889 0.0146  -0.0822 -0.1348 16  DT A O4    
375 C  C5    . DT A 16 ? 0.4878 0.4191 0.3863 0.0761  -0.1196 -0.0565 16  DT A C5    
376 C  C7    . DT A 16 ? 0.4955 0.4263 0.3939 0.1128  -0.1175 -0.0605 16  DT A C7    
377 C  C6    . DT A 16 ? 0.4236 0.3632 0.3842 0.0345  -0.1058 -0.0219 16  DT A C6    
378 P  P     . DG A 17 ? 0.4902 0.2138 0.3201 0.0460  -0.0143 -0.0331 17  DG A P     
379 O  OP1   . DG A 17 ? 0.5462 0.2147 0.3199 0.0379  -0.0532 -0.0128 17  DG A OP1   
380 O  OP2   . DG A 17 ? 0.5645 0.2316 0.3150 0.0844  -0.0072 -0.0156 17  DG A OP2   
381 O  "O5'" . DG A 17 ? 0.4049 0.1574 0.2689 0.0340  -0.0199 0.0042  17  DG A "O5'" 
382 C  "C5'" . DG A 17 ? 0.3038 0.1623 0.2841 -0.0011 -0.0163 -0.0193 17  DG A "C5'" 
383 C  "C4'" . DG A 17 ? 0.2425 0.1522 0.2535 0.0047  -0.0179 -0.0331 17  DG A "C4'" 
384 O  "O4'" . DG A 17 ? 0.1738 0.1456 0.2381 0.0377  -0.0448 -0.0403 17  DG A "O4'" 
385 C  "C3'" . DG A 17 ? 0.2468 0.1927 0.2506 0.0425  -0.0051 -0.0699 17  DG A "C3'" 
386 O  "O3'" . DG A 17 ? 0.2615 0.2650 0.2223 0.0439  -0.0396 -0.0811 17  DG A "O3'" 
387 C  "C2'" . DG A 17 ? 0.2526 0.1654 0.2418 0.0586  -0.0154 -0.0471 17  DG A "C2'" 
388 C  "C1'" . DG A 17 ? 0.1964 0.1674 0.2438 0.0364  -0.0150 -0.0513 17  DG A "C1'" 
389 N  N9    . DG A 17 ? 0.1760 0.1738 0.2023 0.0464  -0.0115 -0.0289 17  DG A N9    
390 C  C8    . DG A 17 ? 0.1963 0.2031 0.1735 0.0193  -0.0149 -0.0492 17  DG A C8    
391 N  N7    . DG A 17 ? 0.1490 0.2185 0.1539 0.0207  -0.0391 -0.0273 17  DG A N7    
392 C  C5    . DG A 17 ? 0.1408 0.2116 0.1520 0.0165  -0.0178 -0.0260 17  DG A C5    
393 C  C6    . DG A 17 ? 0.1332 0.1951 0.1439 0.0129  -0.0376 -0.0229 17  DG A C6    
394 O  O6    . DG A 17 ? 0.1404 0.1906 0.1890 0.0579  -0.0270 -0.0026 17  DG A O6    
395 N  N1    . DG A 17 ? 0.1376 0.1887 0.0960 0.0383  -0.0268 -0.0341 17  DG A N1    
396 C  C2    . DG A 17 ? 0.1264 0.1945 0.1323 0.0489  -0.0038 -0.0350 17  DG A C2    
397 N  N2    . DG A 17 ? 0.0846 0.2317 0.1861 0.0463  0.0222  -0.0321 17  DG A N2    
398 N  N3    . DG A 17 ? 0.1605 0.1746 0.1508 0.0368  0.0045  -0.0170 17  DG A N3    
399 C  C4    . DG A 17 ? 0.1672 0.1945 0.1589 0.0406  0.0110  -0.0233 17  DG A C4    
400 P  P     . DG A 18 ? 0.2824 0.2533 0.2170 0.0524  0.0119  -0.0627 18  DG A P     
401 O  OP1   . DG A 18 ? 0.3031 0.2699 0.2824 0.0001  -0.0079 -0.0343 18  DG A OP1   
402 O  OP2   . DG A 18 ? 0.3011 0.2698 0.2258 0.0832  0.0080  -0.0760 18  DG A OP2   
403 O  "O5'" . DG A 18 ? 0.3002 0.1323 0.2218 0.0575  -0.0158 -0.0531 18  DG A "O5'" 
404 C  "C5'" . DG A 18 ? 0.2673 0.1404 0.2021 0.0558  -0.0327 -0.0382 18  DG A "C5'" 
405 C  "C4'" . DG A 18 ? 0.2285 0.1631 0.1859 0.0242  -0.0002 -0.0483 18  DG A "C4'" 
406 O  "O4'" . DG A 18 ? 0.1843 0.1844 0.1673 0.0219  -0.0357 -0.0749 18  DG A "O4'" 
407 C  "C3'" . DG A 18 ? 0.2123 0.1941 0.1545 0.0264  0.0083  -0.0499 18  DG A "C3'" 
408 O  "O3'" . DG A 18 ? 0.2349 0.2585 0.1641 0.0114  0.0194  -0.0562 18  DG A "O3'" 
409 C  "C2'" . DG A 18 ? 0.1316 0.1859 0.1653 0.0308  0.0015  -0.0701 18  DG A "C2'" 
410 C  "C1'" . DG A 18 ? 0.1714 0.1500 0.1581 0.0410  -0.0232 -0.0458 18  DG A "C1'" 
411 N  N9    . DG A 18 ? 0.1848 0.1722 0.1248 0.0450  -0.0224 -0.0482 18  DG A N9    
412 C  C8    . DG A 18 ? 0.1993 0.1895 0.0969 0.0703  -0.0322 -0.0551 18  DG A C8    
413 N  N7    . DG A 18 ? 0.1186 0.1353 0.1374 0.0065  -0.0026 -0.0172 18  DG A N7    
414 C  C5    . DG A 18 ? 0.1397 0.1374 0.1403 0.0242  -0.0086 -0.0075 18  DG A C5    
415 C  C6    . DG A 18 ? 0.1178 0.1301 0.1335 -0.0089 0.0039  0.0192  18  DG A C6    
416 O  O6    . DG A 18 ? 0.1397 0.1082 0.1271 -0.0022 0.0014  0.0032  18  DG A O6    
417 N  N1    . DG A 18 ? 0.1451 0.1662 0.1072 0.0106  0.0145  0.0009  18  DG A N1    
418 C  C2    . DG A 18 ? 0.1731 0.1505 0.0946 0.0350  0.0271  0.0193  18  DG A C2    
419 N  N2    . DG A 18 ? 0.1587 0.1797 0.1028 -0.0003 0.0633  0.0323  18  DG A N2    
420 N  N3    . DG A 18 ? 0.1763 0.1397 0.1350 0.0334  0.0193  -0.0016 18  DG A N3    
421 C  C4    . DG A 18 ? 0.1613 0.1319 0.1394 0.0451  -0.0053 0.0032  18  DG A C4    
422 P  P     . DT A 19 ? 0.3891 0.2350 0.2350 0.0328  0.0472  -0.0593 19  DT A P     
423 O  OP1   . DT A 19 ? 0.4222 0.2505 0.2198 0.0704  0.0364  -0.0451 19  DT A OP1   
424 O  OP2   . DT A 19 ? 0.3998 0.1979 0.3107 0.0395  0.1108  -0.0466 19  DT A OP2   
425 O  "O5'" . DT A 19 ? 0.2946 0.2443 0.2402 0.0165  0.0580  -0.0404 19  DT A "O5'" 
426 C  "C5'" . DT A 19 ? 0.2239 0.2576 0.2444 0.0081  0.0547  -0.0395 19  DT A "C5'" 
427 C  "C4'" . DT A 19 ? 0.2206 0.2655 0.2427 0.0294  0.0542  -0.0430 19  DT A "C4'" 
428 O  "O4'" . DT A 19 ? 0.2047 0.2611 0.2837 0.0721  0.0869  -0.0349 19  DT A "O4'" 
429 C  "C3'" . DT A 19 ? 0.2170 0.2936 0.2270 0.0654  0.0810  -0.0580 19  DT A "C3'" 
430 O  "O3'" . DT A 19 ? 0.2493 0.2959 0.2460 0.0520  0.0826  -0.0576 19  DT A "O3'" 
431 C  "C2'" . DT A 19 ? 0.2267 0.3023 0.2322 0.0926  0.0836  -0.0382 19  DT A "C2'" 
432 C  "C1'" . DT A 19 ? 0.2399 0.3051 0.2581 0.0988  0.0681  -0.0225 19  DT A "C1'" 
433 N  N1    . DT A 19 ? 0.2664 0.3366 0.2752 0.1277  0.0674  -0.0170 19  DT A N1    
434 C  C2    . DT A 19 ? 0.3024 0.3463 0.2887 0.1533  0.0569  -0.0041 19  DT A C2    
435 O  O2    . DT A 19 ? 0.3014 0.3781 0.2746 0.1569  0.0420  -0.0046 19  DT A O2    
436 N  N3    . DT A 19 ? 0.3120 0.3249 0.2948 0.1781  0.0699  0.0155  19  DT A N3    
437 C  C4    . DT A 19 ? 0.3190 0.3281 0.3323 0.1402  0.0653  0.0195  19  DT A C4    
438 O  O4    . DT A 19 ? 0.3494 0.3166 0.3546 0.0771  0.0900  0.0621  19  DT A O4    
439 C  C5    . DT A 19 ? 0.3030 0.3291 0.3023 0.1338  0.0836  -0.0208 19  DT A C5    
440 C  C7    . DT A 19 ? 0.2988 0.3259 0.3086 0.1168  0.1127  -0.0678 19  DT A C7    
441 C  C6    . DT A 19 ? 0.2804 0.3179 0.2957 0.1441  0.0833  -0.0036 19  DT A C6    
442 P  P     . DG A 20 ? 0.2267 0.3027 0.2100 -0.0077 0.0705  -0.0449 20  DG A P     
443 O  OP1   . DG A 20 ? 0.2904 0.2824 0.1839 -0.0184 0.0367  -0.0523 20  DG A OP1   
444 O  OP2   . DG A 20 ? 0.2585 0.2908 0.2057 -0.0116 0.0701  -0.0349 20  DG A OP2   
445 O  "O5'" . DG A 20 ? 0.2416 0.2660 0.1870 0.0010  0.0628  -0.0394 20  DG A "O5'" 
446 C  "C5'" . DG A 20 ? 0.2059 0.3046 0.1366 0.0048  0.0354  -0.0229 20  DG A "C5'" 
447 C  "C4'" . DG A 20 ? 0.1672 0.2939 0.0944 0.0217  0.0103  -0.0051 20  DG A "C4'" 
448 O  "O4'" . DG A 20 ? 0.1195 0.2939 0.1093 0.0062  0.0160  0.0004  20  DG A "O4'" 
449 C  "C3'" . DG A 20 ? 0.1393 0.2803 0.1618 -0.0081 0.0171  0.0064  20  DG A "C3'" 
450 O  "O3'" . DG A 20 ? 0.1842 0.2998 0.2078 0.0140  -0.0015 0.0289  20  DG A "O3'" 
451 C  "C2'" . DG A 20 ? 0.1451 0.2852 0.0981 0.0041  0.0141  0.0068  20  DG A "C2'" 
452 C  "C1'" . DG A 20 ? 0.1106 0.2823 0.1061 0.0040  0.0087  0.0049  20  DG A "C1'" 
453 N  N9    . DG A 20 ? 0.1134 0.2272 0.1077 0.0101  0.0183  0.0039  20  DG A N9    
454 C  C8    . DG A 20 ? 0.1530 0.2082 0.1162 0.0325  0.0184  0.0182  20  DG A C8    
455 N  N7    . DG A 20 ? 0.1340 0.2473 0.1251 0.0654  0.0183  -0.0124 20  DG A N7    
456 C  C5    . DG A 20 ? 0.1319 0.2059 0.1038 0.0668  0.0157  0.0213  20  DG A C5    
457 C  C6    . DG A 20 ? 0.1437 0.1626 0.1375 0.0489  0.0051  0.0277  20  DG A C6    
458 O  O6    . DG A 20 ? 0.1314 0.1769 0.1587 0.0355  0.0303  0.0160  20  DG A O6    
459 N  N1    . DG A 20 ? 0.0861 0.1207 0.1554 0.0102  -0.0095 0.0566  20  DG A N1    
460 C  C2    . DG A 20 ? 0.1052 0.1505 0.1213 0.0166  -0.0032 0.0249  20  DG A C2    
461 N  N2    . DG A 20 ? 0.0765 0.1724 0.1799 0.0162  0.0263  -0.0155 20  DG A N2    
462 N  N3    . DG A 20 ? 0.1214 0.1973 0.1125 0.0392  0.0142  -0.0046 20  DG A N3    
463 C  C4    . DG A 20 ? 0.1247 0.2099 0.0975 0.0358  0.0247  0.0202  20  DG A C4    
464 P  P     . DG A 21 ? 0.2443 0.3065 0.1911 -0.0134 0.0328  0.0393  21  DG A P     
465 O  OP1   . DG A 21 ? 0.2535 0.3664 0.2001 0.0116  0.0059  0.0257  21  DG A OP1   
466 O  OP2   . DG A 21 ? 0.2937 0.3059 0.2015 -0.0306 0.0296  0.0674  21  DG A OP2   
467 O  "O5'" . DG A 21 ? 0.2464 0.3105 0.1500 0.0552  0.0464  0.0215  21  DG A "O5'" 
468 C  "C5'" . DG A 21 ? 0.1707 0.2507 0.1447 0.0432  0.0537  0.0752  21  DG A "C5'" 
469 C  "C4'" . DG A 21 ? 0.1284 0.2193 0.1685 -0.0322 0.0392  0.0578  21  DG A "C4'" 
470 O  "O4'" . DG A 21 ? 0.1245 0.1891 0.1213 -0.0204 0.0167  0.0771  21  DG A "O4'" 
471 C  "C3'" . DG A 21 ? 0.1359 0.1831 0.1576 -0.0692 0.0087  0.0615  21  DG A "C3'" 
472 O  "O3'" . DG A 21 ? 0.1823 0.1898 0.2391 -0.0541 0.0008  0.0640  21  DG A "O3'" 
473 C  "C2'" . DG A 21 ? 0.1402 0.1909 0.1422 -0.0382 0.0356  0.0692  21  DG A "C2'" 
474 C  "C1'" . DG A 21 ? 0.1480 0.1728 0.1201 0.0023  0.0016  0.0834  21  DG A "C1'" 
475 N  N9    . DG A 21 ? 0.0918 0.1435 0.1373 -0.0100 -0.0111 0.0551  21  DG A N9    
476 C  C8    . DG A 21 ? 0.0887 0.1419 0.1520 0.0015  -0.0049 0.0415  21  DG A C8    
477 N  N7    . DG A 21 ? 0.1011 0.1237 0.1721 -0.0038 -0.0188 0.0226  21  DG A N7    
478 C  C5    . DG A 21 ? 0.1122 0.1213 0.1298 0.0043  -0.0219 0.0215  21  DG A C5    
479 C  C6    . DG A 21 ? 0.1192 0.1051 0.1193 0.0292  -0.0107 0.0052  21  DG A C6    
480 O  O6    . DG A 21 ? 0.1152 0.1328 0.1074 0.0246  -0.0075 -0.0152 21  DG A O6    
481 N  N1    . DG A 21 ? 0.1070 0.0790 0.1276 0.0212  0.0137  -0.0082 21  DG A N1    
482 C  C2    . DG A 21 ? 0.1201 0.1027 0.1395 -0.0091 0.0135  0.0070  21  DG A C2    
483 N  N2    . DG A 21 ? 0.1421 0.1210 0.1770 -0.0070 0.0027  -0.0183 21  DG A N2    
484 N  N3    . DG A 21 ? 0.1650 0.1364 0.1108 -0.0201 0.0086  0.0225  21  DG A N3    
485 C  C4    . DG A 21 ? 0.1309 0.1109 0.1160 -0.0142 0.0106  0.0372  21  DG A C4    
486 P  P     . DT A 22 ? 0.2276 0.2377 0.2247 -0.0427 -0.0023 0.0627  22  DT A P     
487 O  OP1   . DT A 22 ? 0.2068 0.2588 0.2108 -0.0558 -0.0584 0.0505  22  DT A OP1   
488 O  OP2   . DT A 22 ? 0.2127 0.2519 0.2242 -0.0363 0.0185  0.0509  22  DT A OP2   
489 O  "O5'" . DT A 22 ? 0.2596 0.2230 0.2121 -0.0479 -0.0065 0.0586  22  DT A "O5'" 
490 C  "C5'" . DT A 22 ? 0.2609 0.2081 0.1899 -0.0273 -0.0119 0.0737  22  DT A "C5'" 
491 C  "C4'" . DT A 22 ? 0.2129 0.1795 0.2214 -0.0065 -0.0010 0.0661  22  DT A "C4'" 
492 O  "O4'" . DT A 22 ? 0.1549 0.1778 0.2562 0.0143  0.0434  0.0392  22  DT A "O4'" 
493 C  "C3'" . DT A 22 ? 0.1368 0.1927 0.2466 -0.0601 0.0107  0.0349  22  DT A "C3'" 
494 O  "O3'" . DT A 22 ? 0.2001 0.2419 0.2219 -0.0357 -0.0154 0.0037  22  DT A "O3'" 
495 C  "C2'" . DT A 22 ? 0.1511 0.1603 0.2749 -0.0354 0.0136  0.0494  22  DT A "C2'" 
496 C  "C1'" . DT A 22 ? 0.1303 0.2050 0.2604 -0.0102 0.0423  0.0472  22  DT A "C1'" 
497 N  N1    . DT A 22 ? 0.1550 0.2527 0.1896 0.0070  -0.0084 0.0492  22  DT A N1    
498 C  C2    . DT A 22 ? 0.1972 0.3019 0.1897 0.0263  -0.0078 0.0379  22  DT A C2    
499 O  O2    . DT A 22 ? 0.1844 0.3267 0.1997 0.0436  -0.0226 0.0389  22  DT A O2    
500 N  N3    . DT A 22 ? 0.1746 0.3022 0.1751 0.0233  -0.0061 0.0391  22  DT A N3    
501 C  C4    . DT A 22 ? 0.1751 0.3312 0.1805 0.0304  0.0101  0.0025  22  DT A C4    
502 O  O4    . DT A 22 ? 0.2149 0.3638 0.1870 0.0613  0.0016  0.0001  22  DT A O4    
503 C  C5    . DT A 22 ? 0.1440 0.2688 0.1888 0.0058  0.0135  0.0514  22  DT A C5    
504 C  C7    . DT A 22 ? 0.1884 0.2478 0.1986 0.0454  -0.0169 0.0996  22  DT A C7    
505 C  C6    . DT A 22 ? 0.1421 0.2750 0.1790 -0.0014 -0.0117 0.0398  22  DT A C6    
506 P  P     . DG A 23 ? 0.2166 0.2216 0.2470 -0.0403 -0.0376 0.0240  23  DG A P     
507 O  OP1   . DG A 23 ? 0.2792 0.2101 0.2931 -0.0684 -0.0001 0.0227  23  DG A OP1   
508 O  OP2   . DG A 23 ? 0.2364 0.2797 0.2724 0.0159  -0.0520 0.0096  23  DG A OP2   
509 O  "O5'" . DG A 23 ? 0.2163 0.1847 0.2478 -0.0228 0.0046  0.0195  23  DG A "O5'" 
510 C  "C5'" . DG A 23 ? 0.2166 0.1494 0.2516 -0.0114 -0.0082 0.0168  23  DG A "C5'" 
511 C  "C4'" . DG A 23 ? 0.1572 0.1075 0.2074 -0.0414 -0.0294 0.0606  23  DG A "C4'" 
512 O  "O4'" . DG A 23 ? 0.1622 0.1681 0.1960 -0.0066 -0.0360 0.0313  23  DG A "O4'" 
513 C  "C3'" . DG A 23 ? 0.1337 0.1475 0.1871 0.0060  -0.0578 0.0326  23  DG A "C3'" 
514 O  "O3'" . DG A 23 ? 0.2092 0.2051 0.2517 0.0380  -0.0500 -0.0052 23  DG A "O3'" 
515 C  "C2'" . DG A 23 ? 0.1204 0.1718 0.2218 0.0009  -0.0120 -0.0053 23  DG A "C2'" 
516 C  "C1'" . DG A 23 ? 0.1060 0.1700 0.1887 0.0124  -0.0392 0.0001  23  DG A "C1'" 
517 N  N9    . DG A 23 ? 0.1132 0.1610 0.1565 0.0015  -0.0116 -0.0068 23  DG A N9    
518 C  C8    . DG A 23 ? 0.1359 0.1732 0.1483 0.0189  -0.0028 -0.0408 23  DG A C8    
519 N  N7    . DG A 23 ? 0.0933 0.1746 0.0977 0.0200  -0.0095 -0.0010 23  DG A N7    
520 C  C5    . DG A 23 ? 0.1050 0.1553 0.1117 0.0483  -0.0247 0.0170  23  DG A C5    
521 C  C6    . DG A 23 ? 0.0821 0.1507 0.1411 0.0573  -0.0152 0.0114  23  DG A C6    
522 O  O6    . DG A 23 ? 0.1369 0.1677 0.1884 0.0054  0.0068  -0.0254 23  DG A O6    
523 N  N1    . DG A 23 ? 0.0850 0.1600 0.0917 0.0468  -0.0211 -0.0008 23  DG A N1    
524 C  C2    . DG A 23 ? 0.1064 0.1249 0.1107 0.0458  -0.0088 0.0073  23  DG A C2    
525 N  N2    . DG A 23 ? 0.1503 0.1460 0.0943 0.0313  -0.0125 0.0044  23  DG A N2    
526 N  N3    . DG A 23 ? 0.1016 0.1572 0.1317 0.0131  -0.0241 -0.0019 23  DG A N3    
527 C  C4    . DG A 23 ? 0.0931 0.1542 0.1300 0.0081  -0.0119 0.0125  23  DG A C4    
528 P  P     . DG A 24 ? 0.2296 0.1972 0.2407 0.0043  -0.0364 0.0021  24  DG A P     
529 O  OP1   . DG A 24 ? 0.2784 0.1748 0.2521 0.0120  -0.0085 0.0336  24  DG A OP1   
530 O  OP2   . DG A 24 ? 0.2742 0.2571 0.2322 0.0105  0.0008  -0.0279 24  DG A OP2   
531 O  "O5'" . DG A 24 ? 0.1896 0.2133 0.2878 0.0057  0.0159  -0.0386 24  DG A "O5'" 
532 C  "C5'" . DG A 24 ? 0.2098 0.2394 0.2308 0.0160  0.0047  -0.0503 24  DG A "C5'" 
533 C  "C4'" . DG A 24 ? 0.1908 0.1679 0.1519 -0.0044 -0.0257 -0.0369 24  DG A "C4'" 
534 O  "O4'" . DG A 24 ? 0.1633 0.1471 0.1689 0.0061  0.0052  -0.0164 24  DG A "O4'" 
535 C  "C3'" . DG A 24 ? 0.1562 0.1884 0.1447 0.0269  -0.0241 -0.0286 24  DG A "C3'" 
536 O  "O3'" . DG A 24 ? 0.2135 0.2112 0.1048 0.0282  0.0039  -0.0073 24  DG A "O3'" 
537 C  "C2'" . DG A 24 ? 0.0850 0.1406 0.1564 0.0427  -0.0037 -0.0171 24  DG A "C2'" 
538 C  "C1'" . DG A 24 ? 0.1264 0.1593 0.1401 0.0313  -0.0128 -0.0323 24  DG A "C1'" 
539 N  N9    . DG A 24 ? 0.1074 0.1630 0.1107 0.0266  -0.0149 -0.0192 24  DG A N9    
540 C  C8    . DG A 24 ? 0.1388 0.1715 0.0912 0.0243  0.0017  -0.0125 24  DG A C8    
541 N  N7    . DG A 24 ? 0.1256 0.1343 0.1466 0.0055  -0.0158 0.0097  24  DG A N7    
542 C  C5    . DG A 24 ? 0.1236 0.1287 0.1230 0.0117  -0.0110 0.0185  24  DG A C5    
543 C  C6    . DG A 24 ? 0.0774 0.1539 0.1314 0.0111  -0.0228 -0.0057 24  DG A C6    
544 O  O6    . DG A 24 ? 0.0975 0.1511 0.1219 0.0131  -0.0119 -0.0204 24  DG A O6    
545 N  N1    . DG A 24 ? 0.0902 0.1641 0.0960 0.0130  -0.0108 0.0243  24  DG A N1    
546 C  C2    . DG A 24 ? 0.1163 0.1657 0.1261 0.0091  -0.0283 0.0071  24  DG A C2    
547 N  N2    . DG A 24 ? 0.1299 0.2058 0.1219 0.0400  -0.0383 0.0245  24  DG A N2    
548 N  N3    . DG A 24 ? 0.1266 0.1187 0.1554 0.0157  -0.0263 0.0078  24  DG A N3    
549 C  C4    . DG A 24 ? 0.1101 0.1449 0.1491 0.0033  -0.0112 -0.0199 24  DG A C4    
550 P  P     . DT A 25 ? 0.2227 0.2193 0.1733 0.0192  0.0086  -0.0633 25  DT A P     
551 O  OP1   . DT A 25 ? 0.2354 0.2203 0.1924 0.0399  -0.0068 -0.0844 25  DT A OP1   
552 O  OP2   . DT A 25 ? 0.2522 0.2452 0.1802 0.0131  0.0113  -0.0867 25  DT A OP2   
553 O  "O5'" . DT A 25 ? 0.2532 0.2211 0.1633 0.0234  0.0208  -0.0548 25  DT A "O5'" 
554 C  "C5'" . DT A 25 ? 0.1922 0.2249 0.1765 0.0297  0.0029  -0.0494 25  DT A "C5'" 
555 C  "C4'" . DT A 25 ? 0.1578 0.2046 0.1606 0.0195  -0.0059 -0.0136 25  DT A "C4'" 
556 O  "O4'" . DT A 25 ? 0.1391 0.2332 0.1590 0.0332  -0.0294 -0.0479 25  DT A "O4'" 
557 C  "C3'" . DT A 25 ? 0.1809 0.2174 0.1688 0.0001  -0.0120 -0.0038 25  DT A "C3'" 
558 O  "O3'" . DT A 25 ? 0.2766 0.2322 0.1986 -0.0400 0.0237  0.0577  25  DT A "O3'" 
559 C  "C2'" . DT A 25 ? 0.1332 0.2260 0.1311 0.0031  -0.0221 -0.0048 25  DT A "C2'" 
560 C  "C1'" . DT A 25 ? 0.1248 0.2155 0.1666 0.0186  -0.0434 -0.0072 25  DT A "C1'" 
561 N  N1    . DT A 25 ? 0.1242 0.2156 0.1860 0.0254  -0.0543 0.0061  25  DT A N1    
562 C  C2    . DT A 25 ? 0.1049 0.2186 0.2286 -0.0179 -0.0523 0.0175  25  DT A C2    
563 O  O2    . DT A 25 ? 0.1405 0.2279 0.2215 0.0055  -0.0439 0.0025  25  DT A O2    
564 N  N3    . DT A 25 ? 0.1084 0.2111 0.2480 -0.0294 -0.0732 0.0392  25  DT A N3    
565 C  C4    . DT A 25 ? 0.0948 0.2411 0.2697 -0.0168 -0.0595 0.0109  25  DT A C4    
566 O  O4    . DT A 25 ? 0.1135 0.2430 0.2542 -0.0042 -0.0489 0.0364  25  DT A O4    
567 C  C5    . DT A 25 ? 0.0852 0.2638 0.2334 -0.0217 -0.0408 -0.0042 25  DT A C5    
568 C  C7    . DT A 25 ? 0.1223 0.2773 0.1907 -0.0284 -0.0544 -0.0056 25  DT A C7    
569 C  C6    . DT A 25 ? 0.1327 0.2309 0.1993 -0.0225 -0.0547 0.0116  25  DT A C6    
570 P  P     . DG A 26 ? 0.3020 0.2859 0.2041 -0.0312 0.0015  0.0479  26  DG A P     
571 O  OP1   . DG A 26 ? 0.2512 0.3277 0.2240 0.0002  0.0458  -0.0369 26  DG A OP1   
572 O  OP2   . DG A 26 ? 0.3548 0.3171 0.1874 -0.0675 -0.0365 0.0394  26  DG A OP2   
573 O  "O5'" . DG A 26 ? 0.2809 0.2836 0.1783 -0.0469 0.0148  0.0456  26  DG A "O5'" 
574 C  "C5'" . DG A 26 ? 0.2845 0.2819 0.1971 -0.0181 0.0214  0.0581  26  DG A "C5'" 
575 C  "C4'" . DG A 26 ? 0.2572 0.2710 0.1588 0.0050  -0.0106 0.0510  26  DG A "C4'" 
576 O  "O4'" . DG A 26 ? 0.2043 0.2538 0.2036 -0.0034 0.0080  0.0645  26  DG A "O4'" 
577 C  "C3'" . DG A 26 ? 0.2748 0.2617 0.1643 -0.0255 -0.0499 0.0669  26  DG A "C3'" 
578 O  "O3'" . DG A 26 ? 0.3399 0.2544 0.2754 -0.0715 -0.0544 0.0796  26  DG A "O3'" 
579 C  "C2'" . DG A 26 ? 0.2251 0.2597 0.1275 -0.0334 -0.0584 0.0588  26  DG A "C2'" 
580 C  "C1'" . DG A 26 ? 0.1886 0.2496 0.1378 -0.0182 -0.0344 0.0507  26  DG A "C1'" 
581 N  N9    . DG A 26 ? 0.1442 0.1964 0.1583 -0.0312 -0.0129 0.0409  26  DG A N9    
582 C  C8    . DG A 26 ? 0.1275 0.1753 0.1439 -0.0025 -0.0178 0.0529  26  DG A C8    
583 N  N7    . DG A 26 ? 0.1599 0.1706 0.1441 0.0243  -0.0552 0.0290  26  DG A N7    
584 C  C5    . DG A 26 ? 0.1557 0.1755 0.1577 0.0022  -0.0613 0.0066  26  DG A C5    
585 C  C6    . DG A 26 ? 0.1315 0.1775 0.2212 0.0250  -0.0385 0.0013  26  DG A C6    
586 O  O6    . DG A 26 ? 0.1132 0.2027 0.1809 0.0357  -0.0734 -0.0049 26  DG A O6    
587 N  N1    . DG A 26 ? 0.1521 0.1209 0.2028 0.0076  -0.0530 0.0623  26  DG A N1    
588 C  C2    . DG A 26 ? 0.1385 0.1502 0.1806 0.0085  -0.0469 0.0166  26  DG A C2    
589 N  N2    . DG A 26 ? 0.1468 0.1170 0.1757 0.0247  -0.0260 -0.0052 26  DG A N2    
590 N  N3    . DG A 26 ? 0.1672 0.1663 0.1582 0.0021  -0.0518 0.0133  26  DG A N3    
591 C  C4    . DG A 26 ? 0.1734 0.1698 0.1562 0.0066  -0.0553 0.0261  26  DG A C4    
592 P  P     . DT A 27 ? 0.3764 0.2847 0.3538 -0.0703 -0.0736 0.1133  27  DT A P     
593 O  OP1   . DT A 27 ? 0.3901 0.3295 0.4502 -0.1042 -0.0676 0.0961  27  DT A OP1   
594 O  OP2   . DT A 27 ? 0.4479 0.2972 0.3876 -0.0894 -0.0385 0.1022  27  DT A OP2   
595 O  "O5'" . DT A 27 ? 0.4166 0.3183 0.4192 -0.0431 -0.0075 0.0999  27  DT A "O5'" 
596 C  "C5'" . DT A 27 ? 0.3500 0.3344 0.4555 -0.0483 -0.0336 0.0702  27  DT A "C5'" 
597 C  "C4'" . DT A 27 ? 0.2744 0.3625 0.5100 -0.0495 -0.0519 0.0365  27  DT A "C4'" 
598 O  "O4'" . DT A 27 ? 0.2527 0.4016 0.5502 -0.0610 -0.0752 -0.0128 27  DT A "O4'" 
599 C  "C3'" . DT A 27 ? 0.2743 0.3881 0.5125 -0.0128 -0.0442 0.0327  27  DT A "C3'" 
600 O  "O3'" . DT A 27 ? 0.2735 0.3422 0.4203 -0.0063 -0.0686 0.0677  27  DT A "O3'" 
601 C  "C2'" . DT A 27 ? 0.2593 0.4058 0.5735 -0.0276 -0.0319 0.0212  27  DT A "C2'" 
602 C  "C1'" . DT A 27 ? 0.2864 0.4265 0.5926 -0.0366 -0.0447 -0.0118 27  DT A "C1'" 
603 N  N1    . DT A 27 ? 0.2884 0.4566 0.6409 -0.0634 -0.0071 -0.0325 27  DT A N1    
604 C  C2    . DT A 27 ? 0.3136 0.4843 0.7081 -0.1132 0.0367  -0.0605 27  DT A C2    
605 O  O2    . DT A 27 ? 0.3482 0.5118 0.6695 -0.1022 0.0020  -0.0571 27  DT A O2    
606 N  N3    . DT A 27 ? 0.3080 0.4647 0.7469 -0.1658 0.0943  -0.0526 27  DT A N3    
607 C  C4    . DT A 27 ? 0.3307 0.4628 0.7640 -0.1568 0.1137  -0.0411 27  DT A C4    
608 O  O4    . DT A 27 ? 0.3832 0.4890 0.7890 -0.1453 0.1386  -0.0513 27  DT A O4    
609 C  C5    . DT A 27 ? 0.3187 0.4736 0.7041 -0.1126 0.0768  -0.0411 27  DT A C5    
610 C  C7    . DT A 27 ? 0.3338 0.4822 0.6920 -0.0998 0.0808  -0.0640 27  DT A C7    
611 C  C6    . DT A 27 ? 0.2883 0.4718 0.6720 -0.0718 0.0381  -0.0424 27  DT A C6    
612 P  P     . DT A 28 ? 0.3355 0.3381 0.3353 0.0414  -0.0458 0.0849  28  DT A P     
613 O  OP1   . DT A 28 ? 0.4454 0.3783 0.4089 0.0146  -0.0242 0.0633  28  DT A OP1   
614 O  OP2   . DT A 28 ? 0.4696 0.4698 0.4260 0.0724  0.0132  -0.0079 28  DT A OP2   
615 O  "O5'" . DT A 28 ? 0.3295 0.2682 0.3351 -0.0657 -0.0393 0.0886  28  DT A "O5'" 
616 C  "C5'" . DT A 28 ? 0.2448 0.2559 0.2610 -0.0681 -0.0081 0.1052  28  DT A "C5'" 
617 C  "C4'" . DT A 28 ? 0.2271 0.3191 0.2832 -0.0224 0.0173  -0.0021 28  DT A "C4'" 
618 O  "O4'" . DT A 28 ? 0.1950 0.3641 0.2564 0.0203  0.0148  -0.0475 28  DT A "O4'" 
619 C  "C3'" . DT A 28 ? 0.2598 0.3495 0.3302 0.0245  0.0072  -0.0506 28  DT A "C3'" 
620 O  "O3'" . DT A 28 ? 0.3457 0.4280 0.3877 0.0645  0.0270  -0.0906 28  DT A "O3'" 
621 C  "C2'" . DT A 28 ? 0.2286 0.3824 0.2783 0.0170  -0.0033 -0.0766 28  DT A "C2'" 
622 C  "C1'" . DT A 28 ? 0.1558 0.3656 0.2507 0.0037  0.0099  -0.0464 28  DT A "C1'" 
623 N  N1    . DT A 28 ? 0.1262 0.3237 0.2181 -0.0155 -0.0008 -0.0212 28  DT A N1    
624 C  C2    . DT A 28 ? 0.1453 0.3139 0.1833 -0.0422 -0.0405 -0.0203 28  DT A C2    
625 O  O2    . DT A 28 ? 0.1646 0.3118 0.1565 -0.0396 -0.0633 -0.0034 28  DT A O2    
626 N  N3    . DT A 28 ? 0.1746 0.3158 0.1802 -0.0383 -0.0548 -0.0201 28  DT A N3    
627 C  C4    . DT A 28 ? 0.1265 0.3055 0.2284 -0.0533 0.0005  -0.0121 28  DT A C4    
628 O  O4    . DT A 28 ? 0.1391 0.2955 0.2101 -0.0287 -0.0052 0.0174  28  DT A O4    
629 C  C5    . DT A 28 ? 0.0951 0.3128 0.2040 -0.0447 -0.0157 -0.0265 28  DT A C5    
630 C  C7    . DT A 28 ? 0.1389 0.3309 0.1711 -0.0418 -0.0159 -0.0470 28  DT A C7    
631 C  C6    . DT A 28 ? 0.1276 0.3151 0.2064 -0.0070 -0.0258 -0.0099 28  DT A C6    
632 K  K     . K  B .  ? 0.1339 0.1000 0.1107 0.0115  -0.0112 0.0016  101 K  A K     
633 K  K     . K  C .  ? 0.1044 0.1124 0.1053 0.0109  -0.0057 0.0042  102 K  A K     
634 K  K     . K  D .  ? 0.1208 0.1380 0.1278 0.0083  -0.0067 0.0036  103 K  A K     
635 K  K     . K  E .  ? 0.1472 0.1897 0.1630 0.0035  -0.0112 -0.0092 104 K  A K     
636 MG MG    . MG F .  ? 0.6085 0.3580 0.3871 0.0239  0.0297  0.0893  105 MG A MG    
# 
